data_2IPI
#
_entry.id   2IPI
#
_cell.length_a   68.500
_cell.length_b   266.200
_cell.length_c   68.700
_cell.angle_alpha   90.00
_cell.angle_beta   119.00
_cell.angle_gamma   90.00
#
_symmetry.space_group_name_H-M   'P 1 21 1'
#
loop_
_entity.id
_entity.type
_entity.pdbx_description
1 polymer 'Aclacinomycin oxidoreductase (AknOx)'
2 non-polymer 'METHYL (2S,4R)-2-ETHYL-2,5,7-TRIHYDROXY-6,11-DIOXO-4-{[2,3,6-TRIDEOXY-4-O-{2,6-DIDEOXY-4-O-[(2S,6S)-6-METHYL-5-OXOTETRAHYDRO-2H -PYRAN-2-YL]-ALPHA-D-LYXO-HEXOPYRANOSYL}-3-(DIMETHYLAMINO)-D-RIBO-HEXOPYRANOSYL]OXY}-1,2,3,4,6,11-HEXAHYDROTETRACENE-1-C ARBOXYLATE'
3 non-polymer 'FLAVIN-ADENINE DINUCLEOTIDE'
4 water water
#
_entity_poly.entity_id   1
_entity_poly.type   'polypeptide(L)'
_entity_poly.pdbx_seq_one_letter_code
;MAHHHHHHHRSAAGTIWEFDGGACGARTALVKVDRVDRRYQDLVTRGFNGRFRGRPDVVYVVHTADQVVDAVNQAMAAGQ
RIAVRSGGHCFEGFVDDPAVRAVIDMSQMRQVFYDSGKRAFAVEPGATLGETYRALYLDWGVTIPAGVCPQVGVGGHVLG
GGYGPLSRRDGVVADHLYAVEVVVVDASGRARKVVATSAADDPNRELWWAHTGGGGGNFGIVTRYWFRTPGATGTDPSQL
LPKAPTSTLRHIVTWDWSALTEEAFTRIIDNHGAWHQSNSAAGTPYASMHSVFYLNSRAAGQILLDIQIDGGLDGAEALL
NDFVAAVNEGTGVEPAVQRSTEPWLRATLANKFDTGGFDRTKSKGAYLRKPWTAAQAATLYRHLSADSQVWGEVSLYSYG
GKVNSVPETATATAQRDSIIKVWMSATWMDPAHDDANLAWIREIYREIFATTGGVPVPDDRTEGTFINYPDVDLVDERWN
TSGVPWYTLYYKGNYPRLQKVKARWDPRDVFRHALSVRPPG
;
_entity_poly.pdbx_strand_id   A,B,C,D
#
loop_
_chem_comp.id
_chem_comp.type
_chem_comp.name
_chem_comp.formula
AKY non-polymer 'METHYL (2S,4R)-2-ETHYL-2,5,7-TRIHYDROXY-6,11-DIOXO-4-{[2,3,6-TRIDEOXY-4-O-{2,6-DIDEOXY-4-O-[(2S,6S)-6-METHYL-5-OXOTETRAHYDRO-2H -PYRAN-2-YL]-ALPHA-D-LYXO-HEXOPYRANOSYL}-3-(DIMETHYLAMINO)-D-RIBO-HEXOPYRANOSYL]OXY}-1,2,3,4,6,11-HEXAHYDROTETRACENE-1-C ARBOXYLATE' 'C42 H53 N O15'
FAD non-polymer 'FLAVIN-ADENINE DINUCLEOTIDE' 'C27 H33 N9 O15 P2'
#
# COMPACT_ATOMS: atom_id res chain seq x y z
N ALA A 29 22.75 -21.72 -40.39
CA ALA A 29 21.92 -20.52 -40.48
C ALA A 29 22.70 -19.34 -41.06
N LEU A 30 22.03 -18.48 -41.81
CA LEU A 30 22.59 -17.30 -42.44
C LEU A 30 22.98 -16.26 -41.41
N VAL A 31 23.82 -15.29 -41.80
CA VAL A 31 24.21 -14.29 -40.80
C VAL A 31 23.00 -13.59 -40.21
N LYS A 32 23.07 -13.34 -38.91
CA LYS A 32 22.06 -12.59 -38.18
C LYS A 32 22.55 -11.20 -37.80
N VAL A 33 21.69 -10.21 -37.89
CA VAL A 33 21.99 -8.82 -37.57
C VAL A 33 21.03 -8.28 -36.51
N ASP A 34 21.57 -7.90 -35.35
CA ASP A 34 20.79 -7.48 -34.21
C ASP A 34 20.87 -5.97 -33.92
N ARG A 35 19.86 -5.18 -34.28
CA ARG A 35 19.99 -3.72 -34.19
C ARG A 35 19.10 -2.96 -33.21
N VAL A 36 17.77 -3.02 -33.19
CA VAL A 36 16.96 -2.53 -32.07
C VAL A 36 15.90 -3.58 -31.71
N ASP A 37 16.28 -4.77 -32.13
CA ASP A 37 15.72 -6.09 -32.07
C ASP A 37 15.51 -6.59 -30.64
N ARG A 38 14.63 -7.55 -30.41
CA ARG A 38 14.41 -7.98 -29.02
C ARG A 38 15.62 -8.70 -28.46
N ARG A 39 16.56 -9.13 -29.30
CA ARG A 39 17.68 -9.91 -28.82
C ARG A 39 18.83 -9.05 -28.29
N TYR A 40 18.63 -7.74 -28.35
CA TYR A 40 19.72 -6.81 -28.10
C TYR A 40 20.28 -6.92 -26.69
N GLN A 41 19.42 -6.72 -25.70
CA GLN A 41 19.83 -6.77 -24.30
C GLN A 41 20.60 -8.04 -23.96
N ASP A 42 20.10 -9.14 -24.51
CA ASP A 42 20.76 -10.41 -24.19
C ASP A 42 22.20 -10.39 -24.69
N LEU A 43 22.38 -9.79 -25.88
CA LEU A 43 23.72 -9.90 -26.50
C LEU A 43 24.72 -8.93 -25.91
N VAL A 44 24.19 -7.73 -25.63
CA VAL A 44 25.03 -6.67 -25.09
C VAL A 44 25.41 -6.91 -23.63
N THR A 45 24.74 -7.85 -22.96
CA THR A 45 25.04 -8.07 -21.54
C THR A 45 25.62 -9.45 -21.30
N ARG A 46 26.37 -9.99 -22.26
CA ARG A 46 26.92 -11.34 -22.20
C ARG A 46 28.22 -11.39 -21.43
N GLY A 47 28.80 -10.19 -21.30
CA GLY A 47 30.06 -10.08 -20.59
C GLY A 47 29.97 -10.68 -19.21
N PHE A 48 31.13 -11.12 -18.72
CA PHE A 48 31.14 -11.77 -17.41
C PHE A 48 31.13 -10.75 -16.28
N ASN A 49 31.75 -9.60 -16.58
CA ASN A 49 32.01 -8.52 -15.63
C ASN A 49 30.96 -7.41 -15.75
N GLY A 50 30.09 -7.33 -14.76
CA GLY A 50 28.94 -6.49 -14.72
C GLY A 50 29.23 -5.00 -14.80
N ARG A 51 30.46 -4.62 -14.53
CA ARG A 51 30.99 -3.27 -14.58
C ARG A 51 30.88 -2.65 -15.98
N PHE A 52 31.03 -3.47 -17.02
CA PHE A 52 31.05 -2.90 -18.37
C PHE A 52 29.96 -3.50 -19.26
N ARG A 53 29.14 -2.61 -19.82
CA ARG A 53 28.02 -3.03 -20.67
C ARG A 53 28.00 -2.24 -21.98
N GLY A 54 27.98 -2.98 -23.09
CA GLY A 54 28.20 -2.48 -24.44
C GLY A 54 27.10 -1.58 -24.93
N ARG A 55 27.32 -0.72 -25.91
CA ARG A 55 26.20 -0.03 -26.54
C ARG A 55 26.44 0.15 -28.03
N PRO A 56 26.73 -0.95 -28.75
CA PRO A 56 27.06 -0.81 -30.17
C PRO A 56 25.81 -0.60 -31.00
N ASP A 57 25.94 -0.10 -32.22
CA ASP A 57 24.77 -0.01 -33.08
C ASP A 57 24.19 -1.39 -33.41
N VAL A 58 25.06 -2.39 -33.48
CA VAL A 58 24.63 -3.69 -34.00
C VAL A 58 25.44 -4.83 -33.39
N VAL A 59 24.84 -6.02 -33.28
CA VAL A 59 25.60 -7.22 -33.00
C VAL A 59 25.37 -8.26 -34.11
N TYR A 60 26.41 -8.79 -34.74
CA TYR A 60 26.28 -9.78 -35.79
C TYR A 60 26.48 -11.18 -35.20
N VAL A 61 25.48 -12.02 -35.38
CA VAL A 61 25.59 -13.39 -34.89
C VAL A 61 25.94 -14.33 -36.04
N VAL A 62 27.20 -14.68 -36.11
CA VAL A 62 27.87 -15.44 -37.15
C VAL A 62 27.79 -16.97 -36.94
N HIS A 63 27.80 -17.68 -38.06
CA HIS A 63 27.71 -19.14 -38.10
C HIS A 63 28.78 -19.73 -39.01
N THR A 64 29.47 -18.92 -39.82
CA THR A 64 30.58 -19.46 -40.62
C THR A 64 31.62 -18.37 -40.88
N ALA A 65 32.84 -18.80 -41.22
CA ALA A 65 33.95 -17.90 -41.49
C ALA A 65 33.54 -16.92 -42.59
N ASP A 66 32.85 -17.44 -43.61
CA ASP A 66 32.41 -16.58 -44.71
C ASP A 66 31.47 -15.52 -44.17
N GLN A 67 30.70 -15.91 -43.14
CA GLN A 67 29.78 -14.94 -42.52
C GLN A 67 30.63 -13.92 -41.77
N VAL A 68 31.75 -14.40 -41.22
CA VAL A 68 32.59 -13.46 -40.48
C VAL A 68 33.17 -12.43 -41.46
N VAL A 69 33.60 -12.92 -42.63
CA VAL A 69 34.10 -11.98 -43.66
C VAL A 69 33.07 -10.91 -43.96
N ASP A 70 31.82 -11.31 -44.17
CA ASP A 70 30.73 -10.42 -44.51
C ASP A 70 30.52 -9.37 -43.41
N ALA A 71 30.45 -9.83 -42.17
CA ALA A 71 30.20 -8.96 -41.04
C ALA A 71 31.28 -7.88 -40.90
N VAL A 72 32.53 -8.29 -41.03
CA VAL A 72 33.64 -7.33 -41.00
C VAL A 72 33.50 -6.28 -42.10
N ASN A 73 33.22 -6.80 -43.30
CA ASN A 73 33.11 -5.86 -44.43
C ASN A 73 31.96 -4.90 -44.18
N GLN A 74 30.85 -5.36 -43.62
CA GLN A 74 29.72 -4.45 -43.37
C GLN A 74 30.01 -3.42 -42.32
N ALA A 75 30.76 -3.79 -41.26
CA ALA A 75 31.07 -2.80 -40.24
C ALA A 75 32.10 -1.78 -40.72
N MET A 76 33.05 -2.24 -41.53
CA MET A 76 34.04 -1.25 -42.00
C MET A 76 33.33 -0.23 -42.89
N ALA A 77 32.45 -0.71 -43.77
CA ALA A 77 31.68 0.19 -44.64
C ALA A 77 30.78 1.12 -43.83
N ALA A 78 30.51 0.75 -42.57
CA ALA A 78 29.71 1.63 -41.71
C ALA A 78 30.58 2.37 -40.70
N GLY A 79 31.88 2.09 -40.73
CA GLY A 79 32.87 2.70 -39.86
C GLY A 79 32.56 2.42 -38.40
N GLN A 80 31.98 1.25 -38.20
CA GLN A 80 31.67 0.72 -36.87
C GLN A 80 32.91 0.08 -36.28
N ARG A 81 33.38 0.59 -35.14
CA ARG A 81 34.56 -0.01 -34.52
C ARG A 81 34.23 -1.41 -34.03
N ILE A 82 35.01 -2.39 -34.46
CA ILE A 82 34.65 -3.80 -34.28
C ILE A 82 35.14 -4.41 -32.98
N ALA A 83 34.37 -5.34 -32.41
CA ALA A 83 34.87 -6.14 -31.29
C ALA A 83 34.33 -7.57 -31.40
N VAL A 84 35.13 -8.55 -31.01
CA VAL A 84 34.66 -9.94 -31.04
C VAL A 84 34.43 -10.47 -29.62
N ARG A 85 33.27 -11.11 -29.49
CA ARG A 85 32.96 -11.85 -28.27
C ARG A 85 32.86 -13.33 -28.61
N SER A 86 33.55 -14.19 -27.89
CA SER A 86 33.37 -15.63 -27.99
C SER A 86 32.73 -16.12 -26.68
N GLY A 87 33.55 -16.03 -25.64
CA GLY A 87 33.23 -16.45 -24.29
C GLY A 87 32.76 -15.38 -23.33
N GLY A 88 33.10 -14.10 -23.56
CA GLY A 88 32.67 -13.05 -22.67
C GLY A 88 33.36 -13.03 -21.33
N HIS A 89 34.54 -13.64 -21.16
CA HIS A 89 35.15 -13.59 -19.82
C HIS A 89 36.19 -12.50 -19.65
N CYS A 90 36.39 -11.65 -20.64
CA CYS A 90 37.32 -10.53 -20.56
C CYS A 90 37.27 -9.75 -19.24
N PHE A 91 38.30 -9.87 -18.41
CA PHE A 91 38.22 -9.22 -17.08
C PHE A 91 38.06 -7.72 -17.16
N GLU A 92 38.52 -7.10 -18.24
CA GLU A 92 38.46 -5.64 -18.36
C GLU A 92 37.34 -5.18 -19.27
N GLY A 93 36.50 -6.13 -19.73
CA GLY A 93 35.31 -5.80 -20.48
C GLY A 93 35.54 -4.91 -21.69
N PHE A 94 36.69 -5.05 -22.31
CA PHE A 94 37.12 -4.38 -23.52
C PHE A 94 36.07 -4.41 -24.63
N VAL A 95 35.40 -5.54 -24.83
CA VAL A 95 34.41 -5.71 -25.88
C VAL A 95 33.22 -4.78 -25.69
N ASP A 96 32.90 -4.48 -24.45
CA ASP A 96 31.80 -3.62 -24.04
C ASP A 96 32.19 -2.15 -23.88
N ASP A 97 33.33 -1.73 -24.41
CA ASP A 97 33.77 -0.33 -24.37
C ASP A 97 32.80 0.54 -25.15
N PRO A 98 32.46 1.75 -24.71
CA PRO A 98 31.43 2.54 -25.39
C PRO A 98 31.80 2.98 -26.81
N ALA A 99 33.06 2.88 -27.19
CA ALA A 99 33.48 3.25 -28.55
C ALA A 99 33.18 2.14 -29.55
N VAL A 100 32.86 0.95 -29.03
CA VAL A 100 32.59 -0.17 -29.92
C VAL A 100 31.18 0.00 -30.53
N ARG A 101 31.11 -0.14 -31.86
CA ARG A 101 29.86 0.05 -32.59
C ARG A 101 29.43 -1.24 -33.28
N ALA A 102 30.37 -2.15 -33.44
CA ALA A 102 30.10 -3.46 -34.02
C ALA A 102 30.55 -4.61 -33.14
N VAL A 103 29.66 -5.53 -32.75
CA VAL A 103 30.18 -6.68 -31.99
C VAL A 103 29.84 -7.99 -32.70
N ILE A 104 30.89 -8.74 -32.99
CA ILE A 104 30.66 -10.02 -33.67
C ILE A 104 30.76 -11.12 -32.62
N ASP A 105 29.64 -11.79 -32.43
CA ASP A 105 29.42 -12.82 -31.44
C ASP A 105 29.47 -14.22 -32.07
N MET A 106 30.40 -15.02 -31.58
CA MET A 106 30.74 -16.30 -32.19
C MET A 106 30.13 -17.48 -31.44
N SER A 107 29.28 -17.18 -30.49
CA SER A 107 28.77 -18.18 -29.54
C SER A 107 27.94 -19.27 -30.20
N GLN A 108 27.49 -19.05 -31.43
CA GLN A 108 26.77 -20.07 -32.18
C GLN A 108 27.74 -21.03 -32.89
N MET A 109 29.03 -20.76 -32.85
CA MET A 109 30.03 -21.56 -33.54
C MET A 109 30.92 -22.36 -32.60
N ARG A 110 30.53 -23.58 -32.21
CA ARG A 110 31.16 -24.35 -31.16
C ARG A 110 31.37 -25.82 -31.58
N GLN A 111 31.53 -26.04 -32.86
CA GLN A 111 31.83 -27.33 -33.44
C GLN A 111 33.21 -27.82 -33.02
N VAL A 112 33.27 -29.11 -32.69
CA VAL A 112 34.53 -29.73 -32.35
C VAL A 112 34.59 -31.12 -32.96
N PHE A 113 35.68 -31.41 -33.66
CA PHE A 113 35.80 -32.73 -34.28
C PHE A 113 37.26 -32.99 -34.60
N TYR A 114 37.58 -34.19 -35.04
CA TYR A 114 38.89 -34.55 -35.53
C TYR A 114 38.91 -34.51 -37.05
N ASP A 115 40.02 -34.12 -37.66
CA ASP A 115 40.10 -34.26 -39.11
C ASP A 115 41.20 -35.25 -39.48
N SER A 116 40.79 -36.45 -39.90
CA SER A 116 41.76 -37.48 -40.26
C SER A 116 42.74 -36.95 -41.32
N GLY A 117 42.20 -36.09 -42.18
CA GLY A 117 43.05 -35.57 -43.25
C GLY A 117 44.25 -34.85 -42.65
N LYS A 118 43.93 -33.77 -41.96
CA LYS A 118 44.83 -32.80 -41.38
C LYS A 118 45.60 -33.37 -40.20
N ARG A 119 45.14 -34.53 -39.71
CA ARG A 119 45.77 -35.13 -38.53
C ARG A 119 45.69 -34.12 -37.38
N ALA A 120 44.50 -33.52 -37.28
CA ALA A 120 44.34 -32.50 -36.26
C ALA A 120 42.92 -32.45 -35.72
N PHE A 121 42.75 -31.80 -34.57
CA PHE A 121 41.45 -31.66 -33.96
C PHE A 121 40.84 -30.25 -34.12
N ALA A 122 39.65 -30.19 -34.70
CA ALA A 122 38.80 -29.04 -34.94
C ALA A 122 38.14 -28.47 -33.69
N VAL A 123 38.37 -27.19 -33.38
CA VAL A 123 37.62 -26.56 -32.28
C VAL A 123 37.23 -25.14 -32.65
N GLU A 124 35.94 -24.80 -32.63
CA GLU A 124 35.53 -23.43 -33.00
C GLU A 124 35.56 -22.52 -31.80
N PRO A 125 35.78 -21.21 -31.99
CA PRO A 125 36.00 -20.32 -30.86
C PRO A 125 34.80 -20.18 -29.92
N GLY A 126 33.59 -20.51 -30.38
CA GLY A 126 32.37 -20.28 -29.61
C GLY A 126 32.21 -21.35 -28.55
N ALA A 127 32.88 -22.47 -28.79
CA ALA A 127 32.88 -23.58 -27.85
C ALA A 127 33.37 -23.12 -26.48
N THR A 128 32.80 -23.70 -25.45
CA THR A 128 33.27 -23.43 -24.08
C THR A 128 34.36 -24.43 -23.73
N LEU A 129 35.20 -24.13 -22.73
CA LEU A 129 36.19 -25.13 -22.33
C LEU A 129 35.49 -26.41 -21.90
N GLY A 130 34.43 -26.26 -21.12
CA GLY A 130 33.67 -27.42 -20.66
C GLY A 130 33.21 -28.29 -21.81
N GLU A 131 32.73 -27.65 -22.88
CA GLU A 131 32.29 -28.44 -24.04
C GLU A 131 33.49 -29.09 -24.71
N THR A 132 34.59 -28.36 -24.88
CA THR A 132 35.68 -29.01 -25.63
C THR A 132 36.22 -30.19 -24.83
N TYR A 133 36.40 -29.99 -23.53
CA TYR A 133 36.83 -31.04 -22.63
C TYR A 133 35.97 -32.29 -22.79
N ARG A 134 34.66 -32.08 -22.83
CA ARG A 134 33.75 -33.23 -22.90
C ARG A 134 33.85 -33.91 -24.25
N ALA A 135 33.81 -33.13 -25.33
CA ALA A 135 33.91 -33.75 -26.66
C ALA A 135 35.23 -34.48 -26.86
N LEU A 136 36.37 -33.86 -26.54
CA LEU A 136 37.66 -34.49 -26.81
C LEU A 136 37.81 -35.78 -26.03
N TYR A 137 37.29 -35.75 -24.79
CA TYR A 137 37.53 -36.88 -23.90
C TYR A 137 36.72 -38.11 -24.30
N LEU A 138 35.43 -37.94 -24.48
CA LEU A 138 34.50 -39.04 -24.70
C LEU A 138 34.80 -39.74 -26.02
N ASP A 139 35.18 -38.99 -27.07
CA ASP A 139 35.45 -39.66 -28.33
C ASP A 139 36.82 -40.32 -28.38
N TRP A 140 37.84 -39.78 -27.69
CA TRP A 140 39.21 -40.24 -27.86
C TRP A 140 39.96 -40.41 -26.55
N GLY A 141 39.46 -40.00 -25.41
CA GLY A 141 40.18 -40.19 -24.15
C GLY A 141 41.32 -39.23 -23.93
N VAL A 142 41.23 -38.07 -24.58
CA VAL A 142 42.36 -37.15 -24.61
C VAL A 142 41.94 -35.79 -24.05
N THR A 143 42.81 -34.79 -23.98
CA THR A 143 42.47 -33.42 -23.60
C THR A 143 43.53 -32.41 -24.07
N ILE A 144 43.31 -31.14 -23.72
CA ILE A 144 44.29 -30.08 -23.82
C ILE A 144 44.52 -29.43 -22.45
N PRO A 145 45.73 -28.99 -22.14
CA PRO A 145 45.98 -28.30 -20.87
C PRO A 145 45.48 -26.87 -20.82
N ALA A 146 44.15 -26.74 -20.86
CA ALA A 146 43.52 -25.43 -20.84
C ALA A 146 43.07 -25.03 -19.44
N GLY A 147 42.42 -23.88 -19.34
CA GLY A 147 41.99 -23.30 -18.08
C GLY A 147 41.08 -24.17 -17.24
N VAL A 148 40.71 -23.64 -16.08
CA VAL A 148 39.79 -24.27 -15.16
C VAL A 148 38.33 -23.96 -15.44
N CYS A 149 37.96 -22.70 -15.67
CA CYS A 149 36.51 -22.44 -15.64
C CYS A 149 35.77 -22.99 -16.87
N PRO A 150 34.73 -23.79 -16.67
CA PRO A 150 34.06 -24.48 -17.77
C PRO A 150 33.31 -23.55 -18.75
N GLN A 151 32.88 -22.40 -18.29
CA GLN A 151 32.14 -21.42 -19.08
C GLN A 151 33.06 -20.47 -19.82
N VAL A 152 34.38 -20.60 -19.64
CA VAL A 152 35.33 -19.75 -20.35
C VAL A 152 35.30 -20.02 -21.85
N GLY A 153 35.49 -18.99 -22.69
CA GLY A 153 35.48 -19.24 -24.13
C GLY A 153 36.83 -19.68 -24.68
N VAL A 154 36.85 -20.59 -25.64
CA VAL A 154 38.05 -20.96 -26.37
C VAL A 154 38.67 -19.81 -27.17
N GLY A 155 37.83 -19.02 -27.79
CA GLY A 155 38.16 -17.88 -28.63
C GLY A 155 39.17 -16.92 -28.07
N GLY A 156 38.93 -16.43 -26.84
CA GLY A 156 39.88 -15.44 -26.33
C GLY A 156 40.75 -16.02 -25.23
N HIS A 157 40.64 -17.33 -25.05
CA HIS A 157 41.41 -18.09 -24.07
C HIS A 157 42.65 -18.68 -24.69
N VAL A 158 42.52 -19.28 -25.89
CA VAL A 158 43.72 -19.99 -26.35
C VAL A 158 44.77 -19.06 -26.93
N LEU A 159 44.39 -18.04 -27.69
CA LEU A 159 45.40 -17.20 -28.35
C LEU A 159 46.24 -16.35 -27.39
N GLY A 160 45.82 -16.29 -26.13
CA GLY A 160 46.60 -15.63 -25.11
C GLY A 160 47.26 -16.62 -24.15
N GLY A 161 47.14 -17.90 -24.46
CA GLY A 161 47.80 -18.96 -23.76
C GLY A 161 47.26 -19.36 -22.43
N GLY A 162 45.95 -19.31 -22.26
CA GLY A 162 45.27 -19.83 -21.10
C GLY A 162 45.90 -21.16 -20.69
N TYR A 163 46.08 -21.32 -19.40
CA TYR A 163 46.74 -22.45 -18.76
C TYR A 163 45.77 -23.05 -17.75
N GLY A 164 46.07 -24.26 -17.28
CA GLY A 164 45.21 -24.85 -16.27
C GLY A 164 45.94 -25.88 -15.45
N PRO A 165 45.16 -26.79 -14.86
CA PRO A 165 45.66 -27.81 -13.94
C PRO A 165 46.65 -28.80 -14.56
N LEU A 166 46.57 -29.00 -15.88
CA LEU A 166 47.53 -29.92 -16.49
C LEU A 166 48.71 -29.20 -17.12
N SER A 167 48.86 -27.87 -16.94
CA SER A 167 50.01 -27.25 -17.61
C SER A 167 51.35 -27.80 -17.12
N ARG A 168 51.48 -27.93 -15.81
CA ARG A 168 52.67 -28.49 -15.19
C ARG A 168 53.17 -29.76 -15.89
N ARG A 169 52.21 -30.58 -16.31
CA ARG A 169 52.34 -31.91 -16.91
C ARG A 169 52.58 -31.83 -18.43
N ASP A 170 51.82 -31.01 -19.13
CA ASP A 170 51.86 -30.96 -20.59
C ASP A 170 52.16 -29.58 -21.16
N GLY A 171 52.23 -28.52 -20.37
CA GLY A 171 52.55 -27.17 -20.75
C GLY A 171 51.37 -26.30 -21.06
N VAL A 172 51.58 -25.17 -21.77
CA VAL A 172 50.49 -24.24 -22.08
C VAL A 172 49.56 -24.89 -23.10
N VAL A 173 48.37 -24.34 -23.30
CA VAL A 173 47.48 -24.94 -24.30
C VAL A 173 48.08 -24.70 -25.68
N ALA A 174 48.69 -23.53 -25.86
CA ALA A 174 49.27 -23.09 -27.11
C ALA A 174 50.54 -23.87 -27.47
N ASP A 175 51.00 -24.70 -26.55
CA ASP A 175 52.02 -25.70 -26.80
C ASP A 175 51.52 -26.91 -27.57
N HIS A 176 50.24 -26.86 -27.97
CA HIS A 176 49.57 -27.93 -28.70
C HIS A 176 48.76 -27.34 -29.84
N LEU A 177 49.06 -26.09 -30.19
CA LEU A 177 48.45 -25.41 -31.31
C LEU A 177 49.16 -25.73 -32.62
N TYR A 178 48.47 -26.40 -33.54
CA TYR A 178 49.01 -26.67 -34.86
C TYR A 178 48.65 -25.55 -35.83
N ALA A 179 47.40 -25.10 -35.85
CA ALA A 179 47.03 -24.14 -36.89
C ALA A 179 45.85 -23.26 -36.49
N VAL A 180 45.73 -22.12 -37.18
CA VAL A 180 44.60 -21.25 -36.91
C VAL A 180 44.01 -20.68 -38.19
N GLU A 181 42.69 -20.68 -38.26
CA GLU A 181 41.90 -20.04 -39.31
C GLU A 181 41.42 -18.70 -38.79
N VAL A 182 41.74 -17.64 -39.50
CA VAL A 182 41.54 -16.26 -39.09
C VAL A 182 40.88 -15.41 -40.16
N VAL A 183 40.11 -14.42 -39.76
CA VAL A 183 39.66 -13.40 -40.72
C VAL A 183 40.47 -12.13 -40.42
N VAL A 184 41.25 -11.73 -41.42
CA VAL A 184 42.11 -10.55 -41.43
C VAL A 184 41.66 -9.53 -42.47
N VAL A 185 42.19 -8.31 -42.41
CA VAL A 185 41.80 -7.26 -43.35
C VAL A 185 43.06 -6.72 -44.04
N ASP A 186 42.93 -6.59 -45.35
CA ASP A 186 43.85 -6.14 -46.35
C ASP A 186 44.33 -4.70 -46.15
N ALA A 187 45.50 -4.39 -46.66
CA ALA A 187 45.95 -3.01 -46.80
C ALA A 187 44.97 -2.23 -47.68
N SER A 188 44.39 -2.91 -48.65
CA SER A 188 43.40 -2.45 -49.60
C SER A 188 41.99 -2.30 -49.01
N GLY A 189 41.80 -2.78 -47.78
CA GLY A 189 40.53 -2.66 -47.09
C GLY A 189 39.63 -3.89 -47.23
N ARG A 190 40.22 -5.02 -47.57
CA ARG A 190 39.40 -6.20 -47.83
C ARG A 190 39.48 -7.21 -46.68
N ALA A 191 38.35 -7.69 -46.19
CA ALA A 191 38.34 -8.85 -45.29
C ALA A 191 38.67 -10.12 -46.07
N ARG A 192 39.45 -11.02 -45.47
CA ARG A 192 39.85 -12.26 -46.12
C ARG A 192 40.01 -13.40 -45.11
N LYS A 193 39.70 -14.63 -45.55
CA LYS A 193 39.98 -15.75 -44.64
C LYS A 193 41.29 -16.42 -44.99
N VAL A 194 42.11 -16.66 -43.97
CA VAL A 194 43.46 -17.16 -44.10
C VAL A 194 43.70 -18.32 -43.13
N VAL A 195 44.61 -19.21 -43.55
CA VAL A 195 45.01 -20.32 -42.69
C VAL A 195 46.49 -20.19 -42.37
N ALA A 196 46.78 -20.38 -41.08
CA ALA A 196 48.14 -20.24 -40.58
C ALA A 196 48.52 -21.45 -39.74
N THR A 197 49.60 -22.08 -40.14
CA THR A 197 49.97 -23.38 -39.54
C THR A 197 51.34 -23.29 -38.92
N SER A 198 51.76 -24.27 -38.13
CA SER A 198 53.05 -24.25 -37.46
C SER A 198 54.14 -24.91 -38.31
N ALA A 199 53.85 -25.24 -39.56
CA ALA A 199 54.86 -25.87 -40.41
C ALA A 199 55.98 -24.89 -40.76
N ALA A 200 57.22 -25.34 -40.59
CA ALA A 200 58.38 -24.51 -40.85
C ALA A 200 58.30 -23.83 -42.22
N ASP A 201 57.73 -24.49 -43.22
CA ASP A 201 57.66 -23.98 -44.59
C ASP A 201 56.41 -23.16 -44.89
N ASP A 202 55.64 -22.84 -43.85
CA ASP A 202 54.43 -22.07 -44.01
C ASP A 202 54.74 -20.58 -44.02
N PRO A 203 54.36 -19.86 -45.07
CA PRO A 203 54.74 -18.44 -45.16
C PRO A 203 54.03 -17.53 -44.16
N ASN A 204 52.98 -18.05 -43.55
CA ASN A 204 52.15 -17.38 -42.58
C ASN A 204 52.46 -17.83 -41.15
N ARG A 205 53.53 -18.60 -40.96
CA ARG A 205 53.83 -19.14 -39.63
C ARG A 205 53.96 -18.06 -38.57
N GLU A 206 54.34 -16.85 -39.01
CA GLU A 206 54.40 -15.78 -38.00
C GLU A 206 53.00 -15.40 -37.54
N LEU A 207 51.99 -15.50 -38.40
CA LEU A 207 50.61 -15.28 -37.96
C LEU A 207 50.24 -16.39 -36.96
N TRP A 208 50.65 -17.63 -37.21
CA TRP A 208 50.34 -18.73 -36.28
C TRP A 208 50.96 -18.44 -34.90
N TRP A 209 52.24 -18.10 -34.98
CA TRP A 209 53.04 -17.68 -33.85
C TRP A 209 52.35 -16.62 -33.00
N ALA A 210 51.82 -15.60 -33.68
CA ALA A 210 51.14 -14.50 -33.01
C ALA A 210 49.98 -15.01 -32.16
N HIS A 211 49.41 -16.16 -32.57
CA HIS A 211 48.24 -16.66 -31.90
C HIS A 211 48.61 -17.57 -30.73
N THR A 212 49.90 -17.76 -30.47
CA THR A 212 50.27 -18.63 -29.35
C THR A 212 50.59 -17.83 -28.09
N GLY A 213 49.89 -16.73 -27.87
CA GLY A 213 49.92 -16.04 -26.61
C GLY A 213 50.18 -14.56 -26.84
N GLY A 214 49.72 -13.99 -27.94
CA GLY A 214 49.72 -12.59 -28.28
C GLY A 214 48.50 -11.89 -27.73
N GLY A 215 47.50 -12.73 -27.41
CA GLY A 215 46.26 -12.20 -26.89
C GLY A 215 45.22 -11.81 -27.91
N GLY A 216 43.98 -11.67 -27.47
CA GLY A 216 42.73 -11.46 -28.06
C GLY A 216 42.42 -10.46 -29.11
N GLY A 217 42.38 -9.14 -28.86
CA GLY A 217 41.77 -8.34 -29.94
C GLY A 217 42.80 -7.57 -30.74
N ASN A 218 43.68 -8.29 -31.46
CA ASN A 218 44.75 -7.61 -32.16
C ASN A 218 45.02 -8.10 -33.58
N PHE A 219 44.81 -9.38 -33.90
CA PHE A 219 45.35 -9.89 -35.17
C PHE A 219 44.34 -10.31 -36.21
N GLY A 220 43.05 -10.18 -35.93
CA GLY A 220 41.97 -10.64 -36.77
C GLY A 220 41.00 -11.50 -35.98
N ILE A 221 40.07 -12.19 -36.64
CA ILE A 221 39.10 -13.00 -35.89
C ILE A 221 39.34 -14.48 -36.16
N VAL A 222 39.66 -15.23 -35.11
CA VAL A 222 39.85 -16.67 -35.25
C VAL A 222 38.51 -17.37 -35.46
N THR A 223 38.40 -18.18 -36.50
CA THR A 223 37.17 -18.84 -36.87
C THR A 223 37.25 -20.35 -36.57
N ARG A 224 38.45 -20.82 -36.28
CA ARG A 224 38.72 -22.21 -36.01
C ARG A 224 40.18 -22.44 -35.59
N TYR A 225 40.40 -23.25 -34.56
CA TYR A 225 41.70 -23.60 -34.07
C TYR A 225 41.99 -25.08 -34.32
N TRP A 226 43.22 -25.44 -34.55
CA TRP A 226 43.68 -26.80 -34.78
C TRP A 226 44.70 -27.25 -33.74
N PHE A 227 44.44 -28.40 -33.09
CA PHE A 227 45.38 -28.91 -32.10
C PHE A 227 45.98 -30.27 -32.44
N ARG A 228 47.27 -30.36 -32.16
CA ARG A 228 48.06 -31.56 -32.23
C ARG A 228 49.36 -31.35 -31.47
N THR A 229 49.71 -32.29 -30.60
CA THR A 229 51.00 -32.22 -29.93
C THR A 229 52.14 -32.26 -30.94
N PRO A 230 53.03 -31.28 -30.95
CA PRO A 230 54.17 -31.30 -31.88
C PRO A 230 54.92 -32.62 -31.81
N GLY A 231 55.05 -33.20 -30.61
CA GLY A 231 55.57 -34.57 -30.61
C GLY A 231 54.42 -35.54 -30.83
N ALA A 232 53.88 -35.68 -32.05
CA ALA A 232 52.81 -36.66 -32.27
C ALA A 232 52.91 -37.49 -33.53
N THR A 233 53.24 -38.79 -33.45
CA THR A 233 53.34 -39.71 -34.57
C THR A 233 52.06 -40.48 -34.90
N GLY A 234 51.84 -40.74 -36.18
CA GLY A 234 50.78 -41.62 -36.65
C GLY A 234 49.43 -41.01 -36.91
N THR A 235 48.46 -41.86 -37.26
CA THR A 235 47.14 -41.44 -37.69
C THR A 235 46.06 -41.72 -36.65
N ASP A 236 46.44 -42.28 -35.50
CA ASP A 236 45.49 -42.59 -34.42
C ASP A 236 45.19 -41.35 -33.59
N PRO A 237 43.96 -40.83 -33.61
CA PRO A 237 43.69 -39.57 -32.90
C PRO A 237 43.96 -39.68 -31.39
N SER A 238 43.68 -40.81 -30.77
CA SER A 238 43.81 -40.99 -29.32
C SER A 238 45.23 -40.76 -28.84
N GLN A 239 46.21 -40.71 -29.72
CA GLN A 239 47.62 -40.57 -29.35
C GLN A 239 48.20 -39.28 -29.93
N LEU A 240 47.31 -38.39 -30.36
CA LEU A 240 47.77 -37.15 -31.00
C LEU A 240 47.67 -35.97 -30.06
N LEU A 241 47.09 -36.14 -28.88
CA LEU A 241 47.12 -35.10 -27.84
C LEU A 241 47.20 -35.82 -26.48
N PRO A 242 47.57 -35.16 -25.40
CA PRO A 242 47.68 -35.85 -24.10
C PRO A 242 46.38 -36.52 -23.69
N LYS A 243 46.56 -37.68 -23.05
CA LYS A 243 45.46 -38.46 -22.52
C LYS A 243 45.00 -37.96 -21.16
N ALA A 244 43.70 -37.93 -20.94
CA ALA A 244 43.14 -37.51 -19.66
C ALA A 244 43.65 -38.39 -18.53
N PRO A 245 43.77 -37.83 -17.33
CA PRO A 245 44.13 -38.61 -16.15
C PRO A 245 43.12 -39.71 -15.88
N THR A 246 43.57 -40.75 -15.19
CA THR A 246 42.71 -41.86 -14.79
C THR A 246 41.54 -41.38 -13.96
N SER A 247 41.87 -40.45 -13.06
CA SER A 247 40.94 -39.83 -12.13
C SER A 247 41.59 -38.61 -11.48
N THR A 248 40.82 -37.87 -10.70
CA THR A 248 41.32 -36.71 -9.99
C THR A 248 41.21 -36.91 -8.48
N LEU A 249 42.34 -37.03 -7.81
CA LEU A 249 42.39 -37.06 -6.34
C LEU A 249 42.55 -35.63 -5.80
N ARG A 250 41.65 -35.22 -4.91
CA ARG A 250 41.68 -33.87 -4.37
C ARG A 250 41.81 -33.81 -2.85
N HIS A 251 42.66 -32.89 -2.38
CA HIS A 251 42.70 -32.51 -0.98
C HIS A 251 42.41 -31.00 -0.90
N ILE A 252 41.40 -30.62 -0.14
CA ILE A 252 41.21 -29.23 0.26
C ILE A 252 41.61 -29.08 1.74
N VAL A 253 42.63 -28.27 1.95
CA VAL A 253 43.25 -27.94 3.21
C VAL A 253 42.84 -26.54 3.62
N THR A 254 42.24 -26.36 4.79
CA THR A 254 41.78 -25.04 5.21
C THR A 254 42.29 -24.64 6.59
N TRP A 255 42.67 -23.38 6.73
CA TRP A 255 43.20 -22.83 7.97
C TRP A 255 42.34 -21.65 8.42
N ASP A 256 41.73 -21.75 9.61
CA ASP A 256 40.78 -20.71 10.04
C ASP A 256 41.51 -19.40 10.35
N TRP A 257 40.90 -18.24 10.08
CA TRP A 257 41.59 -16.97 10.28
C TRP A 257 41.82 -16.69 11.77
N SER A 258 40.91 -17.17 12.61
CA SER A 258 41.04 -16.81 14.03
C SER A 258 42.27 -17.46 14.65
N ALA A 259 42.69 -18.61 14.12
CA ALA A 259 43.85 -19.28 14.70
C ALA A 259 45.12 -18.92 13.95
N LEU A 260 44.95 -18.03 12.97
CA LEU A 260 46.09 -17.60 12.17
C LEU A 260 46.75 -16.37 12.77
N THR A 261 48.06 -16.43 12.84
CA THR A 261 48.91 -15.36 13.33
C THR A 261 49.74 -14.82 12.17
N GLU A 262 50.25 -13.60 12.30
CA GLU A 262 51.11 -13.10 11.22
C GLU A 262 52.27 -14.06 11.02
N GLU A 263 52.83 -14.48 12.16
CA GLU A 263 53.95 -15.42 12.08
C GLU A 263 53.58 -16.74 11.40
N ALA A 264 52.47 -17.39 11.76
CA ALA A 264 52.18 -18.67 11.10
C ALA A 264 51.84 -18.46 9.62
N PHE A 265 51.06 -17.45 9.27
CA PHE A 265 50.74 -17.16 7.86
C PHE A 265 52.02 -17.10 7.04
N THR A 266 53.00 -16.39 7.57
CA THR A 266 54.28 -16.21 6.88
C THR A 266 55.05 -17.50 6.78
N ARG A 267 55.04 -18.37 7.80
CA ARG A 267 55.70 -19.65 7.60
C ARG A 267 55.05 -20.42 6.44
N ILE A 268 53.74 -20.33 6.38
CA ILE A 268 52.92 -20.98 5.35
C ILE A 268 53.32 -20.42 3.99
N ILE A 269 53.33 -19.08 3.91
CA ILE A 269 53.77 -18.44 2.67
C ILE A 269 55.18 -18.88 2.32
N ASP A 270 56.09 -18.72 3.27
CA ASP A 270 57.50 -18.99 2.97
C ASP A 270 57.71 -20.48 2.66
N ASN A 271 56.99 -21.32 3.42
CA ASN A 271 57.01 -22.75 3.16
C ASN A 271 56.48 -23.07 1.75
N HIS A 272 55.31 -22.56 1.39
CA HIS A 272 54.74 -22.80 0.05
C HIS A 272 55.73 -22.44 -1.05
N GLY A 273 56.26 -21.23 -1.00
CA GLY A 273 57.19 -20.70 -1.96
C GLY A 273 58.52 -21.41 -2.02
N ALA A 274 59.10 -21.85 -0.90
CA ALA A 274 60.36 -22.61 -1.02
C ALA A 274 60.14 -23.93 -1.76
N TRP A 275 58.98 -24.57 -1.60
CA TRP A 275 58.69 -25.88 -2.20
C TRP A 275 58.55 -25.75 -3.71
N HIS A 276 57.76 -24.70 -4.10
CA HIS A 276 57.57 -24.48 -5.53
C HIS A 276 58.88 -24.21 -6.25
N GLN A 277 59.81 -23.56 -5.56
CA GLN A 277 61.08 -23.29 -6.23
C GLN A 277 61.85 -24.60 -6.39
N SER A 278 61.74 -25.65 -5.44
CA SER A 278 62.46 -26.91 -5.55
C SER A 278 61.71 -27.89 -6.44
N ASN A 279 60.40 -27.83 -6.55
CA ASN A 279 59.66 -28.93 -7.17
C ASN A 279 58.83 -28.54 -8.37
N SER A 280 59.39 -28.53 -9.58
CA SER A 280 58.56 -28.43 -10.77
C SER A 280 59.31 -28.81 -12.05
N ALA A 281 59.23 -27.92 -13.01
CA ALA A 281 59.84 -27.83 -14.32
C ALA A 281 60.64 -29.07 -14.71
N ALA A 282 59.95 -30.16 -15.03
CA ALA A 282 60.50 -31.43 -15.49
C ALA A 282 59.38 -32.41 -15.79
N GLY A 283 59.63 -33.73 -15.79
CA GLY A 283 58.52 -34.64 -16.10
C GLY A 283 58.37 -35.68 -15.00
N THR A 284 58.25 -35.19 -13.78
CA THR A 284 58.25 -35.92 -12.53
C THR A 284 56.87 -36.14 -11.94
N PRO A 285 56.71 -36.98 -10.93
CA PRO A 285 55.45 -37.10 -10.20
C PRO A 285 54.75 -35.79 -9.92
N TYR A 286 55.52 -34.84 -9.39
CA TYR A 286 54.90 -33.58 -8.95
C TYR A 286 54.60 -32.69 -10.13
N ALA A 287 55.14 -32.97 -11.32
CA ALA A 287 54.68 -32.25 -12.51
C ALA A 287 53.19 -32.48 -12.75
N SER A 288 52.63 -33.57 -12.22
CA SER A 288 51.23 -33.84 -12.47
C SER A 288 50.31 -33.24 -11.41
N MET A 289 50.86 -32.62 -10.38
CA MET A 289 50.04 -31.98 -9.34
C MET A 289 49.68 -30.55 -9.70
N HIS A 290 48.48 -30.09 -9.36
CA HIS A 290 48.12 -28.69 -9.46
C HIS A 290 47.52 -28.20 -8.13
N SER A 291 47.82 -26.97 -7.74
CA SER A 291 47.15 -26.36 -6.59
C SER A 291 46.94 -24.87 -6.81
N VAL A 292 45.86 -24.40 -6.20
CA VAL A 292 45.49 -23.01 -6.07
C VAL A 292 45.40 -22.66 -4.58
N PHE A 293 46.15 -21.65 -4.16
CA PHE A 293 46.08 -21.28 -2.72
C PHE A 293 45.22 -20.02 -2.67
N TYR A 294 43.99 -20.14 -2.16
CA TYR A 294 43.12 -18.99 -2.11
C TYR A 294 43.34 -18.26 -0.77
N LEU A 295 44.08 -17.17 -0.90
CA LEU A 295 44.35 -16.32 0.27
C LEU A 295 43.25 -15.28 0.44
N ASN A 296 42.14 -15.74 1.00
CA ASN A 296 40.98 -14.94 1.29
C ASN A 296 41.21 -13.92 2.41
N SER A 297 40.39 -12.87 2.42
CA SER A 297 40.42 -11.87 3.48
C SER A 297 39.79 -12.40 4.78
N ARG A 298 39.95 -11.65 5.86
CA ARG A 298 39.34 -11.85 7.17
C ARG A 298 37.91 -11.31 7.20
N ALA A 299 37.09 -11.93 6.38
CA ALA A 299 35.64 -11.90 6.43
C ALA A 299 35.18 -13.26 5.90
N ALA A 300 36.09 -13.85 5.12
CA ALA A 300 35.84 -15.07 4.41
C ALA A 300 35.87 -16.28 5.33
N GLY A 301 36.53 -16.11 6.46
CA GLY A 301 36.64 -17.14 7.46
C GLY A 301 37.92 -17.94 7.44
N GLN A 302 38.41 -18.28 6.25
CA GLN A 302 39.61 -19.09 6.13
C GLN A 302 40.29 -18.94 4.78
N ILE A 303 41.56 -19.29 4.76
CA ILE A 303 42.40 -19.44 3.59
C ILE A 303 42.37 -20.90 3.17
N LEU A 304 42.40 -21.14 1.86
CA LEU A 304 42.18 -22.52 1.42
C LEU A 304 43.19 -22.93 0.35
N LEU A 305 43.84 -24.05 0.57
CA LEU A 305 44.78 -24.64 -0.37
C LEU A 305 44.07 -25.78 -1.11
N ASP A 306 43.81 -25.64 -2.39
CA ASP A 306 43.08 -26.61 -3.20
C ASP A 306 44.01 -27.36 -4.14
N ILE A 307 44.28 -28.63 -3.84
CA ILE A 307 45.31 -29.38 -4.53
C ILE A 307 44.75 -30.56 -5.32
N GLN A 308 45.34 -30.86 -6.49
CA GLN A 308 44.80 -32.02 -7.20
C GLN A 308 45.91 -32.76 -7.96
N ILE A 309 45.67 -34.03 -8.28
CA ILE A 309 46.63 -34.83 -9.01
C ILE A 309 45.94 -36.05 -9.65
N ASP A 310 46.58 -36.64 -10.66
CA ASP A 310 46.04 -37.83 -11.32
C ASP A 310 46.04 -38.96 -10.31
N GLY A 311 44.84 -39.40 -9.95
CA GLY A 311 44.65 -40.49 -9.02
C GLY A 311 45.20 -41.82 -9.51
N GLY A 312 45.68 -41.90 -10.75
CA GLY A 312 46.27 -43.14 -11.23
C GLY A 312 47.76 -43.19 -11.11
N LEU A 313 48.43 -42.18 -10.53
CA LEU A 313 49.89 -42.35 -10.48
C LEU A 313 50.31 -42.95 -9.14
N ASP A 314 51.30 -43.80 -9.20
CA ASP A 314 51.88 -44.50 -8.07
C ASP A 314 52.08 -43.56 -6.89
N GLY A 315 51.72 -44.05 -5.69
CA GLY A 315 51.87 -43.30 -4.45
C GLY A 315 51.32 -41.88 -4.61
N ALA A 316 50.14 -41.81 -5.20
CA ALA A 316 49.46 -40.55 -5.43
C ALA A 316 49.13 -39.83 -4.13
N GLU A 317 48.50 -40.57 -3.22
CA GLU A 317 48.07 -40.00 -1.94
C GLU A 317 49.27 -39.46 -1.16
N ALA A 318 50.35 -40.20 -1.23
CA ALA A 318 51.62 -39.94 -0.57
C ALA A 318 52.27 -38.65 -1.03
N LEU A 319 52.29 -38.36 -2.34
CA LEU A 319 52.86 -37.08 -2.73
C LEU A 319 52.02 -35.92 -2.22
N LEU A 320 50.71 -36.12 -2.06
CA LEU A 320 49.88 -34.97 -1.67
C LEU A 320 50.07 -34.68 -0.19
N ASN A 321 50.03 -35.67 0.70
CA ASN A 321 50.18 -35.25 2.10
C ASN A 321 51.63 -34.85 2.39
N ASP A 322 52.58 -35.31 1.59
CA ASP A 322 53.98 -34.90 1.78
C ASP A 322 54.14 -33.42 1.45
N PHE A 323 53.37 -32.94 0.49
CA PHE A 323 53.41 -31.52 0.10
C PHE A 323 52.80 -30.67 1.19
N VAL A 324 51.56 -30.92 1.61
CA VAL A 324 51.00 -30.08 2.67
C VAL A 324 51.85 -30.18 3.94
N ALA A 325 52.44 -31.35 4.18
CA ALA A 325 53.31 -31.45 5.35
C ALA A 325 54.49 -30.50 5.20
N ALA A 326 54.86 -30.22 3.94
CA ALA A 326 55.94 -29.24 3.74
C ALA A 326 55.39 -27.83 3.91
N VAL A 327 54.15 -27.62 3.47
CA VAL A 327 53.51 -26.31 3.52
C VAL A 327 53.36 -25.77 4.93
N ASN A 328 52.97 -26.60 5.90
CA ASN A 328 52.79 -25.93 7.21
C ASN A 328 53.74 -26.53 8.23
N GLU A 329 54.92 -26.94 7.77
CA GLU A 329 55.89 -27.51 8.70
C GLU A 329 56.18 -26.61 9.89
N GLY A 330 56.61 -25.37 9.66
CA GLY A 330 56.97 -24.55 10.83
C GLY A 330 55.80 -23.78 11.41
N THR A 331 54.58 -24.24 11.13
CA THR A 331 53.37 -23.50 11.47
C THR A 331 52.93 -23.76 12.90
N GLY A 332 52.06 -22.88 13.39
CA GLY A 332 51.54 -23.08 14.73
C GLY A 332 50.16 -23.68 14.71
N VAL A 333 49.54 -23.75 13.52
CA VAL A 333 48.16 -24.25 13.49
C VAL A 333 48.00 -25.45 12.58
N GLU A 334 47.09 -26.35 12.97
CA GLU A 334 46.88 -27.56 12.17
C GLU A 334 45.60 -27.51 11.35
N PRO A 335 45.76 -27.72 10.05
CA PRO A 335 44.65 -27.52 9.12
C PRO A 335 43.65 -28.67 9.11
N ALA A 336 42.50 -28.39 8.49
CA ALA A 336 41.54 -29.42 8.11
C ALA A 336 41.90 -29.96 6.73
N VAL A 337 41.51 -31.21 6.50
CA VAL A 337 41.80 -31.84 5.21
C VAL A 337 40.58 -32.58 4.70
N GLN A 338 40.10 -32.21 3.52
CA GLN A 338 39.04 -32.98 2.87
C GLN A 338 39.60 -33.64 1.62
N ARG A 339 39.38 -34.96 1.55
CA ARG A 339 39.92 -35.76 0.46
C ARG A 339 38.80 -36.37 -0.37
N SER A 340 39.08 -36.58 -1.66
CA SER A 340 38.08 -37.20 -2.52
C SER A 340 38.72 -37.64 -3.83
N THR A 341 38.21 -38.75 -4.37
CA THR A 341 38.67 -39.21 -5.69
C THR A 341 37.44 -39.31 -6.61
N GLU A 342 37.50 -38.52 -7.67
CA GLU A 342 36.39 -38.43 -8.61
C GLU A 342 36.83 -38.68 -10.04
N PRO A 343 35.89 -39.02 -10.92
CA PRO A 343 36.26 -39.20 -12.32
C PRO A 343 36.78 -37.88 -12.90
N TRP A 344 37.82 -38.01 -13.73
CA TRP A 344 38.43 -36.81 -14.31
C TRP A 344 37.43 -35.87 -14.96
N LEU A 345 36.51 -36.32 -15.80
CA LEU A 345 35.63 -35.36 -16.46
C LEU A 345 34.67 -34.72 -15.46
N ARG A 346 34.10 -35.55 -14.59
CA ARG A 346 33.16 -35.03 -13.58
C ARG A 346 33.81 -33.95 -12.75
N ALA A 347 35.02 -34.22 -12.27
CA ALA A 347 35.73 -33.26 -11.42
C ALA A 347 36.00 -31.96 -12.20
N THR A 348 36.40 -32.16 -13.45
CA THR A 348 36.71 -31.15 -14.45
C THR A 348 35.53 -30.23 -14.78
N LEU A 349 34.31 -30.73 -14.74
CA LEU A 349 33.13 -30.02 -15.19
C LEU A 349 32.32 -29.45 -14.03
N ALA A 350 32.94 -29.27 -12.87
CA ALA A 350 32.23 -28.60 -11.78
C ALA A 350 32.07 -27.11 -12.04
N ASN A 351 30.82 -26.63 -12.08
CA ASN A 351 30.61 -25.19 -12.11
C ASN A 351 30.72 -24.61 -10.70
N LYS A 352 31.89 -24.81 -10.06
CA LYS A 352 32.10 -24.23 -8.75
C LYS A 352 32.74 -22.85 -8.85
N PHE A 353 32.29 -22.07 -9.84
CA PHE A 353 32.71 -20.67 -9.96
C PHE A 353 31.49 -19.76 -10.02
N ASP A 354 30.51 -20.08 -9.17
CA ASP A 354 29.25 -19.37 -9.07
C ASP A 354 29.47 -17.91 -8.72
N THR A 355 28.94 -17.00 -9.55
CA THR A 355 29.10 -15.57 -9.26
C THR A 355 28.25 -15.12 -8.08
N GLY A 356 27.09 -15.73 -7.86
CA GLY A 356 26.21 -15.44 -6.75
C GLY A 356 25.78 -14.00 -6.65
N GLY A 357 25.63 -13.31 -7.77
CA GLY A 357 25.15 -11.93 -7.81
C GLY A 357 26.28 -10.92 -7.79
N PHE A 358 27.38 -11.28 -7.13
CA PHE A 358 28.53 -10.38 -7.05
C PHE A 358 29.28 -10.43 -8.37
N ASP A 359 28.81 -9.63 -9.34
CA ASP A 359 29.29 -9.79 -10.70
C ASP A 359 30.34 -8.73 -11.08
N ARG A 360 30.59 -7.77 -10.20
CA ARG A 360 31.57 -6.72 -10.49
C ARG A 360 32.95 -7.12 -9.99
N THR A 361 33.99 -7.05 -10.82
CA THR A 361 35.33 -7.42 -10.43
C THR A 361 36.42 -6.50 -10.99
N LYS A 362 37.53 -6.47 -10.28
CA LYS A 362 38.79 -5.89 -10.69
C LYS A 362 39.93 -6.83 -10.34
N SER A 363 40.81 -7.18 -11.29
CA SER A 363 41.90 -8.08 -10.92
C SER A 363 43.22 -7.77 -11.60
N LYS A 364 44.28 -8.36 -11.04
CA LYS A 364 45.64 -8.13 -11.48
C LYS A 364 46.57 -9.25 -11.04
N GLY A 365 47.41 -9.70 -11.98
CA GLY A 365 48.28 -10.82 -11.74
C GLY A 365 49.77 -10.58 -11.76
N ALA A 366 50.51 -11.69 -11.73
CA ALA A 366 51.97 -11.70 -11.75
C ALA A 366 52.55 -13.11 -11.92
N TYR A 367 53.71 -13.18 -12.54
CA TYR A 367 54.55 -14.37 -12.68
C TYR A 367 55.74 -14.29 -11.72
N LEU A 368 55.87 -15.22 -10.77
CA LEU A 368 57.01 -15.14 -9.85
C LEU A 368 58.15 -16.06 -10.29
N ARG A 369 59.36 -15.55 -10.33
CA ARG A 369 60.53 -16.39 -10.63
CA ARG A 369 60.53 -16.38 -10.62
C ARG A 369 61.12 -16.98 -9.35
N LYS A 370 60.91 -16.27 -8.24
CA LYS A 370 61.35 -16.68 -6.92
C LYS A 370 60.27 -16.31 -5.90
N PRO A 371 60.27 -16.95 -4.73
CA PRO A 371 59.17 -16.74 -3.77
C PRO A 371 59.02 -15.28 -3.35
N TRP A 372 57.91 -14.90 -2.73
CA TRP A 372 57.75 -13.57 -2.16
C TRP A 372 58.88 -13.27 -1.17
N THR A 373 59.11 -12.00 -0.83
CA THR A 373 60.09 -11.67 0.19
C THR A 373 59.47 -11.74 1.59
N ALA A 374 60.29 -11.57 2.61
CA ALA A 374 59.79 -11.39 3.97
C ALA A 374 58.76 -10.26 4.02
N ALA A 375 59.10 -9.15 3.38
CA ALA A 375 58.27 -7.95 3.41
C ALA A 375 56.99 -8.12 2.61
N GLN A 376 57.09 -8.73 1.43
CA GLN A 376 55.89 -8.94 0.61
C GLN A 376 54.90 -9.85 1.33
N ALA A 377 55.38 -10.93 1.93
CA ALA A 377 54.53 -11.81 2.71
C ALA A 377 53.76 -11.03 3.77
N ALA A 378 54.44 -10.02 4.32
CA ALA A 378 53.89 -9.22 5.41
C ALA A 378 52.86 -8.22 4.91
N THR A 379 53.08 -7.69 3.71
CA THR A 379 52.14 -6.83 2.99
C THR A 379 50.83 -7.59 2.78
N LEU A 380 51.00 -8.84 2.34
CA LEU A 380 49.94 -9.79 2.13
C LEU A 380 49.12 -9.95 3.40
N TYR A 381 49.75 -10.39 4.49
CA TYR A 381 49.01 -10.62 5.72
C TYR A 381 48.26 -9.37 6.17
N ARG A 382 48.91 -8.22 6.26
CA ARG A 382 48.21 -7.04 6.81
C ARG A 382 46.99 -6.67 6.00
N HIS A 383 47.14 -6.69 4.67
CA HIS A 383 45.99 -6.30 3.83
C HIS A 383 44.94 -7.39 3.81
N LEU A 384 45.36 -8.63 4.05
CA LEU A 384 44.29 -9.64 4.01
C LEU A 384 43.63 -9.67 5.39
N SER A 385 44.40 -9.53 6.45
CA SER A 385 43.84 -9.63 7.80
C SER A 385 42.89 -8.50 8.15
N ALA A 386 43.08 -7.34 7.55
CA ALA A 386 42.32 -6.14 7.85
C ALA A 386 40.81 -6.31 7.64
N ASP A 387 40.07 -5.59 8.48
CA ASP A 387 38.64 -5.40 8.32
C ASP A 387 38.41 -4.32 7.26
N SER A 388 38.88 -4.65 6.06
CA SER A 388 38.61 -3.90 4.85
C SER A 388 37.12 -3.73 4.67
N GLN A 389 36.64 -2.98 3.68
CA GLN A 389 35.17 -3.12 3.58
C GLN A 389 34.83 -3.93 2.33
N VAL A 390 35.84 -4.62 1.79
CA VAL A 390 35.70 -5.30 0.52
C VAL A 390 36.22 -6.74 0.51
N TRP A 391 35.66 -7.53 -0.39
CA TRP A 391 35.94 -8.93 -0.62
C TRP A 391 37.17 -9.15 -1.49
N GLY A 392 38.36 -9.08 -0.89
CA GLY A 392 39.63 -9.23 -1.55
C GLY A 392 40.28 -10.58 -1.35
N GLU A 393 41.13 -10.97 -2.32
CA GLU A 393 41.87 -12.21 -2.13
C GLU A 393 43.06 -12.30 -3.09
N VAL A 394 44.01 -13.11 -2.65
CA VAL A 394 45.20 -13.46 -3.40
C VAL A 394 45.26 -14.95 -3.68
N SER A 395 45.30 -15.29 -4.96
CA SER A 395 45.43 -16.70 -5.33
C SER A 395 46.84 -16.99 -5.80
N LEU A 396 47.45 -18.06 -5.30
CA LEU A 396 48.76 -18.48 -5.76
C LEU A 396 48.60 -19.82 -6.46
N TYR A 397 49.08 -19.91 -7.70
CA TYR A 397 49.01 -21.12 -8.50
C TYR A 397 50.36 -21.82 -8.65
N SER A 398 50.38 -23.11 -8.35
CA SER A 398 51.55 -23.90 -8.71
C SER A 398 51.69 -23.80 -10.24
N TYR A 399 52.89 -23.65 -10.73
CA TYR A 399 53.15 -23.38 -12.16
C TYR A 399 54.49 -23.98 -12.57
N GLY A 400 54.98 -23.55 -13.74
CA GLY A 400 56.27 -24.10 -14.17
C GLY A 400 56.08 -25.45 -14.85
N GLY A 401 56.87 -26.45 -14.48
CA GLY A 401 56.64 -27.76 -15.10
C GLY A 401 57.16 -27.80 -16.53
N LYS A 402 56.39 -28.49 -17.36
CA LYS A 402 56.66 -28.59 -18.78
C LYS A 402 56.61 -27.23 -19.47
N VAL A 403 55.86 -26.25 -18.97
CA VAL A 403 55.86 -24.94 -19.65
C VAL A 403 57.27 -24.38 -19.76
N ASN A 404 58.11 -24.73 -18.79
CA ASN A 404 59.43 -24.13 -18.72
C ASN A 404 60.46 -24.85 -19.59
N SER A 405 59.96 -25.70 -20.47
CA SER A 405 60.79 -26.57 -21.30
C SER A 405 60.89 -25.97 -22.71
N VAL A 406 59.96 -25.09 -23.05
CA VAL A 406 59.97 -24.36 -24.31
C VAL A 406 60.83 -23.10 -24.25
N PRO A 407 61.69 -22.81 -25.21
CA PRO A 407 62.41 -21.53 -25.24
C PRO A 407 61.46 -20.33 -25.28
N GLU A 408 61.78 -19.32 -24.47
CA GLU A 408 61.03 -18.09 -24.29
C GLU A 408 60.59 -17.49 -25.62
N THR A 409 61.47 -17.65 -26.60
CA THR A 409 61.27 -17.16 -27.94
C THR A 409 60.56 -18.15 -28.85
N ALA A 410 60.15 -19.33 -28.39
CA ALA A 410 59.67 -20.37 -29.27
C ALA A 410 58.17 -20.25 -29.51
N THR A 411 57.51 -19.47 -28.68
CA THR A 411 56.08 -19.15 -28.77
C THR A 411 55.87 -17.67 -28.47
N ALA A 412 54.68 -17.09 -28.47
CA ALA A 412 54.40 -15.73 -28.09
C ALA A 412 53.92 -15.67 -26.63
N THR A 413 54.15 -16.76 -25.92
CA THR A 413 54.12 -16.81 -24.47
C THR A 413 55.56 -16.92 -23.97
N ALA A 414 56.05 -15.76 -23.54
CA ALA A 414 57.46 -15.62 -23.20
C ALA A 414 57.79 -16.20 -21.83
N GLN A 415 56.88 -16.06 -20.88
CA GLN A 415 57.20 -16.40 -19.50
C GLN A 415 57.47 -17.89 -19.33
N ARG A 416 58.73 -18.30 -19.54
CA ARG A 416 59.03 -19.73 -19.45
C ARG A 416 60.02 -20.05 -18.35
N ASP A 417 60.01 -19.33 -17.23
CA ASP A 417 60.91 -19.74 -16.14
C ASP A 417 60.36 -19.16 -14.82
N SER A 418 59.07 -19.39 -14.63
CA SER A 418 58.35 -19.02 -13.43
C SER A 418 57.91 -20.26 -12.67
N ILE A 419 57.77 -20.13 -11.33
CA ILE A 419 57.47 -21.25 -10.47
C ILE A 419 56.05 -21.17 -9.92
N ILE A 420 55.50 -19.95 -9.88
CA ILE A 420 54.17 -19.67 -9.38
C ILE A 420 53.51 -18.52 -10.10
N LYS A 421 52.20 -18.59 -10.33
CA LYS A 421 51.46 -17.48 -10.91
C LYS A 421 50.47 -16.90 -9.88
N VAL A 422 50.32 -15.59 -9.83
CA VAL A 422 49.37 -15.02 -8.86
C VAL A 422 48.31 -14.19 -9.55
N TRP A 423 47.09 -14.19 -9.02
CA TRP A 423 45.98 -13.40 -9.53
C TRP A 423 45.27 -12.71 -8.37
N MET A 424 45.28 -11.38 -8.33
CA MET A 424 44.61 -10.71 -7.20
C MET A 424 43.36 -9.97 -7.66
N SER A 425 42.34 -10.03 -6.81
CA SER A 425 41.06 -9.45 -7.15
C SER A 425 40.29 -8.90 -5.95
N ALA A 426 39.29 -8.11 -6.32
CA ALA A 426 38.18 -7.61 -5.55
C ALA A 426 36.92 -7.91 -6.38
N THR A 427 35.91 -8.37 -5.67
CA THR A 427 34.65 -8.82 -6.22
C THR A 427 33.52 -8.22 -5.40
N TRP A 428 32.51 -7.68 -6.06
CA TRP A 428 31.41 -7.02 -5.35
C TRP A 428 30.12 -6.98 -6.17
N MET A 429 29.09 -6.43 -5.53
CA MET A 429 27.80 -6.35 -6.20
C MET A 429 27.39 -4.92 -6.50
N ASP A 430 27.69 -4.00 -5.57
CA ASP A 430 27.12 -2.67 -5.84
C ASP A 430 28.12 -1.69 -6.44
N PRO A 431 27.68 -1.09 -7.55
CA PRO A 431 28.45 -0.07 -8.26
C PRO A 431 28.73 1.18 -7.41
N ALA A 432 27.90 1.42 -6.40
CA ALA A 432 28.13 2.50 -5.45
C ALA A 432 29.44 2.29 -4.69
N HIS A 433 29.90 1.05 -4.56
CA HIS A 433 31.15 0.75 -3.88
C HIS A 433 32.30 0.51 -4.84
N ASP A 434 32.18 0.85 -6.11
CA ASP A 434 33.30 0.67 -7.04
C ASP A 434 34.58 1.34 -6.55
N ASP A 435 34.39 2.53 -5.96
CA ASP A 435 35.54 3.30 -5.49
C ASP A 435 36.27 2.60 -4.35
N ALA A 436 35.53 2.07 -3.38
CA ALA A 436 36.19 1.42 -2.24
C ALA A 436 36.87 0.14 -2.72
N ASN A 437 36.16 -0.63 -3.54
CA ASN A 437 36.77 -1.86 -4.06
C ASN A 437 38.00 -1.57 -4.89
N LEU A 438 37.90 -0.68 -5.87
CA LEU A 438 39.05 -0.32 -6.69
C LEU A 438 40.24 0.10 -5.85
N ALA A 439 39.98 0.91 -4.81
CA ALA A 439 41.08 1.35 -3.95
C ALA A 439 41.84 0.17 -3.35
N TRP A 440 41.08 -0.78 -2.82
CA TRP A 440 41.62 -1.98 -2.20
C TRP A 440 42.57 -2.74 -3.10
N ILE A 441 42.10 -3.12 -4.29
CA ILE A 441 42.92 -3.99 -5.13
C ILE A 441 44.20 -3.29 -5.59
N ARG A 442 44.07 -1.97 -5.81
CA ARG A 442 45.27 -1.29 -6.32
C ARG A 442 46.33 -1.17 -5.23
N GLU A 443 45.89 -0.86 -4.02
CA GLU A 443 46.76 -0.76 -2.87
C GLU A 443 47.54 -2.03 -2.57
N ILE A 444 46.94 -3.22 -2.54
CA ILE A 444 47.73 -4.41 -2.26
C ILE A 444 48.82 -4.67 -3.30
N TYR A 445 48.43 -4.46 -4.55
CA TYR A 445 49.33 -4.70 -5.67
C TYR A 445 50.56 -3.79 -5.67
N ARG A 446 50.34 -2.49 -5.62
CA ARG A 446 51.43 -1.52 -5.63
C ARG A 446 52.37 -1.73 -4.45
N GLU A 447 51.78 -2.12 -3.32
CA GLU A 447 52.57 -2.31 -2.11
C GLU A 447 53.42 -3.57 -2.19
N ILE A 448 52.92 -4.70 -2.70
CA ILE A 448 53.92 -5.78 -2.77
C ILE A 448 54.85 -5.58 -3.96
N PHE A 449 54.56 -4.69 -4.91
CA PHE A 449 55.53 -4.56 -6.01
C PHE A 449 56.20 -3.18 -5.98
N ALA A 450 56.01 -2.57 -4.82
CA ALA A 450 56.45 -1.24 -4.46
C ALA A 450 57.93 -1.01 -4.72
N THR A 451 58.79 -2.01 -4.55
CA THR A 451 60.22 -1.71 -4.76
C THR A 451 60.56 -1.49 -6.22
N THR A 452 59.59 -1.74 -7.10
CA THR A 452 59.84 -1.49 -8.52
C THR A 452 59.09 -0.27 -9.01
N GLY A 453 58.00 0.12 -8.35
CA GLY A 453 57.07 1.10 -8.88
C GLY A 453 55.72 0.46 -9.15
N GLY A 454 55.36 -0.45 -8.26
CA GLY A 454 54.06 -0.98 -8.09
C GLY A 454 53.68 -2.03 -9.12
N VAL A 455 54.70 -2.54 -9.82
CA VAL A 455 54.45 -3.53 -10.86
C VAL A 455 55.45 -4.66 -10.84
N PRO A 456 55.02 -5.84 -11.28
CA PRO A 456 55.97 -6.95 -11.43
C PRO A 456 56.78 -6.79 -12.72
N VAL A 457 57.94 -6.16 -12.57
CA VAL A 457 58.89 -6.00 -13.66
C VAL A 457 59.70 -7.26 -13.86
N PRO A 458 59.74 -7.80 -15.08
CA PRO A 458 60.60 -8.96 -15.33
C PRO A 458 62.05 -8.64 -14.96
N ASP A 459 62.53 -9.40 -14.00
CA ASP A 459 63.87 -9.33 -13.43
CA ASP A 459 63.87 -9.32 -13.41
C ASP A 459 64.20 -10.67 -12.78
N ASP A 460 65.13 -10.72 -11.83
CA ASP A 460 65.49 -12.01 -11.27
C ASP A 460 64.40 -12.58 -10.37
N ARG A 461 63.36 -11.80 -10.11
CA ARG A 461 62.32 -12.23 -9.18
C ARG A 461 60.96 -12.47 -9.81
N THR A 462 60.62 -11.79 -10.88
CA THR A 462 59.35 -11.97 -11.56
C THR A 462 59.55 -12.03 -13.08
N GLU A 463 58.48 -12.29 -13.81
CA GLU A 463 58.48 -12.33 -15.28
C GLU A 463 57.28 -11.57 -15.83
N GLY A 464 56.87 -10.52 -15.11
CA GLY A 464 55.81 -9.66 -15.59
C GLY A 464 54.44 -10.20 -15.24
N THR A 465 53.47 -9.92 -16.13
CA THR A 465 52.13 -10.49 -15.86
C THR A 465 51.58 -11.14 -17.12
N PHE A 466 50.36 -11.63 -17.12
CA PHE A 466 49.74 -12.51 -18.11
C PHE A 466 48.73 -11.81 -18.98
N ILE A 467 48.79 -11.90 -20.31
CA ILE A 467 47.88 -11.14 -21.14
C ILE A 467 46.40 -11.39 -20.84
N ASN A 468 46.00 -12.59 -20.42
CA ASN A 468 44.59 -12.85 -20.15
C ASN A 468 44.13 -12.29 -18.81
N TYR A 469 45.03 -11.55 -18.19
CA TYR A 469 44.85 -10.70 -17.04
C TYR A 469 45.10 -9.25 -17.43
N PRO A 470 44.28 -8.66 -18.28
CA PRO A 470 44.49 -7.25 -18.64
C PRO A 470 44.34 -6.35 -17.42
N ASP A 471 45.21 -5.34 -17.33
CA ASP A 471 45.10 -4.34 -16.27
C ASP A 471 45.47 -2.95 -16.84
N VAL A 472 44.44 -2.15 -17.08
CA VAL A 472 44.72 -0.90 -17.82
C VAL A 472 45.41 0.11 -16.93
N ASP A 473 45.50 -0.20 -15.64
CA ASP A 473 46.30 0.57 -14.70
C ASP A 473 47.78 0.49 -15.07
N LEU A 474 48.13 -0.52 -15.88
CA LEU A 474 49.53 -0.66 -16.30
C LEU A 474 49.95 0.50 -17.21
N VAL A 475 48.96 1.21 -17.73
CA VAL A 475 49.19 2.33 -18.63
C VAL A 475 48.85 3.65 -17.95
N ASP A 476 48.51 3.60 -16.66
CA ASP A 476 48.31 4.80 -15.87
C ASP A 476 49.54 5.13 -15.02
N GLU A 477 50.15 6.28 -15.32
CA GLU A 477 51.39 6.68 -14.66
C GLU A 477 51.14 7.17 -13.24
N ARG A 478 49.89 7.64 -13.03
CA ARG A 478 49.50 8.08 -11.71
C ARG A 478 49.12 6.91 -10.81
N TRP A 479 50.01 5.93 -10.77
CA TRP A 479 49.90 4.70 -10.04
C TRP A 479 51.24 4.00 -9.89
N ASN A 480 51.54 3.13 -10.86
CA ASN A 480 52.69 2.26 -10.69
C ASN A 480 53.60 2.31 -11.92
N THR A 481 54.09 1.17 -12.39
CA THR A 481 54.90 1.09 -13.59
C THR A 481 56.06 2.07 -13.60
N SER A 482 57.14 1.85 -12.86
CA SER A 482 58.19 2.87 -12.92
C SER A 482 59.26 2.57 -13.97
N GLY A 483 59.05 3.22 -15.11
CA GLY A 483 59.97 3.21 -16.20
C GLY A 483 59.71 2.14 -17.24
N VAL A 484 59.00 1.08 -16.84
CA VAL A 484 58.76 -0.07 -17.71
C VAL A 484 57.41 0.02 -18.40
N PRO A 485 57.37 -0.20 -19.71
CA PRO A 485 56.12 -0.10 -20.46
C PRO A 485 55.23 -1.31 -20.25
N TRP A 486 53.94 -1.19 -20.55
CA TRP A 486 53.02 -2.31 -20.36
C TRP A 486 53.41 -3.52 -21.20
N TYR A 487 53.99 -3.27 -22.37
CA TYR A 487 54.24 -4.39 -23.28
C TYR A 487 55.46 -5.20 -22.86
N THR A 488 56.44 -4.56 -22.23
CA THR A 488 57.52 -5.29 -21.56
C THR A 488 56.93 -6.23 -20.52
N LEU A 489 55.98 -5.67 -19.77
CA LEU A 489 55.38 -6.38 -18.66
C LEU A 489 54.74 -7.68 -19.15
N TYR A 490 54.00 -7.58 -20.25
CA TYR A 490 53.24 -8.77 -20.69
C TYR A 490 54.01 -9.69 -21.62
N TYR A 491 54.92 -9.19 -22.45
CA TYR A 491 55.53 -10.02 -23.49
C TYR A 491 57.05 -10.08 -23.46
N LYS A 492 57.70 -9.35 -22.56
CA LYS A 492 59.14 -9.23 -22.50
C LYS A 492 59.76 -9.04 -23.87
N GLY A 493 60.86 -9.69 -24.20
CA GLY A 493 61.54 -9.47 -25.47
C GLY A 493 60.78 -9.88 -26.71
N ASN A 494 59.56 -10.38 -26.54
CA ASN A 494 58.78 -10.89 -27.67
C ASN A 494 57.97 -9.82 -28.38
N TYR A 495 57.80 -8.66 -27.78
CA TYR A 495 56.96 -7.62 -28.35
C TYR A 495 57.34 -7.13 -29.74
N PRO A 496 58.60 -6.89 -30.03
CA PRO A 496 58.90 -6.34 -31.39
C PRO A 496 58.40 -7.30 -32.46
N ARG A 497 58.70 -8.59 -32.24
CA ARG A 497 58.27 -9.62 -33.19
C ARG A 497 56.75 -9.63 -33.34
N LEU A 498 56.01 -9.35 -32.25
CA LEU A 498 54.56 -9.20 -32.39
C LEU A 498 54.13 -7.91 -33.09
N GLN A 499 54.93 -6.86 -32.93
CA GLN A 499 54.62 -5.61 -33.62
C GLN A 499 54.68 -5.80 -35.14
N LYS A 500 55.65 -6.59 -35.60
CA LYS A 500 55.82 -6.77 -37.04
C LYS A 500 54.69 -7.60 -37.63
N VAL A 501 54.17 -8.53 -36.82
CA VAL A 501 52.98 -9.28 -37.22
C VAL A 501 51.78 -8.34 -37.33
N LYS A 502 51.66 -7.44 -36.36
CA LYS A 502 50.51 -6.52 -36.32
C LYS A 502 50.42 -5.75 -37.63
N ALA A 503 51.55 -5.26 -38.09
CA ALA A 503 51.70 -4.47 -39.30
C ALA A 503 51.42 -5.21 -40.59
N ARG A 504 51.71 -6.52 -40.60
CA ARG A 504 51.54 -7.31 -41.80
C ARG A 504 50.10 -7.79 -41.96
N TRP A 505 49.52 -8.29 -40.86
CA TRP A 505 48.18 -8.89 -41.05
C TRP A 505 47.03 -7.98 -40.66
N ASP A 506 47.31 -6.87 -39.99
CA ASP A 506 46.32 -5.82 -39.70
C ASP A 506 46.91 -4.43 -39.97
N PRO A 507 47.30 -4.12 -41.19
CA PRO A 507 47.86 -2.80 -41.51
C PRO A 507 46.93 -1.62 -41.23
N ARG A 508 45.63 -1.71 -41.43
CA ARG A 508 44.64 -0.69 -41.19
C ARG A 508 44.24 -0.61 -39.70
N ASP A 509 44.86 -1.35 -38.79
CA ASP A 509 44.52 -1.27 -37.36
C ASP A 509 43.02 -1.41 -37.13
N VAL A 510 42.46 -2.51 -37.66
CA VAL A 510 41.01 -2.70 -37.60
C VAL A 510 40.63 -3.30 -36.25
N PHE A 511 41.56 -4.09 -35.73
CA PHE A 511 41.42 -4.77 -34.44
C PHE A 511 42.31 -4.16 -33.37
N ARG A 512 41.63 -3.57 -32.39
CA ARG A 512 42.30 -2.80 -31.36
C ARG A 512 41.45 -2.75 -30.09
N HIS A 513 42.07 -2.31 -29.01
CA HIS A 513 41.47 -2.09 -27.69
C HIS A 513 42.58 -1.47 -26.82
N ALA A 514 42.27 -1.15 -25.58
CA ALA A 514 43.19 -0.46 -24.67
C ALA A 514 44.53 -1.14 -24.54
N LEU A 515 44.60 -2.47 -24.46
CA LEU A 515 45.98 -2.98 -24.19
C LEU A 515 46.51 -3.70 -25.41
N SER A 516 46.29 -3.10 -26.56
CA SER A 516 46.52 -3.61 -27.89
C SER A 516 47.96 -3.49 -28.37
N VAL A 517 48.44 -4.48 -29.11
CA VAL A 517 49.70 -4.47 -29.79
C VAL A 517 49.70 -3.39 -30.87
N ARG A 518 50.77 -2.58 -30.90
CA ARG A 518 50.84 -1.46 -31.83
C ARG A 518 51.81 -1.76 -32.97
N PRO A 519 51.54 -1.21 -34.14
CA PRO A 519 52.51 -1.35 -35.24
C PRO A 519 53.75 -0.54 -34.92
N PRO A 520 54.91 -0.89 -35.46
CA PRO A 520 56.16 -0.25 -35.06
C PRO A 520 56.35 1.14 -35.62
N ALA B 29 32.69 -38.02 -35.11
CA ALA B 29 33.34 -39.26 -34.71
C ALA B 29 32.50 -40.49 -35.08
N LEU B 30 33.17 -41.61 -35.24
CA LEU B 30 32.56 -42.93 -35.40
C LEU B 30 32.02 -43.44 -34.07
N VAL B 31 31.30 -44.56 -34.07
CA VAL B 31 30.76 -45.01 -32.79
C VAL B 31 31.86 -45.26 -31.77
N LYS B 32 31.58 -44.99 -30.52
CA LYS B 32 32.59 -45.20 -29.48
C LYS B 32 32.09 -46.25 -28.50
N VAL B 33 33.00 -47.17 -28.16
CA VAL B 33 32.59 -48.26 -27.27
C VAL B 33 33.48 -48.35 -26.05
N ASP B 34 32.88 -48.23 -24.85
CA ASP B 34 33.68 -48.19 -23.63
C ASP B 34 33.36 -49.34 -22.67
N ARG B 35 34.31 -50.26 -22.50
CA ARG B 35 34.14 -51.49 -21.75
C ARG B 35 34.87 -51.73 -20.44
N VAL B 36 36.19 -51.55 -20.40
CA VAL B 36 37.05 -51.65 -19.23
C VAL B 36 38.02 -50.45 -19.32
N ASP B 37 37.50 -49.48 -20.01
CA ASP B 37 38.14 -48.28 -20.55
C ASP B 37 38.16 -47.16 -19.52
N ARG B 38 39.12 -46.23 -19.64
CA ARG B 38 39.22 -45.18 -18.64
C ARG B 38 37.96 -44.34 -18.51
N ARG B 39 37.15 -44.32 -19.56
CA ARG B 39 35.98 -43.47 -19.66
C ARG B 39 34.74 -44.02 -18.99
N TYR B 40 34.79 -45.31 -18.60
CA TYR B 40 33.67 -45.98 -17.96
C TYR B 40 33.08 -45.26 -16.77
N GLN B 41 33.92 -44.99 -15.74
CA GLN B 41 33.34 -44.39 -14.54
C GLN B 41 32.65 -43.07 -14.87
N ASP B 42 33.30 -42.33 -15.76
CA ASP B 42 32.77 -41.04 -16.18
C ASP B 42 31.43 -41.18 -16.87
N LEU B 43 31.28 -42.16 -17.76
CA LEU B 43 29.97 -42.39 -18.40
C LEU B 43 28.94 -42.99 -17.45
N VAL B 44 29.35 -43.81 -16.49
CA VAL B 44 28.40 -44.56 -15.68
C VAL B 44 27.93 -43.81 -14.44
N THR B 45 28.54 -42.67 -14.10
CA THR B 45 28.06 -41.89 -12.96
C THR B 45 27.22 -40.67 -13.38
N ARG B 46 26.70 -40.69 -14.60
CA ARG B 46 26.02 -39.56 -15.20
C ARG B 46 24.62 -39.31 -14.72
N GLY B 47 23.99 -40.21 -13.95
CA GLY B 47 22.64 -39.80 -13.51
C GLY B 47 22.70 -38.59 -12.59
N PHE B 48 21.60 -37.85 -12.50
CA PHE B 48 21.41 -36.75 -11.59
C PHE B 48 21.34 -37.25 -10.15
N ASN B 49 20.57 -38.29 -9.90
CA ASN B 49 20.30 -38.85 -8.58
C ASN B 49 21.42 -39.73 -8.08
N GLY B 50 22.22 -39.26 -7.13
CA GLY B 50 23.34 -40.01 -6.56
C GLY B 50 22.96 -41.37 -5.99
N ARG B 51 21.68 -41.62 -5.78
CA ARG B 51 21.11 -42.84 -5.29
C ARG B 51 21.30 -44.01 -6.24
N PHE B 52 21.53 -43.79 -7.54
CA PHE B 52 21.59 -44.94 -8.45
C PHE B 52 22.74 -44.79 -9.46
N ARG B 53 23.69 -45.71 -9.40
CA ARG B 53 24.82 -45.86 -10.31
C ARG B 53 24.83 -47.28 -10.91
N GLY B 54 24.84 -47.35 -12.23
CA GLY B 54 24.72 -48.54 -13.04
C GLY B 54 26.01 -49.32 -13.21
N ARG B 55 25.93 -50.56 -13.67
CA ARG B 55 27.15 -51.32 -13.92
C ARG B 55 27.06 -52.09 -15.24
N PRO B 56 26.91 -51.38 -16.35
CA PRO B 56 26.74 -52.04 -17.65
C PRO B 56 28.02 -52.71 -18.12
N ASP B 57 27.91 -53.64 -19.09
CA ASP B 57 29.14 -54.18 -19.66
C ASP B 57 29.81 -53.16 -20.58
N VAL B 58 28.96 -52.32 -21.16
CA VAL B 58 29.42 -51.40 -22.22
C VAL B 58 28.61 -50.12 -22.15
N VAL B 59 29.27 -49.00 -22.47
CA VAL B 59 28.58 -47.73 -22.72
C VAL B 59 28.85 -47.31 -24.17
N TYR B 60 27.79 -47.11 -24.94
CA TYR B 60 27.90 -46.75 -26.35
C TYR B 60 27.72 -45.24 -26.52
N VAL B 61 28.77 -44.58 -27.02
CA VAL B 61 28.72 -43.14 -27.28
C VAL B 61 28.46 -42.94 -28.79
N VAL B 62 27.23 -42.54 -29.09
CA VAL B 62 26.69 -42.45 -30.44
C VAL B 62 26.77 -41.02 -30.99
N HIS B 63 26.94 -40.89 -32.31
CA HIS B 63 26.95 -39.52 -32.86
C HIS B 63 25.94 -39.31 -33.98
N THR B 64 25.46 -40.41 -34.55
CA THR B 64 24.45 -40.35 -35.59
C THR B 64 23.36 -41.37 -35.31
N ALA B 65 22.30 -41.30 -36.11
CA ALA B 65 21.20 -42.26 -35.94
C ALA B 65 21.70 -43.64 -36.35
N ASP B 66 22.39 -43.72 -37.49
CA ASP B 66 22.90 -45.02 -37.94
C ASP B 66 23.78 -45.70 -36.89
N GLN B 67 24.53 -44.88 -36.16
CA GLN B 67 25.38 -45.42 -35.08
C GLN B 67 24.50 -45.85 -33.92
N VAL B 68 23.33 -45.25 -33.79
CA VAL B 68 22.37 -45.73 -32.79
C VAL B 68 21.87 -47.12 -33.22
N VAL B 69 21.48 -47.27 -34.47
CA VAL B 69 21.10 -48.57 -35.02
C VAL B 69 22.18 -49.62 -34.81
N ASP B 70 23.43 -49.23 -35.00
CA ASP B 70 24.56 -50.17 -34.95
C ASP B 70 24.79 -50.61 -33.51
N ALA B 71 24.71 -49.63 -32.61
CA ALA B 71 24.69 -49.81 -31.17
C ALA B 71 23.63 -50.79 -30.71
N VAL B 72 22.41 -50.65 -31.21
CA VAL B 72 21.32 -51.55 -30.79
C VAL B 72 21.53 -52.95 -31.36
N ASN B 73 21.92 -53.06 -32.64
CA ASN B 73 22.13 -54.39 -33.19
C ASN B 73 23.20 -55.15 -32.41
N GLN B 74 24.26 -54.48 -31.99
CA GLN B 74 25.36 -55.14 -31.30
C GLN B 74 24.86 -55.67 -29.96
N ALA B 75 24.16 -54.83 -29.21
CA ALA B 75 23.67 -55.26 -27.89
C ALA B 75 22.76 -56.45 -27.97
N MET B 76 21.85 -56.47 -28.96
CA MET B 76 20.92 -57.61 -28.98
C MET B 76 21.66 -58.91 -29.25
N ALA B 77 22.63 -58.87 -30.15
CA ALA B 77 23.44 -60.07 -30.38
C ALA B 77 24.18 -60.49 -29.11
N ALA B 78 24.36 -59.60 -28.16
CA ALA B 78 25.13 -59.92 -26.96
C ALA B 78 24.22 -60.16 -25.76
N GLY B 79 22.92 -60.04 -25.98
CA GLY B 79 21.90 -60.27 -24.98
C GLY B 79 21.91 -59.28 -23.82
N GLN B 80 22.51 -58.12 -24.02
CA GLN B 80 22.64 -57.09 -23.00
C GLN B 80 21.38 -56.22 -22.95
N ARG B 81 20.67 -56.15 -21.83
CA ARG B 81 19.48 -55.31 -21.73
C ARG B 81 19.86 -53.83 -21.94
N ILE B 82 19.17 -53.14 -22.81
CA ILE B 82 19.44 -51.77 -23.23
C ILE B 82 18.77 -50.69 -22.38
N ALA B 83 19.48 -49.57 -22.24
CA ALA B 83 18.92 -48.34 -21.69
C ALA B 83 19.66 -47.14 -22.32
N VAL B 84 18.96 -46.08 -22.54
CA VAL B 84 19.31 -44.84 -23.19
C VAL B 84 19.43 -43.69 -22.21
N ARG B 85 20.54 -42.96 -22.31
CA ARG B 85 20.64 -41.75 -21.49
C ARG B 85 20.96 -40.55 -22.37
N SER B 86 20.18 -39.50 -22.22
CA SER B 86 20.43 -38.23 -22.90
C SER B 86 20.96 -37.21 -21.89
N GLY B 87 20.12 -36.68 -21.02
CA GLY B 87 20.58 -35.75 -19.99
C GLY B 87 20.91 -36.36 -18.64
N GLY B 88 20.39 -37.54 -18.30
CA GLY B 88 20.69 -38.20 -17.03
C GLY B 88 19.77 -37.75 -15.91
N HIS B 89 18.65 -37.09 -16.20
CA HIS B 89 17.89 -36.47 -15.10
C HIS B 89 16.77 -37.36 -14.57
N CYS B 90 16.55 -38.54 -15.14
CA CYS B 90 15.59 -39.53 -14.65
C CYS B 90 15.58 -39.62 -13.13
N PHE B 91 14.45 -39.31 -12.49
CA PHE B 91 14.43 -39.19 -11.04
C PHE B 91 14.57 -40.54 -10.36
N GLU B 92 14.21 -41.61 -11.08
CA GLU B 92 14.22 -42.96 -10.54
C GLU B 92 15.40 -43.77 -11.06
N GLY B 93 16.23 -43.18 -11.93
CA GLY B 93 17.44 -43.80 -12.39
C GLY B 93 17.27 -45.17 -13.03
N PHE B 94 16.19 -45.30 -13.80
CA PHE B 94 15.85 -46.52 -14.55
C PHE B 94 17.00 -46.99 -15.40
N VAL B 95 17.76 -46.01 -15.90
CA VAL B 95 18.93 -46.28 -16.72
C VAL B 95 20.01 -47.02 -15.96
N ASP B 96 20.09 -46.72 -14.66
CA ASP B 96 21.16 -47.28 -13.84
C ASP B 96 20.71 -48.56 -13.12
N ASP B 97 19.55 -49.09 -13.46
CA ASP B 97 19.13 -50.37 -12.87
C ASP B 97 20.18 -51.45 -13.12
N PRO B 98 20.55 -52.27 -12.16
CA PRO B 98 21.69 -53.17 -12.32
C PRO B 98 21.54 -54.18 -13.45
N ALA B 99 20.35 -54.35 -13.97
CA ALA B 99 20.08 -55.27 -15.06
C ALA B 99 20.33 -54.63 -16.42
N VAL B 100 20.53 -53.33 -16.49
CA VAL B 100 20.93 -52.70 -17.76
C VAL B 100 22.36 -53.09 -18.07
N ARG B 101 22.67 -53.51 -19.30
CA ARG B 101 23.98 -54.04 -19.63
C ARG B 101 24.64 -53.32 -20.80
N ALA B 102 23.81 -52.63 -21.57
CA ALA B 102 24.31 -51.67 -22.54
C ALA B 102 23.58 -50.36 -22.36
N VAL B 103 24.35 -49.30 -22.06
CA VAL B 103 23.77 -47.98 -22.01
C VAL B 103 24.12 -47.25 -23.31
N ILE B 104 23.09 -46.59 -23.87
CA ILE B 104 23.33 -45.87 -25.12
C ILE B 104 23.26 -44.37 -24.85
N ASP B 105 24.42 -43.74 -24.94
CA ASP B 105 24.57 -42.36 -24.48
C ASP B 105 24.58 -41.34 -25.62
N MET B 106 23.71 -40.35 -25.49
CA MET B 106 23.39 -39.38 -26.52
C MET B 106 24.07 -38.03 -26.34
N SER B 107 25.10 -37.95 -25.52
CA SER B 107 25.68 -36.69 -25.09
C SER B 107 26.39 -35.88 -26.18
N GLN B 108 26.84 -36.57 -27.20
CA GLN B 108 27.54 -36.05 -28.35
C GLN B 108 26.63 -35.70 -29.51
N MET B 109 25.33 -35.90 -29.31
CA MET B 109 24.38 -35.57 -30.37
C MET B 109 23.45 -34.47 -29.85
N ARG B 110 23.90 -33.24 -30.06
CA ARG B 110 23.33 -31.97 -29.63
C ARG B 110 23.01 -31.01 -30.78
N GLN B 111 22.77 -31.44 -32.01
CA GLN B 111 22.50 -30.53 -33.11
C GLN B 111 21.12 -29.87 -33.08
N VAL B 112 21.13 -28.55 -33.25
CA VAL B 112 19.91 -27.75 -33.25
C VAL B 112 19.89 -26.83 -34.47
N PHE B 113 18.93 -26.96 -35.37
CA PHE B 113 19.03 -26.21 -36.62
C PHE B 113 17.68 -26.02 -37.29
N TYR B 114 17.56 -24.98 -38.12
CA TYR B 114 16.31 -24.81 -38.88
C TYR B 114 16.43 -25.53 -40.22
N ASP B 115 15.40 -26.30 -40.54
CA ASP B 115 15.42 -26.97 -41.84
C ASP B 115 14.41 -26.32 -42.77
N SER B 116 14.89 -25.88 -43.92
CA SER B 116 14.04 -25.21 -44.88
C SER B 116 12.99 -26.19 -45.41
N GLY B 117 13.43 -27.43 -45.64
CA GLY B 117 12.55 -28.41 -46.23
C GLY B 117 11.36 -28.71 -45.34
N LYS B 118 11.66 -29.26 -44.17
CA LYS B 118 10.70 -29.70 -43.17
C LYS B 118 9.82 -28.55 -42.69
N ARG B 119 10.27 -27.32 -42.92
CA ARG B 119 9.50 -26.18 -42.39
C ARG B 119 9.37 -26.38 -40.87
N ALA B 120 10.49 -26.83 -40.32
CA ALA B 120 10.49 -27.23 -38.90
C ALA B 120 11.90 -27.30 -38.35
N PHE B 121 12.00 -27.05 -37.04
CA PHE B 121 13.30 -26.98 -36.39
C PHE B 121 13.69 -28.33 -35.78
N ALA B 122 14.90 -28.81 -36.05
CA ALA B 122 15.42 -30.07 -35.52
C ALA B 122 16.23 -29.90 -34.24
N VAL B 123 16.03 -30.76 -33.24
CA VAL B 123 16.83 -30.71 -32.00
C VAL B 123 17.19 -32.15 -31.59
N GLU B 124 18.47 -32.41 -31.37
CA GLU B 124 18.98 -33.75 -31.09
C GLU B 124 18.83 -34.04 -29.61
N PRO B 125 18.54 -35.27 -29.22
CA PRO B 125 18.22 -35.57 -27.81
C PRO B 125 19.41 -35.36 -26.88
N GLY B 126 20.61 -35.15 -27.40
CA GLY B 126 21.79 -34.93 -26.58
C GLY B 126 21.87 -33.48 -26.11
N ALA B 127 21.30 -32.58 -26.91
CA ALA B 127 21.24 -31.18 -26.55
C ALA B 127 20.54 -31.00 -25.21
N THR B 128 21.02 -30.02 -24.46
CA THR B 128 20.53 -29.63 -23.13
C THR B 128 19.41 -28.64 -23.26
N LEU B 129 18.46 -28.47 -22.34
CA LEU B 129 17.40 -27.48 -22.55
C LEU B 129 18.01 -26.08 -22.73
N GLY B 130 19.07 -25.80 -21.98
CA GLY B 130 19.76 -24.53 -22.10
C GLY B 130 20.36 -24.27 -23.46
N GLU B 131 21.04 -25.27 -24.02
CA GLU B 131 21.62 -25.14 -25.35
C GLU B 131 20.54 -24.92 -26.41
N THR B 132 19.41 -25.60 -26.28
CA THR B 132 18.34 -25.44 -27.28
C THR B 132 17.71 -24.05 -27.23
N TYR B 133 17.62 -23.50 -26.02
CA TYR B 133 17.02 -22.19 -25.83
C TYR B 133 17.88 -21.12 -26.50
N ARG B 134 19.19 -21.20 -26.30
CA ARG B 134 20.13 -20.23 -26.84
C ARG B 134 20.12 -20.22 -28.37
N ALA B 135 20.23 -21.39 -29.01
CA ALA B 135 20.26 -21.38 -30.47
C ALA B 135 18.95 -20.96 -31.11
N LEU B 136 17.80 -21.31 -30.53
CA LEU B 136 16.53 -20.89 -31.14
C LEU B 136 16.35 -19.39 -30.94
N TYR B 137 16.75 -18.94 -29.75
CA TYR B 137 16.58 -17.54 -29.41
C TYR B 137 17.51 -16.63 -30.20
N LEU B 138 18.81 -16.89 -30.12
CA LEU B 138 19.77 -16.01 -30.75
C LEU B 138 19.58 -16.01 -32.27
N ASP B 139 19.24 -17.16 -32.85
CA ASP B 139 19.12 -17.21 -34.31
C ASP B 139 17.77 -16.69 -34.80
N TRP B 140 16.66 -16.88 -34.08
CA TRP B 140 15.35 -16.56 -34.61
C TRP B 140 14.45 -15.79 -33.65
N GLY B 141 14.89 -15.46 -32.45
CA GLY B 141 14.04 -14.77 -31.48
C GLY B 141 12.90 -15.61 -30.94
N VAL B 142 13.05 -16.92 -31.07
CA VAL B 142 11.94 -17.83 -30.78
C VAL B 142 12.32 -18.86 -29.73
N THR B 143 11.36 -19.63 -29.24
CA THR B 143 11.48 -20.55 -28.11
C THR B 143 10.41 -21.65 -28.15
N ILE B 144 10.41 -22.53 -27.15
CA ILE B 144 9.49 -23.63 -26.93
C ILE B 144 9.15 -23.72 -25.44
N PRO B 145 7.92 -24.10 -25.09
CA PRO B 145 7.54 -24.17 -23.66
C PRO B 145 7.99 -25.43 -22.94
N ALA B 146 9.30 -25.57 -22.82
CA ALA B 146 9.91 -26.68 -22.13
C ALA B 146 10.25 -26.30 -20.68
N GLY B 147 10.99 -27.16 -19.99
CA GLY B 147 11.24 -27.06 -18.58
C GLY B 147 12.13 -25.92 -18.14
N VAL B 148 12.20 -25.76 -16.83
CA VAL B 148 13.01 -24.83 -16.09
C VAL B 148 14.48 -25.20 -15.96
N CYS B 149 14.83 -26.48 -15.81
CA CYS B 149 16.27 -26.73 -15.57
C CYS B 149 17.10 -26.69 -16.83
N PRO B 150 18.13 -25.84 -16.90
CA PRO B 150 18.89 -25.70 -18.15
C PRO B 150 19.71 -26.94 -18.50
N GLN B 151 20.12 -27.72 -17.51
CA GLN B 151 20.96 -28.89 -17.68
C GLN B 151 20.16 -30.13 -18.11
N VAL B 152 18.83 -30.05 -18.09
CA VAL B 152 18.02 -31.22 -18.44
C VAL B 152 18.26 -31.59 -19.90
N GLY B 153 18.28 -32.87 -20.24
CA GLY B 153 18.32 -33.22 -21.66
C GLY B 153 16.96 -33.20 -22.31
N VAL B 154 17.00 -32.88 -23.60
CA VAL B 154 15.82 -32.84 -24.44
C VAL B 154 15.27 -34.25 -24.66
N GLY B 155 16.20 -35.17 -24.89
CA GLY B 155 15.90 -36.57 -25.22
C GLY B 155 14.77 -37.16 -24.40
N GLY B 156 15.01 -37.36 -23.11
CA GLY B 156 13.96 -38.01 -22.31
C GLY B 156 13.09 -37.01 -21.57
N HIS B 157 13.06 -35.77 -22.04
CA HIS B 157 12.27 -34.67 -21.49
C HIS B 157 11.07 -34.34 -22.37
N VAL B 158 11.29 -34.22 -23.67
CA VAL B 158 10.17 -33.88 -24.53
C VAL B 158 9.15 -34.98 -24.74
N LEU B 159 9.50 -36.28 -24.81
CA LEU B 159 8.40 -37.20 -25.09
C LEU B 159 7.56 -37.51 -23.84
N GLY B 160 7.89 -36.90 -22.71
CA GLY B 160 7.07 -37.02 -21.51
C GLY B 160 6.10 -35.87 -21.35
N GLY B 161 6.21 -34.86 -22.21
CA GLY B 161 5.31 -33.72 -22.11
C GLY B 161 5.91 -32.62 -21.25
N GLY B 162 7.16 -32.27 -21.52
CA GLY B 162 7.87 -31.20 -20.85
C GLY B 162 7.02 -29.95 -20.71
N TYR B 163 7.01 -29.37 -19.52
CA TYR B 163 6.30 -28.12 -19.25
C TYR B 163 7.23 -27.15 -18.52
N GLY B 164 6.94 -25.85 -18.60
CA GLY B 164 7.78 -24.85 -17.96
C GLY B 164 7.05 -23.56 -17.66
N PRO B 165 7.81 -22.53 -17.31
CA PRO B 165 7.32 -21.19 -17.07
C PRO B 165 6.43 -20.62 -18.16
N LEU B 166 6.62 -21.06 -19.41
CA LEU B 166 5.78 -20.51 -20.49
C LEU B 166 4.69 -21.49 -20.91
N SER B 167 4.50 -22.63 -20.23
CA SER B 167 3.37 -23.48 -20.64
C SER B 167 2.04 -22.81 -20.35
N ARG B 168 1.91 -21.88 -19.38
CA ARG B 168 0.55 -21.33 -19.26
C ARG B 168 0.26 -20.46 -20.48
N ARG B 169 1.31 -19.96 -21.11
CA ARG B 169 1.10 -19.12 -22.28
C ARG B 169 1.02 -19.90 -23.58
N ASP B 170 1.93 -20.85 -23.81
CA ASP B 170 2.05 -21.53 -25.08
C ASP B 170 1.81 -23.04 -24.99
N GLY B 171 1.50 -23.59 -23.82
CA GLY B 171 1.20 -25.02 -23.74
C GLY B 171 2.39 -25.90 -23.42
N VAL B 172 2.21 -27.23 -23.47
CA VAL B 172 3.29 -28.16 -23.15
C VAL B 172 4.26 -28.22 -24.32
N VAL B 173 5.52 -28.62 -24.11
CA VAL B 173 6.49 -28.59 -25.21
C VAL B 173 6.04 -29.51 -26.33
N ALA B 174 5.33 -30.57 -25.98
CA ALA B 174 4.81 -31.57 -26.89
C ALA B 174 3.65 -31.11 -27.75
N ASP B 175 3.08 -29.94 -27.48
CA ASP B 175 2.01 -29.41 -28.31
C ASP B 175 2.61 -28.69 -29.53
N HIS B 176 3.93 -28.62 -29.61
CA HIS B 176 4.65 -27.95 -30.70
C HIS B 176 5.61 -28.92 -31.37
N LEU B 177 5.33 -30.21 -31.16
CA LEU B 177 6.12 -31.29 -31.71
C LEU B 177 5.51 -31.78 -33.03
N TYR B 178 6.27 -31.59 -34.11
CA TYR B 178 5.77 -31.94 -35.44
C TYR B 178 6.13 -33.38 -35.82
N ALA B 179 7.38 -33.77 -35.57
CA ALA B 179 7.84 -35.09 -35.92
C ALA B 179 8.87 -35.67 -34.95
N VAL B 180 9.02 -37.00 -35.01
CA VAL B 180 10.15 -37.63 -34.34
C VAL B 180 10.84 -38.61 -35.28
N GLU B 181 12.16 -38.67 -35.20
CA GLU B 181 13.00 -39.72 -35.74
C GLU B 181 13.39 -40.70 -34.61
N VAL B 182 12.99 -41.97 -34.74
CA VAL B 182 13.22 -42.99 -33.73
C VAL B 182 13.84 -44.25 -34.31
N VAL B 183 14.72 -44.87 -33.54
CA VAL B 183 15.27 -46.15 -33.93
C VAL B 183 14.49 -47.23 -33.17
N VAL B 184 13.94 -48.15 -33.94
CA VAL B 184 13.08 -49.21 -33.44
C VAL B 184 13.58 -50.58 -33.90
N VAL B 185 13.10 -51.61 -33.24
CA VAL B 185 13.47 -52.96 -33.58
C VAL B 185 12.24 -53.72 -34.09
N ASP B 186 12.43 -54.29 -35.26
CA ASP B 186 11.74 -55.22 -36.07
C ASP B 186 11.24 -56.44 -35.28
N ALA B 187 10.15 -57.02 -35.77
CA ALA B 187 9.66 -58.25 -35.15
C ALA B 187 10.68 -59.37 -35.38
N SER B 188 11.44 -59.18 -36.46
CA SER B 188 12.55 -59.97 -36.94
C SER B 188 13.81 -59.67 -36.13
N GLY B 189 13.80 -58.55 -35.40
CA GLY B 189 14.88 -58.26 -34.48
C GLY B 189 16.00 -57.46 -35.13
N ARG B 190 15.68 -56.68 -36.15
CA ARG B 190 16.63 -55.72 -36.68
C ARG B 190 16.26 -54.31 -36.20
N ALA B 191 17.26 -53.56 -35.78
CA ALA B 191 17.02 -52.15 -35.46
C ALA B 191 16.99 -51.36 -36.77
N ARG B 192 16.06 -50.42 -36.88
CA ARG B 192 15.85 -49.67 -38.12
C ARG B 192 15.44 -48.21 -37.87
N LYS B 193 15.64 -47.34 -38.85
CA LYS B 193 15.25 -45.93 -38.64
C LYS B 193 13.83 -45.69 -39.13
N VAL B 194 12.96 -45.14 -38.29
CA VAL B 194 11.62 -44.73 -38.64
C VAL B 194 11.40 -43.23 -38.37
N VAL B 195 10.56 -42.66 -39.21
CA VAL B 195 10.12 -41.28 -39.21
C VAL B 195 8.62 -41.23 -38.94
N ALA B 196 8.18 -40.34 -38.07
CA ALA B 196 6.77 -40.23 -37.73
C ALA B 196 6.38 -38.80 -37.42
N THR B 197 5.34 -38.32 -38.08
CA THR B 197 4.84 -36.96 -37.98
C THR B 197 3.38 -36.95 -37.59
N SER B 198 2.82 -35.78 -37.32
CA SER B 198 1.47 -35.53 -36.88
C SER B 198 0.48 -35.38 -38.03
N ALA B 199 0.92 -35.67 -39.27
CA ALA B 199 -0.03 -35.54 -40.38
C ALA B 199 -1.17 -36.56 -40.20
N ALA B 200 -2.40 -36.09 -40.32
CA ALA B 200 -3.55 -36.98 -40.08
C ALA B 200 -3.45 -38.30 -40.84
N ASP B 201 -2.85 -38.25 -42.01
CA ASP B 201 -2.64 -39.24 -43.03
C ASP B 201 -1.30 -39.94 -43.03
N ASP B 202 -0.44 -39.68 -42.04
CA ASP B 202 0.86 -40.36 -41.97
C ASP B 202 0.64 -41.76 -41.39
N PRO B 203 1.13 -42.79 -42.07
CA PRO B 203 0.90 -44.17 -41.66
C PRO B 203 1.61 -44.56 -40.37
N ASN B 204 2.42 -43.67 -39.81
CA ASN B 204 3.11 -43.89 -38.54
C ASN B 204 2.54 -42.98 -37.45
N ARG B 205 1.36 -42.41 -37.66
CA ARG B 205 0.91 -41.31 -36.81
C ARG B 205 0.79 -41.73 -35.36
N GLU B 206 0.26 -42.92 -35.11
CA GLU B 206 0.15 -43.31 -33.71
C GLU B 206 1.53 -43.36 -33.07
N LEU B 207 2.60 -43.60 -33.82
CA LEU B 207 3.95 -43.54 -33.23
C LEU B 207 4.26 -42.12 -32.75
N TRP B 208 3.92 -41.12 -33.57
CA TRP B 208 4.17 -39.73 -33.19
C TRP B 208 3.36 -39.38 -31.94
N TRP B 209 2.09 -39.80 -31.94
CA TRP B 209 1.19 -39.62 -30.82
C TRP B 209 1.84 -39.97 -29.48
N ALA B 210 2.48 -41.14 -29.48
CA ALA B 210 3.13 -41.71 -28.31
C ALA B 210 4.28 -40.83 -27.83
N HIS B 211 4.90 -40.05 -28.71
CA HIS B 211 6.07 -39.25 -28.28
C HIS B 211 5.63 -37.89 -27.75
N THR B 212 4.32 -37.64 -27.70
CA THR B 212 3.83 -36.40 -27.12
C THR B 212 3.27 -36.62 -25.71
N GLY B 213 3.96 -37.46 -24.95
CA GLY B 213 3.54 -37.75 -23.58
C GLY B 213 3.83 -39.19 -23.21
N GLY B 214 3.92 -39.45 -21.90
CA GLY B 214 4.49 -40.61 -21.30
C GLY B 214 5.32 -41.59 -22.10
N GLY B 215 6.16 -41.07 -22.98
CA GLY B 215 7.11 -41.74 -23.84
C GLY B 215 8.32 -42.31 -23.13
N GLY B 216 9.09 -41.50 -22.39
CA GLY B 216 10.18 -41.96 -21.58
C GLY B 216 11.16 -42.91 -22.24
N GLY B 217 11.02 -44.22 -22.10
CA GLY B 217 11.99 -45.11 -22.75
C GLY B 217 11.38 -46.44 -23.12
N ASN B 218 10.23 -46.38 -23.79
CA ASN B 218 9.51 -47.63 -24.05
C ASN B 218 9.24 -47.92 -25.51
N PHE B 219 9.35 -46.94 -26.42
CA PHE B 219 8.99 -47.29 -27.81
C PHE B 219 10.19 -47.46 -28.71
N GLY B 220 11.30 -46.87 -28.32
CA GLY B 220 12.57 -47.00 -28.99
C GLY B 220 13.40 -45.78 -28.64
N ILE B 221 14.33 -45.42 -29.51
CA ILE B 221 15.23 -44.32 -29.23
C ILE B 221 15.01 -43.19 -30.23
N VAL B 222 14.61 -42.03 -29.75
CA VAL B 222 14.51 -40.84 -30.58
C VAL B 222 15.90 -40.31 -30.90
N THR B 223 16.20 -40.14 -32.19
CA THR B 223 17.47 -39.62 -32.62
C THR B 223 17.33 -38.17 -33.08
N ARG B 224 16.10 -37.73 -33.31
CA ARG B 224 15.91 -36.29 -33.59
C ARG B 224 14.47 -35.87 -33.40
N TYR B 225 14.25 -34.64 -32.92
CA TYR B 225 12.91 -34.10 -32.75
C TYR B 225 12.74 -32.91 -33.70
N TRP B 226 11.52 -32.70 -34.17
CA TRP B 226 11.21 -31.58 -35.05
C TRP B 226 10.00 -30.83 -34.49
N PHE B 227 10.19 -29.53 -34.34
CA PHE B 227 9.25 -28.63 -33.71
C PHE B 227 8.61 -27.62 -34.65
N ARG B 228 7.31 -27.53 -34.50
CA ARG B 228 6.48 -26.62 -35.28
C ARG B 228 5.16 -26.41 -34.57
N THR B 229 4.84 -25.15 -34.25
CA THR B 229 3.50 -24.85 -33.78
C THR B 229 2.47 -25.31 -34.82
N PRO B 230 1.56 -26.19 -34.43
CA PRO B 230 0.54 -26.69 -35.35
C PRO B 230 -0.20 -25.53 -35.99
N GLY B 231 -0.53 -24.50 -35.23
CA GLY B 231 -1.15 -23.33 -35.89
C GLY B 231 -0.04 -22.57 -36.64
N ALA B 232 0.46 -23.17 -37.71
CA ALA B 232 1.57 -22.69 -38.51
C ALA B 232 1.06 -22.01 -39.77
N THR B 233 1.98 -21.69 -40.66
CA THR B 233 1.88 -21.16 -42.00
C THR B 233 3.14 -20.42 -42.46
N GLY B 234 3.56 -20.63 -43.71
CA GLY B 234 4.66 -19.89 -44.27
C GLY B 234 6.06 -20.42 -44.05
N THR B 235 7.05 -19.67 -44.53
CA THR B 235 8.44 -20.08 -44.60
C THR B 235 9.37 -19.26 -43.71
N ASP B 236 8.85 -18.30 -42.95
CA ASP B 236 9.68 -17.47 -42.07
C ASP B 236 9.84 -18.09 -40.68
N PRO B 237 10.98 -18.69 -40.36
CA PRO B 237 11.08 -19.46 -39.10
C PRO B 237 10.86 -18.61 -37.85
N SER B 238 11.01 -17.31 -37.98
CA SER B 238 10.74 -16.37 -36.88
C SER B 238 9.30 -16.46 -36.40
N GLN B 239 8.41 -17.03 -37.19
CA GLN B 239 6.99 -17.04 -36.85
C GLN B 239 6.39 -18.44 -36.94
N LEU B 240 7.25 -19.43 -36.84
CA LEU B 240 6.91 -20.85 -36.81
C LEU B 240 6.95 -21.44 -35.41
N LEU B 241 7.35 -20.69 -34.41
CA LEU B 241 7.30 -21.15 -33.01
C LEU B 241 7.00 -19.94 -32.13
N PRO B 242 6.64 -20.09 -30.86
CA PRO B 242 6.36 -18.93 -29.99
C PRO B 242 7.50 -17.96 -29.83
N LYS B 243 7.15 -16.64 -29.82
CA LYS B 243 8.26 -15.71 -29.68
C LYS B 243 8.65 -15.53 -28.21
N ALA B 244 9.91 -15.53 -27.93
CA ALA B 244 10.30 -15.40 -26.52
C ALA B 244 9.72 -14.10 -25.96
N PRO B 245 9.46 -14.07 -24.66
CA PRO B 245 9.01 -12.84 -24.01
C PRO B 245 10.05 -11.75 -24.16
N THR B 246 9.63 -10.49 -24.03
CA THR B 246 10.52 -9.34 -24.22
C THR B 246 11.58 -9.27 -23.14
N SER B 247 11.13 -9.49 -21.89
CA SER B 247 12.07 -9.52 -20.77
C SER B 247 11.55 -10.42 -19.67
N THR B 248 12.33 -10.58 -18.60
CA THR B 248 11.85 -11.36 -17.46
C THR B 248 11.58 -10.47 -16.25
N LEU B 249 10.32 -10.25 -15.94
CA LEU B 249 10.04 -9.47 -14.72
C LEU B 249 9.85 -10.43 -13.55
N ARG B 250 10.67 -10.39 -12.51
CA ARG B 250 10.61 -11.41 -11.45
C ARG B 250 10.40 -10.85 -10.04
N HIS B 251 9.52 -11.51 -9.28
CA HIS B 251 9.25 -11.20 -7.88
C HIS B 251 9.40 -12.48 -7.03
N ILE B 252 10.26 -12.43 -6.03
CA ILE B 252 10.49 -13.53 -5.11
C ILE B 252 10.01 -13.15 -3.71
N VAL B 253 8.97 -13.80 -3.24
CA VAL B 253 8.25 -13.46 -2.02
C VAL B 253 8.40 -14.57 -0.98
N THR B 254 8.87 -14.17 0.19
CA THR B 254 9.18 -15.11 1.27
C THR B 254 8.52 -14.76 2.60
N TRP B 255 8.01 -15.78 3.27
CA TRP B 255 7.47 -15.74 4.61
C TRP B 255 8.30 -16.69 5.50
N ASP B 256 8.79 -16.16 6.61
CA ASP B 256 9.70 -16.91 7.47
C ASP B 256 8.89 -17.78 8.42
N TRP B 257 9.25 -19.04 8.60
CA TRP B 257 8.49 -20.00 9.38
C TRP B 257 8.24 -19.48 10.79
N SER B 258 9.10 -18.60 11.29
CA SER B 258 8.98 -18.12 12.66
C SER B 258 7.61 -17.51 12.91
N ALA B 259 7.00 -16.96 11.85
CA ALA B 259 5.71 -16.33 12.01
C ALA B 259 4.58 -17.23 11.52
N LEU B 260 4.93 -18.36 10.91
CA LEU B 260 3.86 -19.22 10.39
C LEU B 260 3.20 -20.08 11.49
N THR B 261 1.90 -19.87 11.55
CA THR B 261 0.97 -20.56 12.42
C THR B 261 -0.01 -21.36 11.56
N GLU B 262 -0.68 -22.33 12.15
CA GLU B 262 -1.71 -23.11 11.49
C GLU B 262 -2.65 -22.29 10.63
N GLU B 263 -3.30 -21.30 11.25
CA GLU B 263 -4.26 -20.51 10.48
C GLU B 263 -3.61 -19.80 9.31
N ALA B 264 -2.59 -18.98 9.50
CA ALA B 264 -1.95 -18.13 8.51
C ALA B 264 -1.25 -18.91 7.40
N PHE B 265 -0.62 -20.04 7.73
CA PHE B 265 -0.09 -20.92 6.69
C PHE B 265 -1.25 -21.41 5.81
N THR B 266 -2.32 -21.80 6.48
CA THR B 266 -3.52 -22.29 5.82
C THR B 266 -4.25 -21.18 5.08
N ARG B 267 -4.11 -19.92 5.47
CA ARG B 267 -4.73 -18.89 4.62
C ARG B 267 -3.92 -18.73 3.33
N ILE B 268 -2.60 -18.65 3.47
CA ILE B 268 -1.71 -18.44 2.32
C ILE B 268 -1.98 -19.51 1.25
N ILE B 269 -2.20 -20.74 1.73
CA ILE B 269 -2.44 -21.86 0.85
C ILE B 269 -3.77 -21.68 0.11
N ASP B 270 -4.82 -21.36 0.84
CA ASP B 270 -6.15 -21.28 0.23
C ASP B 270 -6.26 -20.08 -0.69
N ASN B 271 -5.70 -18.93 -0.29
CA ASN B 271 -5.68 -17.81 -1.23
C ASN B 271 -5.04 -18.23 -2.56
N HIS B 272 -3.90 -18.91 -2.48
CA HIS B 272 -3.17 -19.40 -3.66
C HIS B 272 -4.04 -20.34 -4.47
N GLY B 273 -4.60 -21.38 -3.85
CA GLY B 273 -5.61 -22.21 -4.47
C GLY B 273 -6.71 -21.48 -5.19
N ALA B 274 -7.35 -20.53 -4.51
CA ALA B 274 -8.49 -19.81 -5.07
C ALA B 274 -8.09 -18.86 -6.20
N TRP B 275 -6.86 -18.33 -6.16
CA TRP B 275 -6.43 -17.44 -7.25
C TRP B 275 -6.31 -18.24 -8.54
N HIS B 276 -5.62 -19.35 -8.47
CA HIS B 276 -5.37 -20.25 -9.58
C HIS B 276 -6.65 -20.81 -10.17
N GLN B 277 -7.70 -20.90 -9.34
CA GLN B 277 -8.98 -21.26 -9.96
C GLN B 277 -9.48 -20.08 -10.79
N SER B 278 -9.19 -18.77 -10.35
CA SER B 278 -9.59 -17.51 -10.96
C SER B 278 -8.68 -17.17 -12.14
N ASN B 279 -7.39 -17.51 -12.16
CA ASN B 279 -6.51 -17.14 -13.26
C ASN B 279 -5.71 -18.32 -13.79
N SER B 280 -6.37 -19.18 -14.57
CA SER B 280 -5.65 -20.34 -15.10
C SER B 280 -6.11 -20.70 -16.50
N ALA B 281 -6.46 -19.73 -17.30
CA ALA B 281 -7.32 -18.61 -17.35
C ALA B 281 -7.91 -18.47 -18.75
N ALA B 282 -7.16 -18.78 -19.79
CA ALA B 282 -5.90 -18.33 -20.29
C ALA B 282 -5.75 -18.43 -21.82
N GLY B 283 -5.86 -17.26 -22.38
CA GLY B 283 -5.20 -16.36 -23.27
C GLY B 283 -5.22 -14.94 -22.68
N THR B 284 -4.80 -14.82 -21.44
CA THR B 284 -4.87 -13.65 -20.59
C THR B 284 -3.50 -13.12 -20.18
N PRO B 285 -3.43 -11.90 -19.65
CA PRO B 285 -2.18 -11.40 -19.07
C PRO B 285 -1.53 -12.39 -18.12
N TYR B 286 -2.31 -12.95 -17.20
CA TYR B 286 -1.77 -13.92 -16.25
C TYR B 286 -1.42 -15.25 -16.92
N ALA B 287 -1.87 -15.54 -18.14
CA ALA B 287 -1.35 -16.75 -18.82
C ALA B 287 0.14 -16.66 -19.07
N SER B 288 0.72 -15.46 -19.17
CA SER B 288 2.17 -15.35 -19.33
C SER B 288 2.88 -15.40 -17.97
N MET B 289 2.08 -15.59 -16.93
CA MET B 289 2.63 -15.64 -15.59
C MET B 289 2.93 -17.09 -15.20
N HIS B 290 3.98 -17.27 -14.43
CA HIS B 290 4.33 -18.57 -13.87
C HIS B 290 4.76 -18.37 -12.41
N SER B 291 4.52 -19.33 -11.54
CA SER B 291 5.07 -19.30 -10.20
C SER B 291 5.20 -20.72 -9.62
N VAL B 292 6.18 -20.84 -8.75
CA VAL B 292 6.48 -22.00 -7.94
C VAL B 292 6.45 -21.64 -6.46
N PHE B 293 5.70 -22.39 -5.65
CA PHE B 293 5.69 -22.14 -4.20
C PHE B 293 6.48 -23.26 -3.54
N TYR B 294 7.66 -22.94 -3.03
CA TYR B 294 8.53 -23.85 -2.33
C TYR B 294 8.15 -23.91 -0.85
N LEU B 295 7.35 -24.90 -0.47
CA LEU B 295 6.94 -25.10 0.91
C LEU B 295 7.98 -25.96 1.63
N ASN B 296 9.08 -25.32 2.01
CA ASN B 296 10.19 -26.00 2.66
C ASN B 296 9.79 -26.55 4.02
N SER B 297 10.58 -27.48 4.57
CA SER B 297 10.40 -27.87 5.97
C SER B 297 10.71 -26.69 6.88
N ARG B 298 10.14 -26.72 8.08
CA ARG B 298 10.19 -25.67 9.08
C ARG B 298 11.55 -25.58 9.78
N ALA B 299 12.59 -26.03 9.13
CA ALA B 299 13.95 -26.16 9.58
C ALA B 299 14.87 -25.48 8.58
N ALA B 300 14.26 -25.26 7.41
CA ALA B 300 14.89 -24.54 6.31
C ALA B 300 14.95 -23.03 6.59
N GLY B 301 13.99 -22.58 7.39
CA GLY B 301 13.94 -21.21 7.80
C GLY B 301 12.81 -20.39 7.21
N GLN B 302 12.26 -20.70 6.05
CA GLN B 302 11.13 -19.97 5.49
C GLN B 302 10.57 -20.61 4.22
N ILE B 303 9.41 -20.16 3.77
CA ILE B 303 8.78 -20.54 2.52
C ILE B 303 9.03 -19.46 1.45
N LEU B 304 9.18 -19.89 0.21
CA LEU B 304 9.53 -18.96 -0.86
C LEU B 304 8.61 -19.10 -2.07
N LEU B 305 8.01 -17.97 -2.44
CA LEU B 305 7.14 -17.80 -3.60
C LEU B 305 7.95 -17.17 -4.74
N ASP B 306 8.25 -17.89 -5.80
CA ASP B 306 9.03 -17.44 -6.94
C ASP B 306 8.15 -17.16 -8.15
N ILE B 307 8.08 -15.89 -8.57
CA ILE B 307 7.09 -15.53 -9.57
C ILE B 307 7.71 -14.78 -10.75
N GLN B 308 7.27 -15.09 -11.98
CA GLN B 308 7.83 -14.26 -13.05
C GLN B 308 6.82 -14.07 -14.17
N ILE B 309 7.07 -13.05 -14.99
CA ILE B 309 6.24 -12.79 -16.15
C ILE B 309 7.08 -12.12 -17.25
N ASP B 310 6.53 -12.11 -18.45
CA ASP B 310 7.13 -11.34 -19.56
C ASP B 310 6.97 -9.87 -19.21
N GLY B 311 8.08 -9.23 -18.88
CA GLY B 311 8.07 -7.82 -18.50
C GLY B 311 7.76 -6.88 -19.62
N GLY B 312 7.40 -7.37 -20.80
CA GLY B 312 7.05 -6.47 -21.91
C GLY B 312 5.60 -6.04 -21.84
N LEU B 313 4.77 -6.86 -21.20
CA LEU B 313 3.35 -6.51 -21.14
C LEU B 313 3.11 -5.27 -20.31
N ASP B 314 2.15 -4.43 -20.73
CA ASP B 314 2.00 -3.20 -19.93
C ASP B 314 1.48 -3.63 -18.55
N GLY B 315 1.96 -2.91 -17.54
CA GLY B 315 1.56 -3.11 -16.17
C GLY B 315 2.04 -4.43 -15.61
N ALA B 316 3.11 -4.97 -16.17
CA ALA B 316 3.71 -6.21 -15.69
C ALA B 316 3.88 -6.16 -14.16
N GLU B 317 4.36 -5.02 -13.68
CA GLU B 317 4.61 -4.78 -12.28
C GLU B 317 3.38 -4.92 -11.39
N ALA B 318 2.25 -4.46 -11.90
CA ALA B 318 1.04 -4.37 -11.10
C ALA B 318 0.40 -5.73 -10.90
N LEU B 319 0.20 -6.52 -11.96
CA LEU B 319 -0.34 -7.86 -11.75
C LEU B 319 0.52 -8.67 -10.78
N LEU B 320 1.84 -8.52 -10.85
CA LEU B 320 2.68 -9.28 -9.92
C LEU B 320 2.38 -8.87 -8.48
N ASN B 321 2.11 -7.58 -8.22
CA ASN B 321 1.68 -7.33 -6.83
C ASN B 321 0.20 -7.66 -6.72
N ASP B 322 -0.57 -7.47 -7.80
CA ASP B 322 -1.97 -7.82 -7.86
C ASP B 322 -2.19 -9.28 -7.44
N PHE B 323 -1.25 -10.13 -7.84
CA PHE B 323 -1.29 -11.55 -7.56
C PHE B 323 -0.99 -11.83 -6.09
N VAL B 324 0.06 -11.21 -5.56
CA VAL B 324 0.54 -11.66 -4.24
C VAL B 324 -0.31 -11.11 -3.13
N ALA B 325 -0.81 -9.88 -3.29
CA ALA B 325 -1.79 -9.37 -2.33
C ALA B 325 -2.95 -10.35 -2.21
N ALA B 326 -3.30 -10.97 -3.35
CA ALA B 326 -4.39 -11.96 -3.28
C ALA B 326 -3.89 -13.27 -2.67
N VAL B 327 -2.58 -13.48 -2.67
CA VAL B 327 -2.11 -14.72 -2.05
C VAL B 327 -2.10 -14.56 -0.53
N ASN B 328 -1.60 -13.44 -0.02
CA ASN B 328 -1.45 -13.31 1.41
C ASN B 328 -2.50 -12.41 2.05
N GLU B 329 -3.66 -12.24 1.42
CA GLU B 329 -4.59 -11.20 1.81
C GLU B 329 -4.93 -11.16 3.29
N GLY B 330 -5.44 -12.25 3.85
CA GLY B 330 -5.97 -12.15 5.20
C GLY B 330 -5.00 -12.54 6.31
N THR B 331 -3.74 -12.79 5.97
CA THR B 331 -2.72 -13.12 6.96
C THR B 331 -2.39 -11.93 7.83
N GLY B 332 -1.67 -12.15 8.94
CA GLY B 332 -1.39 -11.04 9.83
C GLY B 332 0.02 -10.52 9.65
N VAL B 333 0.79 -11.19 8.80
CA VAL B 333 2.19 -10.84 8.62
C VAL B 333 2.48 -10.44 7.18
N GLU B 334 3.54 -9.67 7.00
CA GLU B 334 3.89 -9.22 5.65
C GLU B 334 5.24 -9.79 5.22
N PRO B 335 5.23 -10.63 4.19
CA PRO B 335 6.46 -11.24 3.69
C PRO B 335 7.36 -10.23 2.99
N ALA B 336 8.61 -10.60 2.73
CA ALA B 336 9.57 -9.82 1.99
C ALA B 336 9.37 -10.00 0.47
N VAL B 337 9.75 -8.94 -0.25
CA VAL B 337 9.63 -8.93 -1.71
C VAL B 337 10.96 -8.55 -2.34
N GLN B 338 11.51 -9.37 -3.20
CA GLN B 338 12.71 -8.95 -3.94
C GLN B 338 12.35 -8.78 -5.42
N ARG B 339 12.66 -7.63 -6.01
CA ARG B 339 12.28 -7.33 -7.39
C ARG B 339 13.48 -7.35 -8.32
N SER B 340 13.26 -7.57 -9.61
CA SER B 340 14.39 -7.76 -10.51
C SER B 340 13.92 -7.73 -11.95
N THR B 341 14.81 -7.27 -12.81
CA THR B 341 14.61 -7.30 -14.25
C THR B 341 15.83 -7.96 -14.89
N GLU B 342 15.54 -8.93 -15.76
CA GLU B 342 16.61 -9.60 -16.49
C GLU B 342 16.20 -9.75 -17.95
N PRO B 343 17.12 -9.58 -18.90
CA PRO B 343 16.84 -9.93 -20.29
C PRO B 343 16.43 -11.39 -20.35
N TRP B 344 15.56 -11.78 -21.29
CA TRP B 344 14.97 -13.12 -21.23
C TRP B 344 16.01 -14.23 -21.22
N LEU B 345 16.92 -14.30 -22.19
CA LEU B 345 17.83 -15.45 -22.26
C LEU B 345 18.72 -15.56 -21.03
N ARG B 346 19.15 -14.41 -20.53
CA ARG B 346 19.96 -14.34 -19.33
C ARG B 346 19.28 -15.02 -18.15
N ALA B 347 18.04 -14.61 -17.88
CA ALA B 347 17.36 -15.15 -16.70
C ALA B 347 17.18 -16.66 -16.81
N THR B 348 16.74 -17.12 -17.98
CA THR B 348 16.43 -18.52 -18.24
C THR B 348 17.61 -19.45 -17.99
N LEU B 349 18.82 -18.99 -18.29
CA LEU B 349 20.00 -19.85 -18.24
C LEU B 349 20.68 -19.93 -16.88
N ALA B 350 20.25 -19.20 -15.87
CA ALA B 350 20.82 -19.34 -14.54
C ALA B 350 20.90 -20.80 -14.10
N ASN B 351 22.13 -21.26 -13.82
CA ASN B 351 22.26 -22.65 -13.38
C ASN B 351 21.86 -22.83 -11.93
N LYS B 352 20.94 -22.06 -11.38
CA LYS B 352 20.66 -22.03 -9.96
C LYS B 352 19.85 -23.25 -9.53
N PHE B 353 20.33 -24.42 -9.91
CA PHE B 353 19.70 -25.68 -9.58
C PHE B 353 20.71 -26.69 -9.03
N ASP B 354 21.93 -26.27 -8.77
CA ASP B 354 22.98 -27.08 -8.15
C ASP B 354 22.47 -27.71 -6.85
N THR B 355 22.52 -29.02 -6.81
CA THR B 355 22.18 -29.82 -5.62
C THR B 355 23.22 -29.71 -4.52
N GLY B 356 24.42 -29.24 -4.83
CA GLY B 356 25.44 -28.96 -3.85
C GLY B 356 25.92 -30.12 -3.01
N GLY B 357 25.91 -31.34 -3.54
CA GLY B 357 26.40 -32.49 -2.79
C GLY B 357 25.27 -33.31 -2.18
N PHE B 358 24.11 -32.69 -2.03
CA PHE B 358 22.89 -33.44 -1.70
C PHE B 358 22.24 -33.91 -2.99
N ASP B 359 22.73 -35.04 -3.49
CA ASP B 359 22.42 -35.56 -4.81
C ASP B 359 21.53 -36.80 -4.77
N ARG B 360 21.15 -37.15 -3.54
CA ARG B 360 20.13 -38.15 -3.28
C ARG B 360 18.78 -37.45 -3.20
N THR B 361 17.74 -37.95 -3.85
CA THR B 361 16.38 -37.50 -3.82
C THR B 361 15.37 -38.63 -4.05
N LYS B 362 14.21 -38.58 -3.39
CA LYS B 362 13.05 -39.40 -3.72
C LYS B 362 11.84 -38.48 -3.83
N SER B 363 11.15 -38.51 -4.96
CA SER B 363 10.05 -37.57 -5.15
C SER B 363 8.74 -38.19 -5.62
N LYS B 364 7.74 -37.32 -5.61
CA LYS B 364 6.34 -37.62 -5.91
C LYS B 364 5.62 -36.37 -6.43
N GLY B 365 4.63 -36.61 -7.31
CA GLY B 365 3.91 -35.53 -7.95
C GLY B 365 2.42 -35.73 -8.01
N ALA B 366 1.67 -34.67 -8.30
CA ALA B 366 0.22 -34.83 -8.47
C ALA B 366 -0.41 -33.71 -9.27
N TYR B 367 -1.49 -34.05 -9.99
CA TYR B 367 -2.22 -33.05 -10.78
C TYR B 367 -3.48 -32.59 -10.04
N LEU B 368 -3.55 -31.28 -9.76
CA LEU B 368 -4.73 -30.74 -9.10
C LEU B 368 -5.64 -30.01 -10.07
N ARG B 369 -6.87 -30.46 -10.10
CA ARG B 369 -7.98 -29.83 -10.78
C ARG B 369 -8.49 -28.64 -9.97
N LYS B 370 -8.51 -28.83 -8.66
CA LYS B 370 -9.03 -27.93 -7.65
C LYS B 370 -8.11 -27.88 -6.44
N PRO B 371 -8.18 -26.83 -5.62
CA PRO B 371 -7.17 -26.67 -4.57
C PRO B 371 -7.34 -27.73 -3.46
N TRP B 372 -6.29 -27.95 -2.69
CA TRP B 372 -6.29 -28.90 -1.57
C TRP B 372 -7.52 -28.73 -0.71
N THR B 373 -7.87 -29.72 0.11
CA THR B 373 -8.99 -29.56 1.03
C THR B 373 -8.53 -28.77 2.26
N ALA B 374 -9.45 -28.55 3.17
CA ALA B 374 -9.14 -28.03 4.50
C ALA B 374 -8.08 -28.90 5.16
N ALA B 375 -8.32 -30.20 5.16
CA ALA B 375 -7.42 -31.16 5.81
C ALA B 375 -6.12 -31.35 5.05
N GLN B 376 -6.18 -31.36 3.72
CA GLN B 376 -4.97 -31.47 2.92
C GLN B 376 -4.02 -30.31 3.21
N ALA B 377 -4.61 -29.14 3.46
CA ALA B 377 -3.78 -27.99 3.86
C ALA B 377 -3.27 -28.23 5.28
N ALA B 378 -4.12 -28.89 6.06
CA ALA B 378 -3.85 -29.27 7.42
C ALA B 378 -2.72 -30.30 7.53
N THR B 379 -2.77 -31.31 6.68
CA THR B 379 -1.79 -32.39 6.56
C THR B 379 -0.41 -31.81 6.27
N LEU B 380 -0.41 -30.84 5.36
CA LEU B 380 0.80 -30.16 4.91
C LEU B 380 1.48 -29.44 6.06
N TYR B 381 0.75 -28.50 6.67
CA TYR B 381 1.31 -27.69 7.74
C TYR B 381 1.95 -28.58 8.81
N ARG B 382 1.17 -29.51 9.28
CA ARG B 382 1.56 -30.43 10.35
C ARG B 382 2.74 -31.30 9.92
N HIS B 383 2.88 -31.67 8.66
CA HIS B 383 4.05 -32.52 8.38
C HIS B 383 5.29 -31.72 8.04
N LEU B 384 5.13 -30.61 7.32
CA LEU B 384 6.28 -29.77 7.02
C LEU B 384 6.75 -29.02 8.27
N SER B 385 5.80 -28.76 9.17
CA SER B 385 6.19 -28.01 10.38
C SER B 385 6.89 -28.95 11.36
N ALA B 386 6.30 -30.12 11.54
CA ALA B 386 6.69 -31.19 12.43
C ALA B 386 8.18 -31.51 12.40
N ASP B 387 8.65 -31.85 13.59
CA ASP B 387 9.99 -32.16 14.00
C ASP B 387 10.64 -33.26 13.17
N SER B 388 10.78 -33.01 11.87
CA SER B 388 11.54 -33.96 11.05
C SER B 388 13.02 -33.73 11.26
N GLN B 389 13.84 -34.73 10.91
CA GLN B 389 15.29 -34.52 10.99
C GLN B 389 15.83 -34.44 9.57
N VAL B 390 14.95 -34.23 8.59
CA VAL B 390 15.36 -34.19 7.19
C VAL B 390 14.68 -33.07 6.41
N TRP B 391 15.36 -32.66 5.35
CA TRP B 391 15.06 -31.75 4.28
C TRP B 391 13.94 -32.20 3.35
N GLY B 392 12.71 -31.82 3.67
CA GLY B 392 11.55 -32.04 2.81
C GLY B 392 11.02 -30.76 2.24
N GLU B 393 10.12 -30.85 1.25
CA GLU B 393 9.49 -29.64 0.73
C GLU B 393 8.50 -29.97 -0.39
N VAL B 394 7.39 -29.23 -0.37
CA VAL B 394 6.31 -29.46 -1.31
C VAL B 394 6.16 -28.26 -2.25
N SER B 395 6.61 -28.46 -3.48
CA SER B 395 6.60 -27.37 -4.45
C SER B 395 5.31 -27.33 -5.26
N LEU B 396 4.69 -26.17 -5.28
CA LEU B 396 3.43 -26.02 -6.02
C LEU B 396 3.73 -25.16 -7.25
N TYR B 397 3.37 -25.62 -8.43
CA TYR B 397 3.55 -24.89 -9.68
C TYR B 397 2.21 -24.49 -10.29
N SER B 398 2.06 -23.20 -10.63
CA SER B 398 0.87 -22.80 -11.38
C SER B 398 0.85 -23.61 -12.68
N TYR B 399 -0.30 -23.87 -13.23
CA TYR B 399 -0.54 -24.74 -14.38
C TYR B 399 -1.81 -24.30 -15.09
N GLY B 400 -2.42 -25.17 -15.89
CA GLY B 400 -3.59 -24.70 -16.64
C GLY B 400 -3.14 -23.76 -17.76
N GLY B 401 -3.93 -22.72 -18.05
CA GLY B 401 -3.56 -21.91 -19.21
C GLY B 401 -3.81 -22.59 -20.53
N LYS B 402 -3.00 -22.21 -21.54
CA LYS B 402 -3.18 -22.80 -22.86
C LYS B 402 -2.97 -24.32 -22.86
N VAL B 403 -2.36 -24.88 -21.82
CA VAL B 403 -2.24 -26.35 -21.76
C VAL B 403 -3.62 -26.98 -21.82
N ASN B 404 -4.62 -26.38 -21.16
CA ASN B 404 -5.90 -27.09 -21.13
C ASN B 404 -6.72 -26.84 -22.39
N SER B 405 -6.21 -26.03 -23.31
CA SER B 405 -6.89 -25.79 -24.57
C SER B 405 -7.00 -27.06 -25.41
N VAL B 406 -6.20 -28.08 -25.08
CA VAL B 406 -6.14 -29.28 -25.90
C VAL B 406 -7.02 -30.40 -25.37
N PRO B 407 -7.75 -31.13 -26.20
CA PRO B 407 -8.49 -32.30 -25.69
C PRO B 407 -7.57 -33.40 -25.17
N GLU B 408 -7.96 -33.97 -24.05
CA GLU B 408 -7.30 -35.07 -23.35
C GLU B 408 -6.75 -36.11 -24.31
N THR B 409 -7.51 -36.39 -25.38
CA THR B 409 -7.04 -37.43 -26.29
C THR B 409 -6.53 -36.87 -27.61
N ALA B 410 -5.93 -35.68 -27.62
CA ALA B 410 -5.47 -35.12 -28.89
C ALA B 410 -3.94 -35.15 -28.93
N THR B 411 -3.36 -35.33 -27.77
CA THR B 411 -1.95 -35.58 -27.53
C THR B 411 -1.85 -36.73 -26.53
N ALA B 412 -0.68 -37.23 -26.14
CA ALA B 412 -0.57 -38.37 -25.24
C ALA B 412 -0.45 -37.88 -23.79
N THR B 413 -0.68 -36.60 -23.55
CA THR B 413 -0.71 -36.03 -22.21
C THR B 413 -2.17 -35.72 -21.85
N ALA B 414 -2.77 -36.56 -21.02
CA ALA B 414 -4.18 -36.49 -20.70
C ALA B 414 -4.54 -35.41 -19.71
N GLN B 415 -3.60 -34.93 -18.90
CA GLN B 415 -4.05 -33.95 -17.89
C GLN B 415 -4.23 -32.58 -18.51
N ARG B 416 -5.44 -32.28 -18.95
CA ARG B 416 -5.69 -30.93 -19.46
C ARG B 416 -6.78 -30.23 -18.63
N ASP B 417 -6.88 -30.57 -17.35
CA ASP B 417 -7.97 -29.91 -16.59
C ASP B 417 -7.48 -29.59 -15.20
N SER B 418 -6.18 -29.30 -15.13
CA SER B 418 -5.51 -29.02 -13.86
C SER B 418 -5.06 -27.57 -13.79
N ILE B 419 -4.98 -27.02 -12.58
CA ILE B 419 -4.64 -25.63 -12.38
C ILE B 419 -3.29 -25.46 -11.68
N ILE B 420 -2.87 -26.50 -10.95
CA ILE B 420 -1.64 -26.52 -10.19
C ILE B 420 -0.89 -27.85 -10.39
N LYS B 421 0.43 -27.81 -10.40
CA LYS B 421 1.21 -29.05 -10.48
C LYS B 421 2.03 -29.19 -9.20
N VAL B 422 2.08 -30.38 -8.61
CA VAL B 422 2.78 -30.52 -7.32
C VAL B 422 3.91 -31.54 -7.40
N TRP B 423 5.02 -31.14 -6.79
CA TRP B 423 6.17 -31.99 -6.59
C TRP B 423 6.54 -32.11 -5.12
N MET B 424 6.53 -33.32 -4.58
CA MET B 424 7.04 -33.55 -3.22
C MET B 424 8.43 -34.16 -3.29
N SER B 425 9.31 -33.78 -2.36
CA SER B 425 10.63 -34.36 -2.34
C SER B 425 11.24 -34.35 -0.94
N ALA B 426 12.22 -35.23 -0.78
CA ALA B 426 13.21 -35.28 0.28
C ALA B 426 14.59 -35.43 -0.40
N THR B 427 15.48 -34.56 0.00
CA THR B 427 16.85 -34.40 -0.46
C THR B 427 17.80 -34.72 0.70
N TRP B 428 18.97 -35.24 0.40
CA TRP B 428 20.00 -35.59 1.35
C TRP B 428 21.25 -36.10 0.65
N MET B 429 22.30 -36.31 1.43
CA MET B 429 23.59 -36.61 0.84
C MET B 429 24.16 -37.94 1.28
N ASP B 430 23.78 -38.42 2.47
CA ASP B 430 24.43 -39.62 2.97
C ASP B 430 23.51 -40.85 2.96
N PRO B 431 24.01 -41.92 2.35
CA PRO B 431 23.32 -43.20 2.26
C PRO B 431 22.81 -43.72 3.60
N ALA B 432 23.49 -43.38 4.70
CA ALA B 432 23.02 -43.83 6.01
C ALA B 432 21.57 -43.39 6.27
N HIS B 433 21.18 -42.25 5.70
CA HIS B 433 19.90 -41.63 5.94
C HIS B 433 18.81 -41.93 4.91
N ASP B 434 18.99 -42.91 4.05
CA ASP B 434 18.01 -43.22 3.03
C ASP B 434 16.65 -43.56 3.64
N ASP B 435 16.66 -44.53 4.58
CA ASP B 435 15.40 -45.03 5.10
C ASP B 435 14.56 -43.95 5.77
N ALA B 436 15.21 -43.08 6.53
CA ALA B 436 14.52 -41.99 7.19
C ALA B 436 13.94 -41.02 6.18
N ASN B 437 14.77 -40.64 5.21
CA ASN B 437 14.27 -39.72 4.17
C ASN B 437 13.22 -40.40 3.32
N LEU B 438 13.40 -41.66 2.97
CA LEU B 438 12.35 -42.38 2.23
C LEU B 438 11.05 -42.34 3.03
N ALA B 439 11.13 -42.69 4.31
CA ALA B 439 9.93 -42.75 5.14
C ALA B 439 9.19 -41.43 5.15
N TRP B 440 9.93 -40.34 5.32
CA TRP B 440 9.41 -38.98 5.38
C TRP B 440 8.56 -38.66 4.15
N ILE B 441 9.15 -38.86 2.98
CA ILE B 441 8.39 -38.50 1.77
C ILE B 441 7.25 -39.46 1.50
N ARG B 442 7.44 -40.73 1.84
CA ARG B 442 6.39 -41.72 1.54
C ARG B 442 5.15 -41.42 2.38
N GLU B 443 5.37 -40.91 3.58
CA GLU B 443 4.29 -40.65 4.52
C GLU B 443 3.53 -39.38 4.22
N ILE B 444 4.13 -38.24 3.89
CA ILE B 444 3.29 -37.08 3.59
C ILE B 444 2.44 -37.28 2.35
N TYR B 445 3.06 -37.84 1.30
CA TYR B 445 2.32 -38.10 0.06
C TYR B 445 1.04 -38.90 0.31
N ARG B 446 1.23 -39.98 1.03
CA ARG B 446 0.22 -40.96 1.41
C ARG B 446 -0.81 -40.37 2.35
N GLU B 447 -0.38 -39.55 3.31
CA GLU B 447 -1.35 -38.95 4.24
C GLU B 447 -2.16 -37.85 3.57
N ILE B 448 -1.49 -36.97 2.80
CA ILE B 448 -2.32 -35.97 2.13
C ILE B 448 -3.20 -36.58 1.05
N PHE B 449 -2.96 -37.80 0.57
CA PHE B 449 -3.90 -38.34 -0.44
C PHE B 449 -4.81 -39.41 0.13
N ALA B 450 -4.76 -39.52 1.45
CA ALA B 450 -5.80 -40.22 2.17
C ALA B 450 -7.14 -39.67 1.68
N THR B 451 -8.10 -40.56 1.54
CA THR B 451 -9.46 -40.40 1.09
C THR B 451 -9.62 -41.04 -0.29
N THR B 452 -8.47 -41.37 -0.86
CA THR B 452 -8.40 -41.84 -2.24
C THR B 452 -7.41 -42.98 -2.32
N GLY B 453 -6.93 -43.38 -1.13
CA GLY B 453 -6.05 -44.53 -1.10
C GLY B 453 -4.57 -44.24 -1.15
N GLY B 454 -4.17 -43.00 -0.91
CA GLY B 454 -2.75 -42.69 -0.76
C GLY B 454 -2.16 -42.13 -2.05
N VAL B 455 -2.97 -42.15 -3.09
CA VAL B 455 -2.55 -41.67 -4.41
C VAL B 455 -3.57 -40.69 -4.97
N PRO B 456 -3.13 -39.85 -5.91
CA PRO B 456 -4.08 -38.95 -6.55
C PRO B 456 -4.82 -39.61 -7.71
N VAL B 457 -5.92 -40.27 -7.41
CA VAL B 457 -6.81 -40.86 -8.40
C VAL B 457 -7.61 -39.85 -9.18
N PRO B 458 -7.61 -39.96 -10.50
CA PRO B 458 -8.46 -39.08 -11.33
C PRO B 458 -9.91 -39.08 -10.84
N ASP B 459 -10.33 -37.90 -10.45
CA ASP B 459 -11.55 -37.47 -9.80
C ASP B 459 -11.90 -36.01 -10.07
N ASP B 460 -13.00 -35.52 -9.50
CA ASP B 460 -13.36 -34.13 -9.85
C ASP B 460 -12.30 -33.13 -9.37
N ARG B 461 -11.44 -33.53 -8.45
CA ARG B 461 -10.46 -32.70 -7.80
C ARG B 461 -9.02 -33.01 -8.17
N THR B 462 -8.75 -34.21 -8.67
CA THR B 462 -7.40 -34.67 -9.03
C THR B 462 -7.40 -35.29 -10.42
N GLU B 463 -6.23 -35.50 -10.99
CA GLU B 463 -6.04 -36.04 -12.33
C GLU B 463 -4.79 -36.90 -12.38
N GLY B 464 -4.35 -37.42 -11.22
CA GLY B 464 -3.21 -38.29 -11.15
C GLY B 464 -1.88 -37.58 -11.13
N THR B 465 -0.88 -38.18 -11.81
CA THR B 465 0.50 -37.72 -11.69
C THR B 465 1.25 -37.74 -13.02
N PHE B 466 2.48 -37.23 -13.03
CA PHE B 466 3.31 -36.90 -14.17
C PHE B 466 4.38 -37.93 -14.48
N ILE B 467 4.40 -38.48 -15.69
CA ILE B 467 5.40 -39.48 -16.07
C ILE B 467 6.83 -38.96 -16.05
N ASN B 468 7.09 -37.65 -16.25
CA ASN B 468 8.47 -37.20 -15.98
C ASN B 468 8.71 -37.08 -14.47
N TYR B 469 7.71 -37.41 -13.65
CA TYR B 469 7.84 -37.59 -12.22
C TYR B 469 7.57 -39.06 -11.88
N PRO B 470 8.45 -39.98 -12.22
CA PRO B 470 8.19 -41.40 -12.00
C PRO B 470 8.35 -41.77 -10.51
N ASP B 471 7.49 -42.69 -10.08
CA ASP B 471 7.40 -43.13 -8.70
C ASP B 471 6.98 -44.59 -8.61
N VAL B 472 7.96 -45.45 -8.38
CA VAL B 472 7.74 -46.89 -8.53
C VAL B 472 6.90 -47.42 -7.39
N ASP B 473 6.67 -46.57 -6.40
CA ASP B 473 5.84 -46.82 -5.23
C ASP B 473 4.37 -46.94 -5.60
N LEU B 474 4.02 -46.38 -6.76
CA LEU B 474 2.62 -46.42 -7.20
C LEU B 474 2.20 -47.82 -7.59
N VAL B 475 3.16 -48.71 -7.70
CA VAL B 475 2.95 -50.08 -8.15
C VAL B 475 2.98 -51.05 -6.97
N ASP B 476 3.17 -50.57 -5.74
CA ASP B 476 3.03 -51.52 -4.63
C ASP B 476 1.82 -51.16 -3.75
N GLU B 477 0.91 -52.13 -3.65
CA GLU B 477 -0.30 -51.97 -2.86
C GLU B 477 0.02 -51.79 -1.38
N ARG B 478 1.19 -52.29 -0.99
CA ARG B 478 1.63 -52.12 0.38
C ARG B 478 2.26 -50.75 0.60
N TRP B 479 1.48 -49.73 0.24
CA TRP B 479 1.80 -48.32 0.27
C TRP B 479 0.69 -47.46 -0.33
N ASN B 480 0.68 -47.42 -1.65
CA ASN B 480 -0.23 -46.52 -2.35
C ASN B 480 -1.17 -47.24 -3.31
N THR B 481 -1.68 -46.48 -4.26
CA THR B 481 -2.41 -47.01 -5.41
C THR B 481 -3.48 -48.01 -5.04
N SER B 482 -4.67 -47.51 -4.71
CA SER B 482 -5.72 -48.40 -4.24
C SER B 482 -6.73 -48.72 -5.34
N GLY B 483 -6.56 -49.91 -5.93
CA GLY B 483 -7.45 -50.41 -6.97
C GLY B 483 -7.17 -49.83 -8.34
N VAL B 484 -6.71 -48.57 -8.35
CA VAL B 484 -6.38 -47.95 -9.64
C VAL B 484 -4.90 -48.13 -9.95
N PRO B 485 -4.59 -48.79 -11.07
CA PRO B 485 -3.22 -49.13 -11.42
C PRO B 485 -2.38 -47.90 -11.75
N TRP B 486 -1.07 -48.08 -11.80
CA TRP B 486 -0.10 -47.03 -11.99
C TRP B 486 -0.34 -46.25 -13.27
N TYR B 487 -0.80 -46.97 -14.29
CA TYR B 487 -0.86 -46.40 -15.63
C TYR B 487 -2.04 -45.45 -15.79
N THR B 488 -3.11 -45.72 -15.04
CA THR B 488 -4.27 -44.83 -15.09
C THR B 488 -3.94 -43.50 -14.43
N LEU B 489 -3.10 -43.60 -13.40
CA LEU B 489 -2.59 -42.45 -12.69
C LEU B 489 -1.85 -41.55 -13.68
N TYR B 490 -1.00 -42.17 -14.51
CA TYR B 490 -0.24 -41.37 -15.47
C TYR B 490 -0.97 -41.06 -16.76
N TYR B 491 -1.71 -42.02 -17.34
CA TYR B 491 -2.17 -41.79 -18.72
C TYR B 491 -3.69 -41.76 -18.81
N LYS B 492 -4.33 -41.89 -17.65
CA LYS B 492 -5.79 -42.01 -17.56
C LYS B 492 -6.27 -43.03 -18.60
N GLY B 493 -7.36 -42.76 -19.30
CA GLY B 493 -7.83 -43.59 -20.39
C GLY B 493 -6.94 -43.64 -21.61
N ASN B 494 -5.84 -42.89 -21.65
CA ASN B 494 -4.96 -42.89 -22.82
C ASN B 494 -4.04 -44.11 -22.84
N TYR B 495 -4.02 -44.89 -21.75
CA TYR B 495 -3.03 -45.98 -21.73
C TYR B 495 -3.25 -47.04 -22.80
N PRO B 496 -4.43 -47.58 -22.99
CA PRO B 496 -4.64 -48.58 -24.05
C PRO B 496 -4.07 -48.20 -25.41
N ARG B 497 -4.30 -46.99 -25.90
CA ARG B 497 -3.73 -46.60 -27.20
C ARG B 497 -2.22 -46.67 -27.20
N LEU B 498 -1.60 -46.37 -26.06
CA LEU B 498 -0.15 -46.48 -25.95
C LEU B 498 0.30 -47.94 -26.06
N GLN B 499 -0.52 -48.83 -25.52
CA GLN B 499 -0.24 -50.26 -25.50
C GLN B 499 -0.16 -50.83 -26.91
N LYS B 500 -1.02 -50.31 -27.76
CA LYS B 500 -1.09 -50.69 -29.17
C LYS B 500 0.17 -50.26 -29.92
N VAL B 501 0.57 -49.01 -29.75
CA VAL B 501 1.81 -48.52 -30.35
C VAL B 501 2.99 -49.35 -29.88
N LYS B 502 3.00 -49.73 -28.59
CA LYS B 502 4.10 -50.55 -28.09
C LYS B 502 4.15 -51.91 -28.79
N ALA B 503 3.00 -52.55 -28.99
CA ALA B 503 2.89 -53.84 -29.63
C ALA B 503 3.24 -53.76 -31.11
N ARG B 504 2.94 -52.61 -31.72
CA ARG B 504 3.28 -52.45 -33.13
C ARG B 504 4.75 -52.09 -33.30
N TRP B 505 5.25 -51.10 -32.55
CA TRP B 505 6.60 -50.65 -32.89
C TRP B 505 7.72 -51.24 -32.04
N ASP B 506 7.46 -51.93 -30.95
CA ASP B 506 8.42 -52.69 -30.17
C ASP B 506 7.89 -54.09 -29.82
N PRO B 507 7.56 -54.93 -30.79
CA PRO B 507 6.93 -56.23 -30.46
C PRO B 507 7.85 -57.12 -29.63
N ARG B 508 9.16 -57.00 -29.78
CA ARG B 508 10.07 -57.85 -28.99
C ARG B 508 10.37 -57.25 -27.63
N ASP B 509 9.74 -56.15 -27.26
CA ASP B 509 9.91 -55.48 -25.97
C ASP B 509 11.40 -55.35 -25.65
N VAL B 510 12.04 -54.54 -26.50
CA VAL B 510 13.48 -54.29 -26.40
C VAL B 510 13.78 -53.12 -25.47
N PHE B 511 12.78 -52.29 -25.26
CA PHE B 511 12.84 -51.06 -24.47
C PHE B 511 11.86 -51.08 -23.31
N ARG B 512 12.42 -51.25 -22.12
CA ARG B 512 11.57 -51.45 -20.95
C ARG B 512 12.27 -50.99 -19.69
N HIS B 513 11.50 -50.67 -18.66
CA HIS B 513 12.02 -50.26 -17.35
C HIS B 513 10.91 -50.46 -16.34
N ALA B 514 11.11 -50.12 -15.04
CA ALA B 514 9.97 -50.38 -14.14
C ALA B 514 8.74 -49.58 -14.51
N LEU B 515 8.81 -48.30 -14.91
CA LEU B 515 7.46 -47.70 -15.08
C LEU B 515 7.02 -47.72 -16.54
N SER B 516 7.45 -48.72 -17.31
CA SER B 516 7.30 -48.79 -18.75
C SER B 516 5.97 -49.33 -19.23
N VAL B 517 5.48 -48.82 -20.35
CA VAL B 517 4.26 -49.28 -20.99
C VAL B 517 4.38 -50.75 -21.41
N ARG B 518 3.33 -51.53 -21.13
CA ARG B 518 3.29 -52.94 -21.47
C ARG B 518 2.45 -53.19 -22.73
N PRO B 519 2.79 -54.24 -23.48
CA PRO B 519 1.89 -54.65 -24.58
C PRO B 519 0.58 -55.15 -23.99
N PRO B 520 -0.51 -55.03 -24.75
CA PRO B 520 -1.78 -55.55 -24.27
C PRO B 520 -1.80 -57.08 -24.31
N ALA C 29 -15.28 45.38 17.28
CA ALA C 29 -14.14 45.29 16.37
C ALA C 29 -14.37 46.15 15.12
N LEU C 30 -13.31 46.71 14.55
CA LEU C 30 -13.36 47.49 13.32
C LEU C 30 -13.82 46.64 12.15
N VAL C 31 -14.05 47.23 10.99
CA VAL C 31 -14.50 46.39 9.88
C VAL C 31 -13.44 45.37 9.52
N LYS C 32 -13.85 44.15 9.19
CA LYS C 32 -12.88 43.15 8.75
C LYS C 32 -13.13 42.85 7.26
N VAL C 33 -12.06 42.93 6.49
CA VAL C 33 -12.07 42.72 5.05
C VAL C 33 -11.24 41.51 4.68
N ASP C 34 -11.80 40.55 3.96
CA ASP C 34 -11.24 39.24 3.67
C ASP C 34 -11.04 38.84 2.22
N ARG C 35 -9.86 38.38 1.81
CA ARG C 35 -9.72 37.93 0.41
C ARG C 35 -8.82 36.79 -0.06
N VAL C 36 -7.56 36.69 0.30
CA VAL C 36 -6.57 35.64 0.08
C VAL C 36 -6.12 35.09 1.45
N ASP C 37 -7.06 35.31 2.36
CA ASP C 37 -6.88 35.08 3.78
C ASP C 37 -7.39 33.71 4.19
N ARG C 38 -6.83 33.18 5.29
CA ARG C 38 -7.23 31.89 5.81
C ARG C 38 -8.71 31.78 6.13
N ARG C 39 -9.43 32.89 6.29
CA ARG C 39 -10.84 32.74 6.67
C ARG C 39 -11.80 32.69 5.50
N TYR C 40 -11.32 33.11 4.32
CA TYR C 40 -12.16 33.23 3.13
C TYR C 40 -12.99 32.00 2.82
N GLN C 41 -12.39 30.82 2.87
CA GLN C 41 -13.11 29.61 2.44
C GLN C 41 -14.28 29.35 3.37
N ASP C 42 -14.01 29.57 4.67
CA ASP C 42 -15.12 29.38 5.62
C ASP C 42 -16.24 30.36 5.27
N LEU C 43 -15.84 31.60 4.99
CA LEU C 43 -16.82 32.63 4.69
C LEU C 43 -17.64 32.39 3.43
N VAL C 44 -17.08 31.69 2.42
CA VAL C 44 -17.90 31.47 1.23
C VAL C 44 -18.57 30.11 1.22
N THR C 45 -18.33 29.26 2.21
CA THR C 45 -19.06 27.99 2.33
C THR C 45 -20.23 28.03 3.32
N ARG C 46 -20.47 29.17 3.95
CA ARG C 46 -21.52 29.41 4.92
C ARG C 46 -22.93 29.04 4.47
N GLY C 47 -23.23 29.19 3.18
CA GLY C 47 -24.59 28.95 2.72
C GLY C 47 -25.06 27.51 2.85
N PHE C 48 -26.33 27.37 3.21
CA PHE C 48 -26.99 26.13 3.57
C PHE C 48 -26.88 25.05 2.50
N ASN C 49 -27.56 25.33 1.39
CA ASN C 49 -27.49 24.50 0.20
C ASN C 49 -26.07 24.28 -0.29
N GLY C 50 -25.54 23.08 -0.14
CA GLY C 50 -24.26 22.64 -0.64
C GLY C 50 -24.13 22.68 -2.15
N ARG C 51 -25.22 22.96 -2.84
CA ARG C 51 -25.26 23.14 -4.27
C ARG C 51 -24.57 24.43 -4.69
N PHE C 52 -24.51 25.41 -3.78
CA PHE C 52 -24.04 26.73 -4.23
C PHE C 52 -22.92 27.29 -3.37
N ARG C 53 -21.76 27.54 -3.99
CA ARG C 53 -20.57 28.11 -3.38
C ARG C 53 -20.01 29.26 -4.23
N GLY C 54 -19.87 30.44 -3.62
CA GLY C 54 -19.54 31.68 -4.32
C GLY C 54 -18.07 31.93 -4.50
N ARG C 55 -17.70 32.94 -5.29
CA ARG C 55 -16.28 33.26 -5.46
C ARG C 55 -16.06 34.76 -5.47
N PRO C 56 -16.39 35.45 -4.39
CA PRO C 56 -16.29 36.92 -4.33
C PRO C 56 -14.84 37.36 -4.20
N ASP C 57 -14.55 38.63 -4.49
CA ASP C 57 -13.18 39.10 -4.35
C ASP C 57 -12.82 39.29 -2.87
N VAL C 58 -13.87 39.59 -2.12
CA VAL C 58 -13.77 39.98 -0.73
C VAL C 58 -15.09 39.66 -0.02
N VAL C 59 -14.97 39.19 1.21
CA VAL C 59 -16.03 39.13 2.19
C VAL C 59 -15.81 40.23 3.27
N TYR C 60 -16.83 41.06 3.49
CA TYR C 60 -16.80 42.05 4.56
C TYR C 60 -17.48 41.51 5.83
N VAL C 61 -16.74 41.45 6.92
CA VAL C 61 -17.31 41.14 8.23
C VAL C 61 -17.60 42.46 8.97
N VAL C 62 -18.87 42.80 9.08
CA VAL C 62 -19.33 44.07 9.65
C VAL C 62 -19.88 43.90 11.06
N HIS C 63 -19.78 44.97 11.85
CA HIS C 63 -20.15 44.99 13.26
C HIS C 63 -21.08 46.10 13.66
N THR C 64 -21.21 47.14 12.83
CA THR C 64 -22.15 48.23 13.09
C THR C 64 -22.81 48.62 11.77
N ALA C 65 -23.84 49.45 11.78
CA ALA C 65 -24.43 49.97 10.54
C ALA C 65 -23.44 50.89 9.85
N ASP C 66 -22.64 51.62 10.64
CA ASP C 66 -21.64 52.51 10.03
C ASP C 66 -20.62 51.72 9.21
N GLN C 67 -20.29 50.50 9.66
CA GLN C 67 -19.34 49.68 8.93
C GLN C 67 -20.00 49.11 7.68
N VAL C 68 -21.32 48.99 7.72
CA VAL C 68 -22.05 48.56 6.53
C VAL C 68 -22.05 49.68 5.50
N VAL C 69 -22.19 50.93 5.99
CA VAL C 69 -22.05 52.07 5.08
C VAL C 69 -20.68 52.01 4.41
N ASP C 70 -19.61 51.72 5.15
CA ASP C 70 -18.26 51.73 4.60
C ASP C 70 -18.02 50.60 3.62
N ALA C 71 -18.47 49.40 3.94
CA ALA C 71 -18.35 48.26 3.03
C ALA C 71 -19.10 48.53 1.73
N VAL C 72 -20.31 49.07 1.82
CA VAL C 72 -21.04 49.29 0.56
C VAL C 72 -20.32 50.33 -0.28
N ASN C 73 -19.90 51.42 0.37
CA ASN C 73 -19.15 52.41 -0.41
C ASN C 73 -17.93 51.81 -1.07
N GLN C 74 -17.15 51.00 -0.34
CA GLN C 74 -15.93 50.44 -0.89
C GLN C 74 -16.23 49.44 -2.00
N ALA C 75 -17.31 48.67 -1.87
CA ALA C 75 -17.67 47.74 -2.94
C ALA C 75 -17.98 48.47 -4.24
N MET C 76 -18.72 49.57 -4.09
CA MET C 76 -19.17 50.31 -5.26
C MET C 76 -17.99 51.00 -5.93
N ALA C 77 -17.05 51.54 -5.17
CA ALA C 77 -15.96 52.28 -5.82
C ALA C 77 -15.10 51.35 -6.68
N ALA C 78 -15.17 50.05 -6.42
CA ALA C 78 -14.37 49.09 -7.19
C ALA C 78 -15.23 48.25 -8.12
N GLY C 79 -16.53 48.50 -8.12
CA GLY C 79 -17.42 47.90 -9.09
C GLY C 79 -17.85 46.48 -8.76
N GLN C 80 -17.62 45.97 -7.55
CA GLN C 80 -18.04 44.65 -7.12
C GLN C 80 -19.55 44.52 -6.92
N ARG C 81 -20.22 43.57 -7.55
CA ARG C 81 -21.61 43.24 -7.27
C ARG C 81 -21.77 42.86 -5.79
N ILE C 82 -22.80 43.37 -5.14
CA ILE C 82 -22.99 43.10 -3.71
C ILE C 82 -24.09 42.10 -3.41
N ALA C 83 -23.86 41.26 -2.40
CA ALA C 83 -24.91 40.46 -1.81
C ALA C 83 -24.65 40.37 -0.28
N VAL C 84 -25.71 40.33 0.49
CA VAL C 84 -25.71 40.28 1.93
C VAL C 84 -26.01 38.87 2.43
N ARG C 85 -25.26 38.38 3.40
CA ARG C 85 -25.65 37.12 4.01
C ARG C 85 -25.89 37.31 5.52
N SER C 86 -26.92 36.67 6.06
CA SER C 86 -27.17 36.58 7.49
C SER C 86 -27.08 35.11 7.95
N GLY C 87 -28.17 34.36 7.89
CA GLY C 87 -28.16 32.96 8.31
C GLY C 87 -27.70 31.98 7.26
N GLY C 88 -27.61 32.45 6.01
CA GLY C 88 -27.09 31.62 4.94
C GLY C 88 -28.09 30.60 4.41
N HIS C 89 -29.34 30.64 4.85
CA HIS C 89 -30.31 29.60 4.48
C HIS C 89 -31.04 29.84 3.17
N CYS C 90 -30.65 30.81 2.35
CA CYS C 90 -31.20 31.03 1.01
C CYS C 90 -31.35 29.74 0.21
N PHE C 91 -32.57 29.33 -0.15
CA PHE C 91 -32.69 28.03 -0.86
C PHE C 91 -32.13 28.05 -2.27
N GLU C 92 -32.01 29.22 -2.88
CA GLU C 92 -31.53 29.33 -4.26
C GLU C 92 -30.09 29.83 -4.35
N GLY C 93 -29.41 30.10 -3.23
CA GLY C 93 -28.01 30.43 -3.23
C GLY C 93 -27.58 31.69 -3.98
N PHE C 94 -28.47 32.64 -4.14
CA PHE C 94 -28.29 33.93 -4.79
C PHE C 94 -27.06 34.68 -4.29
N VAL C 95 -26.87 34.72 -2.98
CA VAL C 95 -25.67 35.28 -2.37
C VAL C 95 -24.41 34.68 -3.00
N ASP C 96 -24.50 33.40 -3.38
CA ASP C 96 -23.34 32.70 -3.87
C ASP C 96 -23.23 32.67 -5.40
N ASP C 97 -24.17 33.30 -6.11
CA ASP C 97 -24.08 33.36 -7.58
C ASP C 97 -22.67 33.72 -8.00
N PRO C 98 -22.08 33.09 -9.00
CA PRO C 98 -20.66 33.39 -9.28
C PRO C 98 -20.44 34.83 -9.72
N ALA C 99 -21.48 35.60 -9.99
CA ALA C 99 -21.36 36.99 -10.41
C ALA C 99 -21.18 37.92 -9.21
N VAL C 100 -21.48 37.40 -8.03
CA VAL C 100 -21.33 38.13 -6.78
C VAL C 100 -19.86 38.25 -6.42
N ARG C 101 -19.45 39.51 -6.23
CA ARG C 101 -18.03 39.85 -6.10
C ARG C 101 -17.68 40.33 -4.69
N ALA C 102 -18.68 40.88 -4.02
CA ALA C 102 -18.49 41.34 -2.66
C ALA C 102 -19.69 40.92 -1.81
N VAL C 103 -19.40 40.11 -0.79
CA VAL C 103 -20.44 39.73 0.16
C VAL C 103 -20.28 40.53 1.45
N ILE C 104 -21.39 40.99 1.99
CA ILE C 104 -21.33 41.67 3.28
C ILE C 104 -22.01 40.80 4.33
N ASP C 105 -21.22 40.19 5.20
CA ASP C 105 -21.73 39.15 6.12
C ASP C 105 -21.99 39.74 7.51
N MET C 106 -23.19 39.52 8.02
CA MET C 106 -23.72 40.11 9.22
C MET C 106 -23.62 39.25 10.45
N SER C 107 -22.96 38.09 10.35
CA SER C 107 -23.13 37.08 11.40
C SER C 107 -22.48 37.53 12.69
N GLN C 108 -21.69 38.62 12.73
CA GLN C 108 -21.18 39.00 14.06
C GLN C 108 -22.10 40.02 14.75
N MET C 109 -23.18 40.39 14.09
CA MET C 109 -24.22 41.28 14.57
C MET C 109 -25.38 40.50 15.15
N ARG C 110 -25.40 40.24 16.46
CA ARG C 110 -26.37 39.24 16.94
C ARG C 110 -27.16 39.79 18.11
N GLN C 111 -27.08 41.11 18.29
CA GLN C 111 -27.71 41.70 19.46
C GLN C 111 -29.22 41.55 19.48
N VAL C 112 -29.75 41.23 20.65
CA VAL C 112 -31.18 41.27 20.95
C VAL C 112 -31.43 42.10 22.20
N PHE C 113 -32.26 43.14 22.13
CA PHE C 113 -32.53 43.88 23.37
C PHE C 113 -33.85 44.66 23.28
N TYR C 114 -34.37 44.99 24.45
CA TYR C 114 -35.55 45.82 24.54
C TYR C 114 -35.11 47.28 24.52
N ASP C 115 -35.56 48.01 23.49
CA ASP C 115 -35.16 49.43 23.48
C ASP C 115 -36.40 50.30 23.65
N SER C 116 -36.53 50.84 24.85
CA SER C 116 -37.70 51.60 25.26
C SER C 116 -37.85 52.88 24.45
N GLY C 117 -36.72 53.48 24.09
CA GLY C 117 -36.71 54.65 23.24
C GLY C 117 -37.63 54.48 22.03
N LYS C 118 -37.57 53.33 21.39
CA LYS C 118 -38.49 52.96 20.32
C LYS C 118 -39.74 52.30 20.90
N ARG C 119 -39.60 51.90 22.16
CA ARG C 119 -40.62 51.15 22.90
C ARG C 119 -40.77 49.79 22.22
N ALA C 120 -39.64 49.24 21.81
CA ALA C 120 -39.69 48.02 21.00
C ALA C 120 -38.42 47.20 21.17
N PHE C 121 -38.47 45.93 20.79
CA PHE C 121 -37.31 45.05 20.89
C PHE C 121 -36.44 45.02 19.64
N ALA C 122 -35.16 45.35 19.81
CA ALA C 122 -34.22 45.41 18.69
C ALA C 122 -33.61 44.04 18.42
N VAL C 123 -33.58 43.59 17.17
CA VAL C 123 -32.86 42.36 16.86
C VAL C 123 -31.96 42.58 15.64
N GLU C 124 -30.70 42.17 15.78
CA GLU C 124 -29.75 42.37 14.69
C GLU C 124 -29.79 41.20 13.73
N PRO C 125 -29.54 41.48 12.46
CA PRO C 125 -29.66 40.49 11.38
C PRO C 125 -28.54 39.48 11.30
N GLY C 126 -27.82 39.30 12.41
CA GLY C 126 -26.88 38.19 12.50
C GLY C 126 -27.44 37.20 13.51
N ALA C 127 -28.43 37.60 14.31
CA ALA C 127 -28.95 36.67 15.32
C ALA C 127 -29.76 35.57 14.63
N THR C 128 -29.70 34.37 15.17
CA THR C 128 -30.42 33.19 14.65
C THR C 128 -31.81 33.13 15.23
N LEU C 129 -32.75 32.35 14.71
CA LEU C 129 -34.12 32.36 15.25
C LEU C 129 -34.15 31.88 16.70
N GLY C 130 -33.46 30.81 17.00
CA GLY C 130 -33.28 30.22 18.32
C GLY C 130 -32.60 31.17 19.29
N GLU C 131 -31.57 31.89 18.81
CA GLU C 131 -30.90 32.89 19.63
C GLU C 131 -31.83 34.00 20.10
N THR C 132 -32.71 34.41 19.19
CA THR C 132 -33.70 35.44 19.47
C THR C 132 -34.84 34.92 20.32
N TYR C 133 -35.27 33.69 20.08
CA TYR C 133 -36.38 33.11 20.82
C TYR C 133 -36.03 32.99 22.32
N ARG C 134 -34.86 32.43 22.59
CA ARG C 134 -34.51 32.22 24.01
C ARG C 134 -34.25 33.57 24.66
N ALA C 135 -33.51 34.48 24.00
CA ALA C 135 -33.39 35.83 24.57
C ALA C 135 -34.73 36.46 24.88
N LEU C 136 -35.71 36.41 23.97
CA LEU C 136 -37.01 37.02 24.23
C LEU C 136 -37.75 36.27 25.33
N TYR C 137 -37.65 34.94 25.31
CA TYR C 137 -38.38 34.17 26.32
C TYR C 137 -37.79 34.31 27.71
N LEU C 138 -36.49 34.08 27.84
CA LEU C 138 -35.94 34.08 29.21
C LEU C 138 -36.11 35.46 29.85
N ASP C 139 -35.98 36.54 29.07
CA ASP C 139 -35.93 37.84 29.74
C ASP C 139 -37.31 38.39 30.09
N TRP C 140 -38.33 38.16 29.29
CA TRP C 140 -39.65 38.73 29.47
C TRP C 140 -40.78 37.73 29.20
N GLY C 141 -40.48 36.47 28.89
CA GLY C 141 -41.52 35.51 28.61
C GLY C 141 -42.15 35.64 27.24
N VAL C 142 -41.59 36.48 26.38
CA VAL C 142 -42.28 36.78 25.13
C VAL C 142 -41.71 36.09 23.90
N THR C 143 -42.44 36.14 22.77
CA THR C 143 -41.94 35.59 21.51
C THR C 143 -42.60 36.23 20.31
N ILE C 144 -42.07 35.91 19.13
CA ILE C 144 -42.60 36.41 17.87
C ILE C 144 -42.85 35.24 16.93
N PRO C 145 -43.95 35.26 16.18
CA PRO C 145 -44.41 34.07 15.47
C PRO C 145 -43.57 33.77 14.22
N ALA C 146 -42.31 33.42 14.41
CA ALA C 146 -41.40 33.23 13.28
C ALA C 146 -41.18 31.77 12.99
N GLY C 147 -40.15 31.44 12.20
CA GLY C 147 -39.92 30.11 11.70
C GLY C 147 -39.52 29.08 12.73
N VAL C 148 -39.58 27.84 12.27
CA VAL C 148 -39.28 26.65 13.05
C VAL C 148 -37.79 26.35 13.17
N CYS C 149 -37.02 26.68 12.12
CA CYS C 149 -35.62 26.25 12.20
C CYS C 149 -34.74 27.23 12.97
N PRO C 150 -34.16 26.78 14.09
CA PRO C 150 -33.42 27.67 14.99
C PRO C 150 -32.20 28.34 14.36
N GLN C 151 -31.47 27.65 13.51
CA GLN C 151 -30.26 28.17 12.88
C GLN C 151 -30.54 29.16 11.76
N VAL C 152 -31.81 29.35 11.41
CA VAL C 152 -32.16 30.32 10.37
C VAL C 152 -31.77 31.74 10.79
N GLY C 153 -31.24 32.55 9.89
CA GLY C 153 -30.80 33.89 10.25
C GLY C 153 -31.91 34.91 10.30
N VAL C 154 -31.96 35.77 11.32
CA VAL C 154 -33.06 36.74 11.40
C VAL C 154 -33.10 37.59 10.14
N GLY C 155 -31.95 38.15 9.78
CA GLY C 155 -31.76 38.98 8.61
C GLY C 155 -32.55 38.58 7.39
N GLY C 156 -32.28 37.38 6.86
CA GLY C 156 -32.86 37.05 5.57
C GLY C 156 -34.30 36.60 5.63
N HIS C 157 -34.74 36.31 6.86
CA HIS C 157 -36.00 35.64 7.10
C HIS C 157 -37.15 36.61 7.35
N VAL C 158 -37.01 37.57 8.24
CA VAL C 158 -38.10 38.44 8.62
C VAL C 158 -38.72 39.27 7.50
N LEU C 159 -37.90 39.78 6.59
CA LEU C 159 -38.38 40.76 5.60
C LEU C 159 -39.22 40.10 4.51
N GLY C 160 -39.14 38.77 4.41
CA GLY C 160 -40.03 38.04 3.54
C GLY C 160 -41.36 37.71 4.20
N GLY C 161 -41.52 38.05 5.48
CA GLY C 161 -42.74 37.66 6.19
C GLY C 161 -42.70 36.20 6.63
N GLY C 162 -41.73 35.82 7.43
CA GLY C 162 -41.59 34.45 7.92
C GLY C 162 -42.78 34.05 8.78
N TYR C 163 -43.00 32.75 8.90
CA TYR C 163 -44.11 32.12 9.60
C TYR C 163 -43.63 30.92 10.41
N GLY C 164 -44.49 30.41 11.30
CA GLY C 164 -44.11 29.27 12.12
C GLY C 164 -45.28 28.70 12.91
N PRO C 165 -44.96 27.79 13.81
CA PRO C 165 -45.89 27.11 14.70
C PRO C 165 -46.92 27.98 15.40
N LEU C 166 -46.61 29.25 15.66
CA LEU C 166 -47.60 30.11 16.32
C LEU C 166 -48.14 31.19 15.39
N SER C 167 -48.05 30.96 14.07
CA SER C 167 -48.65 31.99 13.20
C SER C 167 -50.15 31.82 13.09
N ARG C 168 -50.73 30.62 13.30
CA ARG C 168 -52.19 30.61 13.23
C ARG C 168 -52.81 31.36 14.41
N ARG C 169 -52.01 31.47 15.48
CA ARG C 169 -52.52 32.27 16.59
C ARG C 169 -52.11 33.73 16.41
N ASP C 170 -50.87 34.01 16.06
CA ASP C 170 -50.35 35.37 16.18
C ASP C 170 -50.03 36.06 14.87
N GLY C 171 -50.22 35.38 13.75
CA GLY C 171 -49.98 35.99 12.44
C GLY C 171 -48.56 35.79 11.95
N VAL C 172 -48.18 36.44 10.85
CA VAL C 172 -46.82 36.24 10.33
C VAL C 172 -45.87 37.09 11.17
N VAL C 173 -44.60 36.79 11.16
CA VAL C 173 -43.53 37.44 11.90
C VAL C 173 -43.61 38.95 11.66
N ALA C 174 -43.99 39.34 10.45
CA ALA C 174 -44.07 40.73 10.02
C ALA C 174 -45.21 41.46 10.69
N ASP C 175 -46.20 40.73 11.22
CA ASP C 175 -47.36 41.34 11.86
C ASP C 175 -47.00 42.06 13.16
N HIS C 176 -45.76 41.89 13.60
CA HIS C 176 -45.26 42.47 14.85
C HIS C 176 -44.03 43.32 14.59
N LEU C 177 -43.81 43.71 13.33
CA LEU C 177 -42.66 44.54 12.99
C LEU C 177 -43.02 46.03 13.06
N TYR C 178 -42.34 46.72 13.97
CA TYR C 178 -42.55 48.14 14.18
C TYR C 178 -41.69 49.00 13.25
N ALA C 179 -40.43 48.63 13.05
CA ALA C 179 -39.52 49.47 12.27
C ALA C 179 -38.31 48.70 11.78
N VAL C 180 -37.53 49.33 10.90
CA VAL C 180 -36.25 48.78 10.49
C VAL C 180 -35.24 49.91 10.27
N GLU C 181 -33.98 49.65 10.55
CA GLU C 181 -32.90 50.55 10.12
C GLU C 181 -32.23 49.88 8.91
N VAL C 182 -32.07 50.64 7.84
CA VAL C 182 -31.65 50.18 6.53
C VAL C 182 -30.50 51.04 5.98
N VAL C 183 -29.53 50.35 5.39
CA VAL C 183 -28.49 51.03 4.63
C VAL C 183 -28.90 50.96 3.14
N VAL C 184 -29.12 52.12 2.55
CA VAL C 184 -29.52 52.32 1.17
C VAL C 184 -28.51 53.15 0.39
N VAL C 185 -28.62 53.12 -0.94
CA VAL C 185 -27.69 53.87 -1.77
C VAL C 185 -28.49 54.89 -2.61
N ASP C 186 -28.04 56.12 -2.46
CA ASP C 186 -28.42 57.38 -3.01
C ASP C 186 -28.46 57.40 -4.53
N ALA C 187 -29.31 58.27 -5.07
CA ALA C 187 -29.30 58.45 -6.53
C ALA C 187 -27.94 58.97 -6.97
N SER C 188 -27.29 59.69 -6.06
CA SER C 188 -25.93 60.18 -6.15
C SER C 188 -24.89 59.10 -5.89
N GLY C 189 -25.33 57.89 -5.48
CA GLY C 189 -24.40 56.79 -5.34
C GLY C 189 -23.73 56.75 -3.97
N ARG C 190 -24.36 57.36 -2.97
CA ARG C 190 -23.67 57.36 -1.67
C ARG C 190 -24.47 56.48 -0.70
N ALA C 191 -23.74 55.60 0.00
CA ALA C 191 -24.40 54.77 1.01
C ALA C 191 -24.86 55.67 2.15
N ARG C 192 -26.09 55.43 2.59
CA ARG C 192 -26.69 56.18 3.70
C ARG C 192 -27.52 55.26 4.57
N LYS C 193 -27.57 55.54 5.86
CA LYS C 193 -28.50 54.77 6.72
C LYS C 193 -29.79 55.54 6.89
N VAL C 194 -30.92 54.82 6.92
CA VAL C 194 -32.22 55.40 7.18
C VAL C 194 -33.07 54.49 8.06
N VAL C 195 -33.91 55.11 8.89
CA VAL C 195 -34.84 54.34 9.73
C VAL C 195 -36.25 54.55 9.19
N ALA C 196 -37.01 53.48 9.11
CA ALA C 196 -38.36 53.46 8.59
C ALA C 196 -39.28 52.74 9.57
N THR C 197 -40.32 53.47 9.96
CA THR C 197 -41.31 52.97 10.91
C THR C 197 -42.69 52.92 10.26
N SER C 198 -43.60 52.19 10.87
CA SER C 198 -44.97 52.06 10.40
C SER C 198 -45.86 53.22 10.80
N ALA C 199 -45.30 54.21 11.47
CA ALA C 199 -46.11 55.32 11.97
C ALA C 199 -46.79 56.05 10.82
N ALA C 200 -48.03 56.42 11.07
CA ALA C 200 -48.92 57.17 10.21
C ALA C 200 -48.24 58.28 9.40
N ASP C 201 -47.32 59.04 9.99
CA ASP C 201 -46.78 60.23 9.35
C ASP C 201 -45.30 60.10 8.96
N ASP C 202 -44.75 58.90 9.04
CA ASP C 202 -43.34 58.66 8.71
C ASP C 202 -43.11 58.85 7.22
N PRO C 203 -42.21 59.75 6.83
CA PRO C 203 -42.01 59.98 5.38
C PRO C 203 -41.37 58.79 4.69
N ASN C 204 -40.89 57.83 5.47
CA ASN C 204 -40.31 56.58 5.06
C ASN C 204 -41.24 55.39 5.31
N ARG C 205 -42.56 55.60 5.40
CA ARG C 205 -43.43 54.45 5.69
C ARG C 205 -43.37 53.37 4.63
N GLU C 206 -43.29 53.73 3.34
CA GLU C 206 -43.39 52.63 2.37
C GLU C 206 -42.20 51.69 2.44
N LEU C 207 -41.03 52.16 2.83
CA LEU C 207 -39.82 51.36 3.00
C LEU C 207 -40.03 50.34 4.12
N TRP C 208 -40.69 50.73 5.19
CA TRP C 208 -41.10 49.78 6.22
C TRP C 208 -41.95 48.66 5.62
N TRP C 209 -43.01 49.08 4.95
CA TRP C 209 -44.01 48.27 4.27
C TRP C 209 -43.36 47.13 3.50
N ALA C 210 -42.39 47.57 2.68
CA ALA C 210 -41.63 46.70 1.78
C ALA C 210 -40.93 45.59 2.56
N HIS C 211 -40.67 45.85 3.84
CA HIS C 211 -40.04 44.91 4.75
C HIS C 211 -41.03 44.06 5.53
N THR C 212 -42.29 44.04 5.12
CA THR C 212 -43.23 43.13 5.80
C THR C 212 -43.64 42.02 4.82
N GLY C 213 -42.62 41.47 4.18
CA GLY C 213 -42.76 40.55 3.05
C GLY C 213 -42.12 41.12 1.83
N GLY C 214 -42.06 40.49 0.65
CA GLY C 214 -41.38 41.42 -0.29
C GLY C 214 -39.91 41.10 -0.45
N GLY C 215 -39.34 40.28 0.43
CA GLY C 215 -38.09 39.62 0.26
C GLY C 215 -36.78 40.34 0.40
N GLY C 216 -35.74 39.57 0.63
CA GLY C 216 -34.37 39.65 0.95
C GLY C 216 -33.33 40.37 0.18
N GLY C 217 -33.25 40.43 -1.16
CA GLY C 217 -31.98 41.10 -1.55
C GLY C 217 -32.26 42.30 -2.44
N ASN C 218 -33.25 43.07 -2.04
CA ASN C 218 -34.00 44.03 -2.79
C ASN C 218 -33.75 45.51 -2.49
N PHE C 219 -34.08 45.91 -1.26
CA PHE C 219 -34.14 47.36 -1.04
C PHE C 219 -32.86 47.90 -0.42
N GLY C 220 -32.01 47.00 0.07
CA GLY C 220 -30.80 47.47 0.73
C GLY C 220 -30.52 46.55 1.91
N ILE C 221 -29.63 46.95 2.80
CA ILE C 221 -29.23 46.09 3.90
C ILE C 221 -29.94 46.50 5.19
N VAL C 222 -30.73 45.57 5.67
CA VAL C 222 -31.46 45.69 6.93
C VAL C 222 -30.41 45.65 8.01
N THR C 223 -30.30 46.63 8.92
CA THR C 223 -29.20 46.50 9.88
C THR C 223 -29.74 46.35 11.30
N ARG C 224 -30.99 46.74 11.43
CA ARG C 224 -31.72 46.43 12.66
C ARG C 224 -33.22 46.33 12.44
N TYR C 225 -33.83 45.33 13.06
CA TYR C 225 -35.26 45.19 13.13
C TYR C 225 -35.76 45.56 14.54
N TRP C 226 -36.94 46.13 14.61
CA TRP C 226 -37.55 46.43 15.92
C TRP C 226 -38.95 45.84 15.98
N PHE C 227 -39.25 45.09 17.03
CA PHE C 227 -40.53 44.38 17.15
C PHE C 227 -41.47 44.96 18.21
N ARG C 228 -42.74 45.08 17.85
CA ARG C 228 -43.79 45.60 18.71
C ARG C 228 -45.13 45.24 18.08
N THR C 229 -45.99 44.51 18.78
CA THR C 229 -47.32 44.27 18.22
C THR C 229 -48.06 45.59 18.03
N PRO C 230 -48.54 45.90 16.84
CA PRO C 230 -49.15 47.22 16.55
C PRO C 230 -50.25 47.56 17.54
N GLY C 231 -50.88 46.55 18.13
CA GLY C 231 -51.58 46.82 19.37
C GLY C 231 -50.60 46.99 20.53
N ALA C 232 -50.14 48.22 20.74
CA ALA C 232 -49.16 48.45 21.80
C ALA C 232 -49.82 49.15 22.99
N THR C 233 -49.39 48.77 24.17
CA THR C 233 -49.80 49.31 25.44
C THR C 233 -48.64 49.37 26.42
N GLY C 234 -48.46 50.48 27.15
CA GLY C 234 -47.48 50.64 28.18
C GLY C 234 -46.01 50.51 27.84
N THR C 235 -45.19 50.50 28.89
CA THR C 235 -43.76 50.41 28.76
C THR C 235 -43.23 49.16 29.46
N ASP C 236 -44.11 48.27 29.87
CA ASP C 236 -43.72 46.96 30.42
C ASP C 236 -43.44 45.99 29.29
N PRO C 237 -42.20 45.66 28.99
CA PRO C 237 -41.88 44.91 27.77
C PRO C 237 -42.65 43.60 27.66
N SER C 238 -43.08 43.06 28.80
CA SER C 238 -43.82 41.80 28.78
C SER C 238 -45.22 41.95 28.22
N GLN C 239 -45.65 43.15 27.84
CA GLN C 239 -47.02 43.31 27.35
C GLN C 239 -46.99 43.76 25.88
N LEU C 240 -45.81 43.72 25.28
CA LEU C 240 -45.72 44.41 23.99
C LEU C 240 -45.62 43.43 22.83
N LEU C 241 -45.54 42.14 23.17
CA LEU C 241 -45.44 41.07 22.20
C LEU C 241 -46.22 39.88 22.77
N PRO C 242 -46.63 38.90 21.99
CA PRO C 242 -47.37 37.75 22.53
C PRO C 242 -46.63 36.96 23.59
N LYS C 243 -47.38 36.57 24.66
CA LYS C 243 -46.69 35.68 25.59
C LYS C 243 -46.42 34.32 24.97
N ALA C 244 -45.24 33.77 25.08
CA ALA C 244 -45.06 32.40 24.61
C ALA C 244 -46.10 31.48 25.26
N PRO C 245 -46.31 30.30 24.69
CA PRO C 245 -47.22 29.33 25.29
C PRO C 245 -46.59 28.64 26.51
N THR C 246 -47.44 27.99 27.27
CA THR C 246 -47.22 27.43 28.59
C THR C 246 -46.24 26.28 28.57
N SER C 247 -46.40 25.39 27.61
CA SER C 247 -45.59 24.24 27.33
C SER C 247 -45.91 23.71 25.92
N THR C 248 -45.30 22.61 25.50
CA THR C 248 -45.66 22.10 24.17
C THR C 248 -46.22 20.68 24.25
N LEU C 249 -47.51 20.53 23.95
CA LEU C 249 -48.04 19.16 23.82
C LEU C 249 -47.93 18.70 22.36
N ARG C 250 -47.13 17.67 22.10
CA ARG C 250 -47.01 17.11 20.76
C ARG C 250 -47.50 15.67 20.64
N HIS C 251 -48.10 15.39 19.49
CA HIS C 251 -48.41 14.07 18.99
C HIS C 251 -47.62 13.79 17.71
N ILE C 252 -46.95 12.67 17.58
CA ILE C 252 -46.39 12.30 16.27
C ILE C 252 -47.12 11.06 15.75
N VAL C 253 -47.85 11.25 14.67
CA VAL C 253 -48.72 10.27 14.04
C VAL C 253 -48.05 9.66 12.82
N THR C 254 -47.88 8.34 12.79
CA THR C 254 -47.16 7.69 11.71
C THR C 254 -47.95 6.54 11.05
N TRP C 255 -47.85 6.48 9.73
CA TRP C 255 -48.41 5.44 8.89
C TRP C 255 -47.25 4.73 8.18
N ASP C 256 -47.20 3.40 8.24
CA ASP C 256 -46.15 2.69 7.54
C ASP C 256 -46.51 2.61 6.05
N TRP C 257 -45.55 2.89 5.17
CA TRP C 257 -45.79 2.78 3.75
C TRP C 257 -46.18 1.34 3.39
N SER C 258 -45.70 0.37 4.14
CA SER C 258 -46.09 -1.02 3.88
C SER C 258 -47.58 -1.22 3.98
N ALA C 259 -48.27 -0.37 4.72
CA ALA C 259 -49.70 -0.54 4.95
C ALA C 259 -50.52 0.41 4.10
N LEU C 260 -49.82 1.29 3.37
CA LEU C 260 -50.48 2.29 2.56
C LEU C 260 -50.81 1.80 1.16
N THR C 261 -52.08 1.93 0.83
CA THR C 261 -52.59 1.72 -0.52
C THR C 261 -53.05 3.08 -1.05
N GLU C 262 -53.25 3.23 -2.35
CA GLU C 262 -53.76 4.50 -2.86
C GLU C 262 -55.05 4.85 -2.14
N GLU C 263 -55.90 3.84 -1.96
CA GLU C 263 -57.19 4.08 -1.32
C GLU C 263 -57.00 4.69 0.07
N ALA C 264 -55.99 4.22 0.81
CA ALA C 264 -55.74 4.75 2.15
C ALA C 264 -55.08 6.13 2.12
N PHE C 265 -54.07 6.33 1.28
CA PHE C 265 -53.35 7.60 1.19
C PHE C 265 -54.29 8.71 0.73
N THR C 266 -55.14 8.34 -0.23
CA THR C 266 -56.07 9.30 -0.82
C THR C 266 -57.07 9.81 0.20
N ARG C 267 -57.65 8.93 1.03
CA ARG C 267 -58.63 9.53 1.96
C ARG C 267 -57.91 10.33 3.03
N ILE C 268 -56.75 9.86 3.48
CA ILE C 268 -55.97 10.60 4.47
C ILE C 268 -55.78 12.04 4.04
N ILE C 269 -55.33 12.23 2.80
CA ILE C 269 -55.18 13.59 2.28
C ILE C 269 -56.51 14.32 2.30
N ASP C 270 -57.61 13.62 1.97
CA ASP C 270 -58.90 14.29 1.89
C ASP C 270 -59.41 14.71 3.25
N ASN C 271 -59.22 13.83 4.24
CA ASN C 271 -59.65 14.25 5.59
C ASN C 271 -58.83 15.43 6.08
N HIS C 272 -57.53 15.41 5.88
CA HIS C 272 -56.65 16.53 6.25
C HIS C 272 -57.11 17.86 5.67
N GLY C 273 -57.31 17.92 4.35
CA GLY C 273 -57.69 19.17 3.70
C GLY C 273 -59.04 19.70 4.16
N ALA C 274 -60.02 18.83 4.27
CA ALA C 274 -61.35 19.16 4.73
C ALA C 274 -61.33 19.66 6.17
N TRP C 275 -60.45 19.11 7.01
CA TRP C 275 -60.43 19.64 8.39
C TRP C 275 -59.95 21.09 8.39
N HIS C 276 -58.89 21.36 7.63
CA HIS C 276 -58.33 22.70 7.56
C HIS C 276 -59.29 23.70 6.95
N GLN C 277 -60.19 23.32 6.03
CA GLN C 277 -61.04 24.43 5.54
C GLN C 277 -62.03 24.80 6.63
N SER C 278 -62.45 23.95 7.67
CA SER C 278 -63.34 24.29 8.78
C SER C 278 -62.56 24.63 10.04
N ASN C 279 -61.30 24.55 10.07
CA ASN C 279 -60.61 24.99 11.27
C ASN C 279 -59.38 25.82 10.94
N SER C 280 -59.44 26.97 10.27
CA SER C 280 -58.13 27.55 9.98
C SER C 280 -58.06 29.01 10.45
N ALA C 281 -58.84 29.89 9.84
CA ALA C 281 -58.87 31.29 10.28
C ALA C 281 -59.47 31.36 11.68
N ALA C 282 -58.80 32.08 12.62
CA ALA C 282 -59.35 31.97 13.96
C ALA C 282 -58.91 33.07 14.93
N GLY C 283 -59.52 32.95 16.08
CA GLY C 283 -59.43 33.44 17.43
C GLY C 283 -60.03 32.38 18.35
N THR C 284 -59.59 31.14 18.14
CA THR C 284 -60.14 29.90 18.63
C THR C 284 -59.09 28.96 19.18
N PRO C 285 -59.55 27.95 19.94
CA PRO C 285 -58.69 26.85 20.38
C PRO C 285 -57.78 26.33 19.28
N TYR C 286 -58.37 25.92 18.15
CA TYR C 286 -57.50 25.25 17.16
C TYR C 286 -56.45 26.20 16.62
N ALA C 287 -56.69 27.50 16.76
CA ALA C 287 -55.72 28.49 16.28
C ALA C 287 -54.40 28.37 16.99
N SER C 288 -54.29 27.72 18.15
CA SER C 288 -52.96 27.53 18.74
C SER C 288 -52.33 26.24 18.22
N MET C 289 -53.11 25.41 17.53
CA MET C 289 -52.53 24.17 17.00
C MET C 289 -51.83 24.45 15.66
N HIS C 290 -50.69 23.82 15.50
CA HIS C 290 -49.98 23.74 14.24
C HIS C 290 -49.74 22.27 13.91
N SER C 291 -49.57 21.93 12.64
CA SER C 291 -49.22 20.59 12.21
C SER C 291 -48.42 20.67 10.93
N VAL C 292 -47.59 19.67 10.70
CA VAL C 292 -46.78 19.49 9.52
C VAL C 292 -46.95 18.05 9.00
N PHE C 293 -47.39 17.89 7.76
CA PHE C 293 -47.53 16.52 7.24
C PHE C 293 -46.36 16.24 6.31
N TYR C 294 -45.47 15.37 6.74
CA TYR C 294 -44.29 14.96 5.98
C TYR C 294 -44.63 13.76 5.09
N LEU C 295 -45.02 14.06 3.86
CA LEU C 295 -45.36 12.97 2.93
C LEU C 295 -44.08 12.51 2.26
N ASN C 296 -43.36 11.67 3.00
CA ASN C 296 -42.11 11.10 2.51
C ASN C 296 -42.38 10.08 1.40
N SER C 297 -41.37 9.77 0.61
CA SER C 297 -41.50 8.73 -0.41
C SER C 297 -41.44 7.34 0.23
N ARG C 298 -41.88 6.34 -0.52
CA ARG C 298 -41.82 4.92 -0.21
C ARG C 298 -40.42 4.36 -0.20
N ALA C 299 -39.40 5.15 0.10
CA ALA C 299 -38.07 4.63 0.42
C ALA C 299 -37.76 5.05 1.87
N ALA C 300 -38.57 6.01 2.29
CA ALA C 300 -38.50 6.64 3.58
C ALA C 300 -39.17 5.78 4.65
N GLY C 301 -40.12 4.96 4.22
CA GLY C 301 -40.71 3.94 5.04
C GLY C 301 -42.05 4.30 5.64
N GLN C 302 -42.22 5.56 5.99
CA GLN C 302 -43.46 6.04 6.58
C GLN C 302 -43.74 7.49 6.22
N ILE C 303 -45.01 7.84 6.37
CA ILE C 303 -45.44 9.24 6.38
C ILE C 303 -45.68 9.65 7.84
N LEU C 304 -45.43 10.91 8.15
CA LEU C 304 -45.48 11.32 9.54
C LEU C 304 -46.24 12.64 9.69
N LEU C 305 -47.14 12.67 10.66
CA LEU C 305 -47.86 13.86 11.09
C LEU C 305 -47.29 14.33 12.43
N ASP C 306 -46.69 15.52 12.45
CA ASP C 306 -46.10 16.04 13.69
C ASP C 306 -46.95 17.16 14.27
N ILE C 307 -47.69 16.90 15.35
CA ILE C 307 -48.62 17.97 15.75
C ILE C 307 -48.34 18.53 17.14
N GLN C 308 -48.40 19.87 17.27
CA GLN C 308 -48.09 20.48 18.56
C GLN C 308 -49.09 21.60 18.86
N ILE C 309 -49.23 21.93 20.14
CA ILE C 309 -50.13 22.97 20.61
C ILE C 309 -49.71 23.48 21.98
N ASP C 310 -50.27 24.60 22.42
CA ASP C 310 -50.01 25.13 23.75
C ASP C 310 -50.50 24.13 24.80
N GLY C 311 -49.55 23.53 25.49
CA GLY C 311 -49.79 22.51 26.49
C GLY C 311 -50.71 22.95 27.59
N GLY C 312 -50.73 24.26 27.87
CA GLY C 312 -51.58 24.79 28.92
C GLY C 312 -53.05 24.91 28.56
N LEU C 313 -53.41 24.65 27.30
CA LEU C 313 -54.81 24.99 27.00
C LEU C 313 -55.75 23.85 27.38
N ASP C 314 -56.96 24.23 27.78
CA ASP C 314 -57.90 23.20 28.24
C ASP C 314 -58.34 22.28 27.12
N GLY C 315 -58.48 21.00 27.46
CA GLY C 315 -58.86 19.98 26.50
C GLY C 315 -57.78 19.80 25.44
N ALA C 316 -56.58 20.29 25.70
CA ALA C 316 -55.48 20.29 24.74
C ALA C 316 -55.31 18.91 24.11
N GLU C 317 -55.11 17.89 24.95
CA GLU C 317 -54.95 16.51 24.52
C GLU C 317 -56.16 16.06 23.70
N ALA C 318 -57.33 16.48 24.17
CA ALA C 318 -58.61 16.19 23.52
C ALA C 318 -58.63 16.68 22.08
N LEU C 319 -58.12 17.90 21.83
CA LEU C 319 -58.24 18.40 20.46
C LEU C 319 -57.31 17.63 19.54
N LEU C 320 -56.13 17.27 20.03
CA LEU C 320 -55.16 16.51 19.26
C LEU C 320 -55.71 15.14 18.88
N ASN C 321 -56.47 14.49 19.78
CA ASN C 321 -57.14 13.29 19.30
C ASN C 321 -58.32 13.66 18.39
N ASP C 322 -58.91 14.83 18.60
CA ASP C 322 -60.02 15.32 17.79
C ASP C 322 -59.61 15.41 16.31
N PHE C 323 -58.45 16.01 16.09
CA PHE C 323 -57.86 16.19 14.78
C PHE C 323 -57.42 14.85 14.20
N VAL C 324 -56.61 14.09 14.94
CA VAL C 324 -56.11 12.82 14.42
C VAL C 324 -57.24 11.84 14.11
N ALA C 325 -58.34 11.88 14.84
CA ALA C 325 -59.42 10.96 14.46
C ALA C 325 -60.03 11.41 13.13
N ALA C 326 -60.17 12.72 12.92
CA ALA C 326 -60.76 13.22 11.67
C ALA C 326 -59.90 12.84 10.47
N VAL C 327 -58.60 12.77 10.70
CA VAL C 327 -57.69 12.51 9.59
C VAL C 327 -57.72 11.09 9.11
N ASN C 328 -57.78 10.07 9.98
CA ASN C 328 -57.90 8.76 9.27
C ASN C 328 -59.25 8.14 9.63
N GLU C 329 -60.28 8.98 9.56
CA GLU C 329 -61.63 8.56 9.90
C GLU C 329 -62.02 7.25 9.22
N GLY C 330 -62.04 7.24 7.88
CA GLY C 330 -62.58 6.07 7.20
C GLY C 330 -61.53 5.21 6.56
N THR C 331 -60.27 5.31 6.97
CA THR C 331 -59.24 4.43 6.42
C THR C 331 -59.36 3.02 6.96
N GLY C 332 -58.73 2.08 6.28
CA GLY C 332 -58.70 0.71 6.81
C GLY C 332 -57.36 0.49 7.49
N VAL C 333 -56.62 1.59 7.67
CA VAL C 333 -55.31 1.47 8.29
C VAL C 333 -55.16 2.42 9.47
N GLU C 334 -54.42 1.96 10.48
CA GLU C 334 -54.24 2.67 11.72
C GLU C 334 -52.77 3.04 11.90
N PRO C 335 -52.54 4.32 12.20
CA PRO C 335 -51.17 4.79 12.49
C PRO C 335 -50.77 4.51 13.94
N ALA C 336 -49.50 4.72 14.26
CA ALA C 336 -48.96 4.78 15.60
C ALA C 336 -48.93 6.23 16.09
N VAL C 337 -49.01 6.39 17.41
CA VAL C 337 -49.07 7.73 18.00
C VAL C 337 -48.13 7.85 19.18
N GLN C 338 -47.26 8.85 19.15
CA GLN C 338 -46.35 9.05 20.28
C GLN C 338 -46.70 10.37 20.95
N ARG C 339 -46.88 10.33 22.26
CA ARG C 339 -47.27 11.53 23.01
C ARG C 339 -46.10 12.06 23.83
N SER C 340 -46.09 13.37 24.01
CA SER C 340 -45.03 13.97 24.81
C SER C 340 -45.44 15.38 25.23
N THR C 341 -44.97 15.76 26.41
CA THR C 341 -45.13 17.09 26.96
C THR C 341 -43.75 17.61 27.34
N GLU C 342 -43.45 18.85 27.02
CA GLU C 342 -42.13 19.42 27.17
C GLU C 342 -42.25 20.89 27.53
N PRO C 343 -41.21 21.49 28.07
CA PRO C 343 -41.25 22.95 28.26
C PRO C 343 -41.15 23.62 26.88
N TRP C 344 -41.72 24.78 26.68
CA TRP C 344 -41.78 25.47 25.41
C TRP C 344 -40.43 25.75 24.75
N LEU C 345 -39.46 26.30 25.48
CA LEU C 345 -38.21 26.67 24.82
C LEU C 345 -37.41 25.44 24.45
N ARG C 346 -37.40 24.46 25.35
CA ARG C 346 -36.66 23.23 25.12
C ARG C 346 -37.23 22.52 23.89
N ALA C 347 -38.56 22.58 23.74
CA ALA C 347 -39.21 21.98 22.58
C ALA C 347 -38.90 22.75 21.31
N THR C 348 -38.92 24.08 21.40
CA THR C 348 -38.68 24.90 20.19
C THR C 348 -37.22 24.80 19.75
N LEU C 349 -36.26 24.77 20.67
CA LEU C 349 -34.87 24.67 20.24
C LEU C 349 -34.48 23.25 19.86
N ALA C 350 -35.25 22.20 20.13
CA ALA C 350 -34.73 20.90 19.64
C ALA C 350 -34.72 20.87 18.12
N ASN C 351 -33.52 20.83 17.53
CA ASN C 351 -33.35 21.11 16.11
C ASN C 351 -33.38 19.86 15.25
N LYS C 352 -34.56 19.49 14.85
CA LYS C 352 -34.85 18.32 14.03
C LYS C 352 -34.29 18.47 12.62
N PHE C 353 -33.38 19.32 12.30
CA PHE C 353 -33.08 19.65 10.91
C PHE C 353 -31.62 19.46 10.56
N ASP C 354 -30.86 18.68 11.32
CA ASP C 354 -29.50 18.35 10.86
C ASP C 354 -29.61 17.45 9.63
N THR C 355 -29.14 17.95 8.50
CA THR C 355 -29.21 17.31 7.20
C THR C 355 -28.40 16.03 7.07
N GLY C 356 -27.32 15.89 7.83
CA GLY C 356 -26.55 14.67 7.86
C GLY C 356 -25.77 14.33 6.61
N GLY C 357 -25.35 15.32 5.84
CA GLY C 357 -24.54 15.09 4.66
C GLY C 357 -25.31 15.19 3.36
N PHE C 358 -26.62 15.27 3.44
CA PHE C 358 -27.46 15.53 2.28
C PHE C 358 -27.81 17.01 2.27
N ASP C 359 -26.88 17.82 1.77
CA ASP C 359 -27.00 19.27 1.90
C ASP C 359 -27.29 19.98 0.58
N ARG C 360 -27.37 19.21 -0.50
CA ARG C 360 -27.79 19.74 -1.78
C ARG C 360 -29.29 19.52 -1.94
N THR C 361 -30.08 20.55 -2.25
CA THR C 361 -31.52 20.44 -2.38
C THR C 361 -32.09 21.31 -3.49
N LYS C 362 -33.30 20.99 -3.95
CA LYS C 362 -34.10 21.86 -4.81
C LYS C 362 -35.53 21.81 -4.32
N SER C 363 -36.17 22.98 -4.14
CA SER C 363 -37.52 22.95 -3.60
C SER C 363 -38.47 23.94 -4.25
N LYS C 364 -39.75 23.76 -3.97
CA LYS C 364 -40.84 24.58 -4.48
C LYS C 364 -42.11 24.49 -3.66
N GLY C 365 -42.83 25.61 -3.59
CA GLY C 365 -44.00 25.77 -2.79
C GLY C 365 -45.26 26.29 -3.45
N ALA C 366 -46.28 26.39 -2.61
CA ALA C 366 -47.57 26.97 -2.94
C ALA C 366 -48.39 27.33 -1.73
N TYR C 367 -49.42 28.15 -1.91
CA TYR C 367 -50.43 28.45 -0.92
C TYR C 367 -51.77 27.83 -1.27
N LEU C 368 -52.34 26.97 -0.43
CA LEU C 368 -53.64 26.40 -0.76
C LEU C 368 -54.79 27.06 -0.02
N ARG C 369 -55.70 27.71 -0.73
CA ARG C 369 -56.96 28.24 -0.26
C ARG C 369 -58.01 27.15 -0.04
N LYS C 370 -57.87 26.05 -0.79
CA LYS C 370 -58.80 24.92 -0.78
C LYS C 370 -58.04 23.61 -0.62
N PRO C 371 -58.68 22.50 -0.26
CA PRO C 371 -57.96 21.22 -0.27
C PRO C 371 -57.55 20.79 -1.68
N TRP C 372 -56.48 20.02 -1.80
CA TRP C 372 -56.08 19.43 -3.07
C TRP C 372 -57.28 18.68 -3.68
N THR C 373 -57.32 18.60 -4.99
CA THR C 373 -58.29 17.82 -5.73
C THR C 373 -57.95 16.34 -5.68
N ALA C 374 -58.95 15.50 -5.97
CA ALA C 374 -58.79 14.06 -6.05
C ALA C 374 -57.72 13.65 -7.06
N ALA C 375 -57.64 14.40 -8.16
CA ALA C 375 -56.63 14.18 -9.17
C ALA C 375 -55.23 14.55 -8.67
N GLN C 376 -55.20 15.61 -7.88
CA GLN C 376 -53.96 16.03 -7.22
C GLN C 376 -53.54 15.01 -6.17
N ALA C 377 -54.50 14.47 -5.44
CA ALA C 377 -54.21 13.49 -4.39
C ALA C 377 -53.62 12.22 -4.98
N ALA C 378 -54.12 11.84 -6.15
CA ALA C 378 -53.63 10.68 -6.88
C ALA C 378 -52.22 10.93 -7.41
N THR C 379 -51.93 12.16 -7.86
CA THR C 379 -50.62 12.46 -8.45
C THR C 379 -49.54 12.33 -7.37
N LEU C 380 -49.83 12.94 -6.22
CA LEU C 380 -48.96 12.85 -5.05
C LEU C 380 -48.61 11.39 -4.78
N TYR C 381 -49.65 10.55 -4.75
CA TYR C 381 -49.37 9.15 -4.39
C TYR C 381 -48.38 8.50 -5.36
N ARG C 382 -48.79 8.34 -6.60
CA ARG C 382 -47.96 7.79 -7.68
C ARG C 382 -46.51 8.20 -7.63
N HIS C 383 -46.27 9.49 -7.41
CA HIS C 383 -44.96 10.07 -7.36
C HIS C 383 -44.23 9.82 -6.05
N LEU C 384 -44.96 9.70 -4.94
CA LEU C 384 -44.25 9.37 -3.70
C LEU C 384 -44.09 7.86 -3.54
N SER C 385 -45.04 7.09 -4.05
CA SER C 385 -45.01 5.63 -3.94
C SER C 385 -43.92 5.03 -4.82
N ALA C 386 -43.59 5.69 -5.93
CA ALA C 386 -42.66 5.21 -6.93
C ALA C 386 -41.31 4.82 -6.37
N ASP C 387 -40.65 3.88 -7.06
CA ASP C 387 -39.28 3.53 -6.69
C ASP C 387 -38.31 4.46 -7.39
N SER C 388 -38.61 5.75 -7.29
CA SER C 388 -37.77 6.88 -7.60
C SER C 388 -36.37 6.62 -7.10
N GLN C 389 -35.38 7.32 -7.64
CA GLN C 389 -34.06 7.09 -7.01
C GLN C 389 -33.76 8.28 -6.11
N VAL C 390 -34.80 9.03 -5.73
CA VAL C 390 -34.49 10.21 -4.91
C VAL C 390 -35.29 10.33 -3.62
N TRP C 391 -34.61 10.91 -2.65
CA TRP C 391 -35.16 11.34 -1.38
C TRP C 391 -36.06 12.58 -1.50
N GLY C 392 -37.24 12.38 -2.04
CA GLY C 392 -38.28 13.34 -2.31
C GLY C 392 -39.33 13.36 -1.23
N GLU C 393 -39.86 14.56 -0.94
CA GLU C 393 -40.83 14.71 0.12
C GLU C 393 -41.64 16.00 -0.08
N VAL C 394 -42.88 15.90 0.39
CA VAL C 394 -43.86 16.96 0.26
C VAL C 394 -44.49 17.25 1.62
N SER C 395 -44.34 18.50 2.05
CA SER C 395 -44.71 18.91 3.40
C SER C 395 -45.95 19.78 3.35
N LEU C 396 -46.98 19.42 4.10
CA LEU C 396 -48.15 20.27 4.24
C LEU C 396 -48.16 20.90 5.63
N TYR C 397 -48.09 22.23 5.70
CA TYR C 397 -48.17 22.89 7.00
C TYR C 397 -49.54 23.55 7.20
N SER C 398 -50.14 23.30 8.38
CA SER C 398 -51.40 23.98 8.65
C SER C 398 -51.14 25.49 8.56
N TYR C 399 -52.09 26.22 7.99
CA TYR C 399 -52.00 27.65 7.82
C TYR C 399 -53.31 28.35 8.18
N GLY C 400 -53.38 29.64 7.89
CA GLY C 400 -54.64 30.34 8.13
C GLY C 400 -54.62 31.00 9.50
N GLY C 401 -55.76 31.02 10.17
CA GLY C 401 -55.77 31.61 11.51
C GLY C 401 -55.62 33.10 11.52
N LYS C 402 -54.85 33.56 12.50
CA LYS C 402 -54.58 34.99 12.63
C LYS C 402 -53.83 35.53 11.41
N VAL C 403 -53.13 34.74 10.61
CA VAL C 403 -52.56 35.38 9.40
C VAL C 403 -53.68 35.95 8.54
N ASN C 404 -54.85 35.34 8.56
CA ASN C 404 -55.91 35.82 7.66
C ASN C 404 -56.72 36.95 8.22
N SER C 405 -56.45 37.37 9.46
CA SER C 405 -57.22 38.45 10.07
C SER C 405 -56.80 39.82 9.52
N VAL C 406 -55.82 39.83 8.63
CA VAL C 406 -55.26 41.12 8.17
C VAL C 406 -55.50 41.35 6.69
N PRO C 407 -55.99 42.50 6.26
CA PRO C 407 -56.22 42.76 4.83
C PRO C 407 -54.94 42.67 3.99
N GLU C 408 -55.14 42.13 2.79
CA GLU C 408 -54.15 41.87 1.76
C GLU C 408 -53.24 43.05 1.47
N THR C 409 -53.77 44.27 1.59
CA THR C 409 -52.88 45.39 1.25
C THR C 409 -52.26 46.03 2.47
N ALA C 410 -52.65 45.73 3.71
CA ALA C 410 -52.01 46.46 4.81
C ALA C 410 -50.51 46.12 4.90
N THR C 411 -50.19 44.92 4.42
CA THR C 411 -48.81 44.43 4.58
C THR C 411 -48.29 43.85 3.27
N ALA C 412 -47.02 43.52 3.17
CA ALA C 412 -46.38 43.03 1.97
C ALA C 412 -46.48 41.50 1.87
N THR C 413 -47.30 40.94 2.75
CA THR C 413 -47.67 39.51 2.63
C THR C 413 -49.11 39.44 2.11
N ALA C 414 -49.19 39.11 0.82
CA ALA C 414 -50.45 39.19 0.07
C ALA C 414 -51.39 38.02 0.35
N GLN C 415 -50.81 36.88 0.71
CA GLN C 415 -51.61 35.68 0.92
C GLN C 415 -52.28 35.66 2.28
N ARG C 416 -53.47 36.19 2.37
CA ARG C 416 -54.21 36.28 3.62
C ARG C 416 -55.53 35.52 3.58
N ASP C 417 -55.51 34.36 2.89
CA ASP C 417 -56.76 33.62 2.74
C ASP C 417 -56.46 32.15 2.42
N SER C 418 -55.30 31.68 2.83
CA SER C 418 -54.89 30.29 2.64
C SER C 418 -55.06 29.50 3.93
N ILE C 419 -55.23 28.18 3.83
CA ILE C 419 -55.45 27.35 5.01
C ILE C 419 -54.33 26.33 5.19
N ILE C 420 -53.62 26.08 4.10
CA ILE C 420 -52.53 25.14 4.01
C ILE C 420 -51.39 25.69 3.15
N LYS C 421 -50.19 25.54 3.71
CA LYS C 421 -48.97 25.92 2.99
C LYS C 421 -48.22 24.70 2.49
N VAL C 422 -47.64 24.72 1.29
CA VAL C 422 -46.94 23.55 0.79
C VAL C 422 -45.48 23.79 0.43
N TRP C 423 -44.58 22.86 0.80
CA TRP C 423 -43.18 22.87 0.40
C TRP C 423 -42.80 21.49 -0.15
N MET C 424 -42.31 21.41 -1.37
CA MET C 424 -41.84 20.19 -2.01
C MET C 424 -40.33 20.17 -2.16
N SER C 425 -39.69 19.00 -1.94
CA SER C 425 -38.25 18.94 -1.99
C SER C 425 -37.68 17.56 -2.33
N ALA C 426 -36.48 17.62 -2.89
CA ALA C 426 -35.52 16.56 -3.12
C ALA C 426 -34.21 16.95 -2.43
N THR C 427 -33.69 15.99 -1.70
CA THR C 427 -32.52 16.11 -0.86
C THR C 427 -31.51 15.03 -1.22
N TRP C 428 -30.25 15.42 -1.36
CA TRP C 428 -29.18 14.51 -1.74
C TRP C 428 -27.80 15.03 -1.40
N MET C 429 -26.79 14.22 -1.73
CA MET C 429 -25.42 14.63 -1.35
C MET C 429 -24.50 14.69 -2.55
N ASP C 430 -24.55 13.69 -3.43
CA ASP C 430 -23.52 13.56 -4.45
C ASP C 430 -23.86 14.29 -5.74
N PRO C 431 -22.95 15.16 -6.17
CA PRO C 431 -23.11 15.98 -7.37
C PRO C 431 -23.49 15.17 -8.61
N ALA C 432 -22.96 13.97 -8.75
CA ALA C 432 -23.21 13.12 -9.90
C ALA C 432 -24.68 12.95 -10.21
N HIS C 433 -25.58 13.07 -9.22
CA HIS C 433 -26.99 12.89 -9.53
C HIS C 433 -27.79 14.18 -9.29
N ASP C 434 -27.22 15.34 -9.61
CA ASP C 434 -28.04 16.55 -9.52
C ASP C 434 -29.25 16.47 -10.42
N ASP C 435 -28.97 16.17 -11.70
CA ASP C 435 -29.98 16.14 -12.73
C ASP C 435 -31.14 15.22 -12.40
N ALA C 436 -30.84 14.04 -11.86
CA ALA C 436 -31.93 13.09 -11.59
C ALA C 436 -32.90 13.69 -10.58
N ASN C 437 -32.32 14.10 -9.46
CA ASN C 437 -33.05 14.74 -8.37
C ASN C 437 -33.82 15.97 -8.80
N LEU C 438 -33.13 16.84 -9.55
CA LEU C 438 -33.79 18.04 -10.06
C LEU C 438 -34.95 17.68 -10.97
N ALA C 439 -34.74 16.72 -11.87
CA ALA C 439 -35.81 16.36 -12.80
C ALA C 439 -37.09 15.99 -12.07
N TRP C 440 -36.89 15.18 -11.03
CA TRP C 440 -37.93 14.57 -10.25
C TRP C 440 -38.82 15.58 -9.56
N ILE C 441 -38.23 16.48 -8.78
CA ILE C 441 -39.06 17.52 -8.16
C ILE C 441 -39.74 18.41 -9.18
N ARG C 442 -39.05 18.76 -10.27
CA ARG C 442 -39.65 19.72 -11.19
C ARG C 442 -40.91 19.16 -11.83
N GLU C 443 -40.87 17.84 -12.00
CA GLU C 443 -41.98 17.18 -12.68
C GLU C 443 -43.17 16.99 -11.77
N ILE C 444 -42.98 16.56 -10.52
CA ILE C 444 -44.15 16.34 -9.64
C ILE C 444 -44.87 17.65 -9.37
N TYR C 445 -44.05 18.69 -9.19
CA TYR C 445 -44.61 20.03 -9.05
C TYR C 445 -45.51 20.35 -10.23
N ARG C 446 -44.89 20.28 -11.41
CA ARG C 446 -45.54 20.58 -12.68
C ARG C 446 -46.83 19.80 -12.85
N GLU C 447 -46.79 18.56 -12.38
CA GLU C 447 -47.98 17.72 -12.63
C GLU C 447 -49.09 18.08 -11.67
N ILE C 448 -48.83 18.27 -10.37
CA ILE C 448 -50.03 18.55 -9.56
C ILE C 448 -50.63 19.93 -9.84
N PHE C 449 -49.90 20.82 -10.48
CA PHE C 449 -50.40 22.12 -10.90
C PHE C 449 -50.58 22.20 -12.41
N ALA C 450 -50.80 21.05 -13.04
CA ALA C 450 -51.04 21.05 -14.48
C ALA C 450 -52.37 21.76 -14.75
N THR C 451 -52.67 22.14 -15.96
CA THR C 451 -53.81 22.94 -16.40
C THR C 451 -53.89 24.26 -15.62
N THR C 452 -52.75 24.69 -15.13
CA THR C 452 -52.62 26.04 -14.55
C THR C 452 -51.20 26.45 -14.89
N GLY C 453 -50.79 25.85 -16.04
CA GLY C 453 -49.51 25.85 -16.62
C GLY C 453 -48.30 25.37 -15.90
N GLY C 454 -48.43 24.64 -14.78
CA GLY C 454 -47.30 24.03 -14.13
C GLY C 454 -46.90 24.69 -12.82
N VAL C 455 -47.73 25.62 -12.36
CA VAL C 455 -47.47 26.36 -11.13
C VAL C 455 -48.73 26.74 -10.40
N PRO C 456 -48.69 27.13 -9.13
CA PRO C 456 -49.91 27.63 -8.49
C PRO C 456 -50.20 29.08 -8.82
N VAL C 457 -50.99 29.29 -9.87
CA VAL C 457 -51.48 30.63 -10.20
C VAL C 457 -52.52 31.06 -9.18
N PRO C 458 -52.40 32.27 -8.65
CA PRO C 458 -53.46 32.82 -7.80
C PRO C 458 -54.82 32.76 -8.53
N ASP C 459 -55.72 32.06 -7.89
CA ASP C 459 -57.10 31.88 -8.36
CA ASP C 459 -57.10 31.90 -8.35
C ASP C 459 -57.99 31.48 -7.20
N ASP C 460 -59.03 30.68 -7.47
CA ASP C 460 -59.95 30.24 -6.44
C ASP C 460 -59.41 29.13 -5.55
N ARG C 461 -58.48 28.33 -6.08
CA ARG C 461 -57.91 27.23 -5.31
C ARG C 461 -56.50 27.55 -4.81
N THR C 462 -55.82 28.56 -5.34
CA THR C 462 -54.50 28.87 -4.80
C THR C 462 -54.30 30.36 -4.54
N GLU C 463 -53.25 30.66 -3.77
CA GLU C 463 -52.83 32.03 -3.52
C GLU C 463 -51.38 32.25 -3.95
N GLY C 464 -50.83 31.42 -4.83
CA GLY C 464 -49.48 31.63 -5.32
C GLY C 464 -48.45 30.84 -4.54
N THR C 465 -47.27 31.43 -4.37
CA THR C 465 -46.26 30.83 -3.49
C THR C 465 -45.54 31.94 -2.71
N PHE C 466 -44.47 31.62 -2.02
CA PHE C 466 -43.86 32.41 -0.95
C PHE C 466 -42.41 32.75 -1.24
N ILE C 467 -42.04 34.01 -1.38
CA ILE C 467 -40.70 34.44 -1.75
C ILE C 467 -39.60 33.89 -0.87
N ASN C 468 -39.89 33.42 0.34
CA ASN C 468 -38.94 32.75 1.20
C ASN C 468 -38.68 31.31 0.73
N TYR C 469 -39.38 30.95 -0.33
CA TYR C 469 -39.32 29.74 -1.11
C TYR C 469 -38.97 30.09 -2.56
N PRO C 470 -37.77 30.60 -2.78
CA PRO C 470 -37.39 31.05 -4.14
C PRO C 470 -37.26 29.86 -5.08
N ASP C 471 -37.63 30.07 -6.33
CA ASP C 471 -37.71 29.07 -7.36
C ASP C 471 -37.54 29.71 -8.75
N VAL C 472 -36.32 29.61 -9.25
CA VAL C 472 -35.97 30.35 -10.47
C VAL C 472 -36.53 29.65 -11.69
N ASP C 473 -37.11 28.45 -11.51
CA ASP C 473 -37.84 27.77 -12.59
C ASP C 473 -39.10 28.53 -12.99
N LEU C 474 -39.56 29.41 -12.11
CA LEU C 474 -40.75 30.20 -12.30
C LEU C 474 -40.62 31.26 -13.39
N VAL C 475 -39.39 31.52 -13.79
CA VAL C 475 -39.07 32.29 -14.98
C VAL C 475 -38.41 31.36 -15.99
N ASP C 476 -38.96 30.14 -16.02
CA ASP C 476 -38.60 29.20 -17.06
C ASP C 476 -39.81 28.80 -17.89
N GLU C 477 -39.82 29.19 -19.18
CA GLU C 477 -40.94 28.84 -20.05
C GLU C 477 -40.92 27.35 -20.40
N ARG C 478 -39.68 26.80 -20.46
CA ARG C 478 -39.57 25.38 -20.78
C ARG C 478 -39.69 24.52 -19.53
N TRP C 479 -40.65 24.90 -18.69
CA TRP C 479 -41.04 24.24 -17.48
C TRP C 479 -42.47 24.62 -17.09
N ASN C 480 -42.55 25.78 -16.44
CA ASN C 480 -43.83 26.14 -15.82
C ASN C 480 -44.24 27.57 -16.15
N THR C 481 -44.98 28.17 -15.21
CA THR C 481 -45.42 29.55 -15.30
C THR C 481 -46.11 29.85 -16.61
N SER C 482 -47.28 29.24 -16.86
CA SER C 482 -47.93 29.48 -18.14
C SER C 482 -48.99 30.59 -18.03
N GLY C 483 -48.57 31.77 -18.47
CA GLY C 483 -49.44 32.93 -18.52
C GLY C 483 -49.11 33.98 -17.49
N VAL C 484 -48.77 33.56 -16.27
CA VAL C 484 -48.60 34.52 -15.18
C VAL C 484 -47.14 34.69 -14.80
N PRO C 485 -46.68 35.93 -14.62
CA PRO C 485 -45.27 36.17 -14.31
C PRO C 485 -44.93 35.75 -12.88
N TRP C 486 -43.64 35.59 -12.60
CA TRP C 486 -43.14 35.19 -11.30
C TRP C 486 -43.57 36.12 -10.19
N TYR C 487 -43.61 37.43 -10.48
CA TYR C 487 -43.85 38.38 -9.38
C TYR C 487 -45.27 38.32 -8.85
N THR C 488 -46.23 38.00 -9.71
CA THR C 488 -47.61 37.84 -9.30
C THR C 488 -47.77 36.52 -8.54
N LEU C 489 -46.90 35.59 -8.89
CA LEU C 489 -46.96 34.27 -8.23
C LEU C 489 -46.60 34.49 -6.76
N TYR C 490 -45.60 35.35 -6.57
CA TYR C 490 -45.15 35.67 -5.23
C TYR C 490 -45.88 36.83 -4.58
N TYR C 491 -46.20 37.92 -5.30
CA TYR C 491 -46.72 39.11 -4.63
C TYR C 491 -48.16 39.45 -4.94
N LYS C 492 -48.81 38.69 -5.81
CA LYS C 492 -50.17 38.99 -6.24
C LYS C 492 -50.33 40.45 -6.63
N GLY C 493 -51.31 41.16 -6.08
CA GLY C 493 -51.58 42.53 -6.44
C GLY C 493 -50.77 43.59 -5.76
N ASN C 494 -49.83 43.23 -4.90
CA ASN C 494 -48.99 44.19 -4.18
C ASN C 494 -47.71 44.52 -4.95
N TYR C 495 -47.49 43.91 -6.10
CA TYR C 495 -46.17 44.06 -6.73
C TYR C 495 -45.91 45.47 -7.26
N PRO C 496 -46.81 46.09 -8.00
CA PRO C 496 -46.62 47.48 -8.42
C PRO C 496 -46.20 48.44 -7.32
N ARG C 497 -46.76 48.32 -6.12
CA ARG C 497 -46.30 49.25 -5.04
C ARG C 497 -44.91 48.86 -4.60
N LEU C 498 -44.58 47.57 -4.60
CA LEU C 498 -43.22 47.15 -4.26
C LEU C 498 -42.17 47.73 -5.19
N GLN C 499 -42.54 47.77 -6.47
CA GLN C 499 -41.75 48.33 -7.53
C GLN C 499 -41.46 49.83 -7.30
N LYS C 500 -42.40 50.51 -6.65
CA LYS C 500 -42.26 51.94 -6.40
C LYS C 500 -41.13 52.20 -5.39
N VAL C 501 -41.13 51.37 -4.34
CA VAL C 501 -40.14 51.48 -3.28
C VAL C 501 -38.76 51.08 -3.78
N LYS C 502 -38.73 50.12 -4.71
CA LYS C 502 -37.47 49.73 -5.33
C LYS C 502 -36.87 50.93 -6.06
N ALA C 503 -37.65 51.68 -6.83
CA ALA C 503 -37.08 52.81 -7.57
C ALA C 503 -36.75 53.99 -6.67
N ARG C 504 -37.63 54.28 -5.71
CA ARG C 504 -37.43 55.37 -4.78
C ARG C 504 -36.20 55.15 -3.90
N TRP C 505 -36.00 53.98 -3.33
CA TRP C 505 -34.86 53.88 -2.40
C TRP C 505 -33.64 53.17 -2.97
N ASP C 506 -33.76 52.49 -4.12
CA ASP C 506 -32.62 51.88 -4.77
C ASP C 506 -32.56 52.28 -6.25
N PRO C 507 -32.49 53.58 -6.52
CA PRO C 507 -32.56 54.05 -7.91
C PRO C 507 -31.38 53.58 -8.76
N ARG C 508 -30.23 53.27 -8.18
CA ARG C 508 -29.12 52.71 -8.93
C ARG C 508 -29.05 51.18 -8.87
N ASP C 509 -30.08 50.56 -8.32
CA ASP C 509 -30.27 49.11 -8.37
C ASP C 509 -29.02 48.34 -7.95
N VAL C 510 -28.58 48.66 -6.72
CA VAL C 510 -27.37 48.14 -6.13
C VAL C 510 -27.57 46.73 -5.55
N PHE C 511 -28.79 46.48 -5.10
CA PHE C 511 -29.19 45.19 -4.57
C PHE C 511 -30.11 44.42 -5.51
N ARG C 512 -29.47 43.45 -6.18
CA ARG C 512 -30.22 42.63 -7.13
C ARG C 512 -29.79 41.16 -7.06
N HIS C 513 -30.66 40.32 -7.59
CA HIS C 513 -30.54 38.89 -7.77
C HIS C 513 -31.67 38.41 -8.69
N ALA C 514 -31.69 37.11 -9.00
CA ALA C 514 -32.61 36.59 -10.01
C ALA C 514 -34.05 36.83 -9.70
N LEU C 515 -34.55 36.57 -8.48
CA LEU C 515 -36.01 36.82 -8.38
C LEU C 515 -36.25 38.13 -7.63
N SER C 516 -35.50 39.17 -7.96
CA SER C 516 -35.53 40.48 -7.33
C SER C 516 -36.51 41.44 -7.98
N VAL C 517 -37.22 42.18 -7.14
CA VAL C 517 -38.18 43.19 -7.56
C VAL C 517 -37.48 44.22 -8.44
N ARG C 518 -38.08 44.45 -9.61
CA ARG C 518 -37.57 45.45 -10.54
C ARG C 518 -38.38 46.73 -10.52
N PRO C 519 -37.71 47.87 -10.69
CA PRO C 519 -38.45 49.13 -10.71
C PRO C 519 -39.26 49.23 -12.00
N PRO C 520 -40.37 49.96 -12.01
CA PRO C 520 -41.26 49.96 -13.18
C PRO C 520 -40.61 50.63 -14.39
N ALA D 29 -30.38 44.05 30.18
CA ALA D 29 -31.66 43.98 30.86
C ALA D 29 -31.47 43.75 32.36
N LEU D 30 -32.44 44.20 33.16
CA LEU D 30 -32.39 44.16 34.61
C LEU D 30 -32.33 42.72 35.12
N VAL D 31 -31.94 42.50 36.39
CA VAL D 31 -31.91 41.11 36.82
C VAL D 31 -33.31 40.51 36.75
N LYS D 32 -33.41 39.27 36.33
CA LYS D 32 -34.69 38.59 36.19
C LYS D 32 -34.74 37.48 37.25
N VAL D 33 -35.90 37.37 37.89
CA VAL D 33 -36.07 36.46 39.02
C VAL D 33 -37.22 35.51 38.72
N ASP D 34 -36.91 34.22 38.58
CA ASP D 34 -37.90 33.22 38.19
C ASP D 34 -38.31 32.25 39.29
N ARG D 35 -39.53 32.32 39.84
CA ARG D 35 -39.85 31.33 40.87
C ARG D 35 -40.95 30.35 40.49
N VAL D 36 -42.19 30.77 40.28
CA VAL D 36 -43.24 29.81 39.89
C VAL D 36 -43.84 30.31 38.56
N ASP D 37 -43.04 31.16 37.96
CA ASP D 37 -43.07 31.95 36.75
C ASP D 37 -43.30 31.10 35.51
N ARG D 38 -43.63 31.68 34.37
CA ARG D 38 -43.80 30.90 33.15
C ARG D 38 -42.52 30.23 32.69
N ARG D 39 -41.36 30.79 33.04
CA ARG D 39 -40.13 30.28 32.45
C ARG D 39 -39.47 29.19 33.28
N TYR D 40 -39.97 28.94 34.48
CA TYR D 40 -39.27 28.07 35.41
C TYR D 40 -38.84 26.71 34.86
N GLN D 41 -39.77 25.90 34.36
CA GLN D 41 -39.42 24.55 33.93
C GLN D 41 -38.30 24.52 32.92
N ASP D 42 -38.31 25.52 32.00
CA ASP D 42 -37.25 25.50 30.99
C ASP D 42 -35.88 25.60 31.66
N LEU D 43 -35.86 26.42 32.72
CA LEU D 43 -34.60 26.76 33.37
C LEU D 43 -34.07 25.59 34.18
N VAL D 44 -34.91 24.81 34.86
CA VAL D 44 -34.32 23.74 35.68
C VAL D 44 -34.13 22.45 34.88
N THR D 45 -34.46 22.47 33.59
CA THR D 45 -34.29 21.32 32.71
C THR D 45 -33.15 21.53 31.73
N ARG D 46 -32.34 22.56 32.01
CA ARG D 46 -31.22 22.81 31.11
C ARG D 46 -30.11 21.77 31.23
N GLY D 47 -30.02 21.13 32.39
CA GLY D 47 -29.03 20.11 32.68
C GLY D 47 -28.83 19.13 31.54
N PHE D 48 -27.58 18.92 31.11
CA PHE D 48 -27.38 17.99 29.98
C PHE D 48 -27.57 16.53 30.40
N ASN D 49 -27.20 16.19 31.63
CA ASN D 49 -27.51 14.85 32.13
C ASN D 49 -28.97 14.72 32.52
N GLY D 50 -29.73 13.88 31.84
CA GLY D 50 -31.15 13.70 32.11
C GLY D 50 -31.48 13.09 33.45
N ARG D 51 -30.52 12.43 34.09
CA ARG D 51 -30.69 11.83 35.41
C ARG D 51 -30.91 12.94 36.45
N PHE D 52 -30.39 14.13 36.19
CA PHE D 52 -30.40 15.18 37.22
C PHE D 52 -31.27 16.38 36.86
N ARG D 53 -32.34 16.54 37.61
CA ARG D 53 -33.27 17.65 37.51
C ARG D 53 -33.54 18.23 38.90
N GLY D 54 -33.23 19.51 39.07
CA GLY D 54 -33.35 20.17 40.35
C GLY D 54 -34.73 20.75 40.61
N ARG D 55 -34.96 21.19 41.84
CA ARG D 55 -36.22 21.83 42.20
C ARG D 55 -35.98 23.09 43.02
N PRO D 56 -35.22 24.05 42.46
CA PRO D 56 -34.84 25.22 43.26
C PRO D 56 -35.98 26.19 43.51
N ASP D 57 -35.78 27.08 44.50
CA ASP D 57 -36.89 27.99 44.79
C ASP D 57 -36.94 29.14 43.81
N VAL D 58 -35.76 29.56 43.31
CA VAL D 58 -35.74 30.66 42.34
C VAL D 58 -34.59 30.51 41.35
N VAL D 59 -34.77 30.94 40.11
CA VAL D 59 -33.65 31.04 39.17
C VAL D 59 -33.40 32.51 38.86
N TYR D 60 -32.15 32.94 38.92
CA TYR D 60 -31.80 34.33 38.65
C TYR D 60 -31.15 34.42 37.27
N VAL D 61 -31.79 35.05 36.31
CA VAL D 61 -31.20 35.26 34.98
C VAL D 61 -30.43 36.58 34.98
N VAL D 62 -29.12 36.49 35.03
CA VAL D 62 -28.16 37.57 35.15
C VAL D 62 -27.67 38.10 33.81
N HIS D 63 -27.36 39.39 33.80
CA HIS D 63 -26.98 40.08 32.56
C HIS D 63 -25.69 40.87 32.70
N THR D 64 -25.28 41.15 33.93
CA THR D 64 -24.06 41.83 34.29
C THR D 64 -23.56 41.29 35.64
N ALA D 65 -22.28 41.51 35.85
CA ALA D 65 -21.50 41.27 37.04
C ALA D 65 -22.11 41.95 38.27
N ASP D 66 -22.67 43.14 38.12
CA ASP D 66 -23.36 43.68 39.32
C ASP D 66 -24.65 42.90 39.56
N GLN D 67 -25.25 42.39 38.47
CA GLN D 67 -26.48 41.63 38.64
C GLN D 67 -26.21 40.35 39.43
N VAL D 68 -25.08 39.73 39.18
CA VAL D 68 -24.61 38.54 39.88
C VAL D 68 -24.35 38.87 41.34
N VAL D 69 -23.75 40.05 41.57
CA VAL D 69 -23.53 40.46 42.95
C VAL D 69 -24.85 40.51 43.69
N ASP D 70 -25.86 41.01 43.02
CA ASP D 70 -27.19 41.19 43.56
C ASP D 70 -27.95 39.89 43.72
N ALA D 71 -27.83 38.93 42.79
CA ALA D 71 -28.50 37.65 43.04
C ALA D 71 -27.80 36.87 44.16
N VAL D 72 -26.49 36.80 44.18
CA VAL D 72 -25.78 36.18 45.30
C VAL D 72 -26.12 36.86 46.62
N ASN D 73 -26.22 38.20 46.64
CA ASN D 73 -26.65 38.76 47.93
C ASN D 73 -28.09 38.40 48.26
N GLN D 74 -29.03 38.43 47.31
CA GLN D 74 -30.42 38.08 47.65
C GLN D 74 -30.54 36.61 48.04
N ALA D 75 -29.82 35.73 47.34
CA ALA D 75 -29.83 34.32 47.73
C ALA D 75 -29.33 34.11 49.17
N MET D 76 -28.31 34.88 49.56
CA MET D 76 -27.79 34.70 50.91
C MET D 76 -28.79 35.26 51.92
N ALA D 77 -29.43 36.38 51.60
CA ALA D 77 -30.37 36.98 52.55
C ALA D 77 -31.53 36.05 52.89
N ALA D 78 -31.84 35.10 52.01
CA ALA D 78 -32.96 34.19 52.19
C ALA D 78 -32.48 32.77 52.46
N GLY D 79 -31.17 32.65 52.66
CA GLY D 79 -30.50 31.43 53.05
C GLY D 79 -30.56 30.35 51.99
N GLN D 80 -30.54 30.80 50.73
CA GLN D 80 -30.73 29.89 49.60
C GLN D 80 -29.42 29.32 49.12
N ARG D 81 -29.28 27.99 49.14
CA ARG D 81 -28.04 27.38 48.67
C ARG D 81 -27.97 27.51 47.15
N ILE D 82 -26.88 28.11 46.72
CA ILE D 82 -26.69 28.54 45.34
C ILE D 82 -25.91 27.56 44.49
N ALA D 83 -26.22 27.55 43.19
CA ALA D 83 -25.38 26.87 42.21
C ALA D 83 -25.32 27.73 40.94
N VAL D 84 -24.17 27.72 40.29
CA VAL D 84 -23.93 28.46 39.06
C VAL D 84 -24.09 27.55 37.85
N ARG D 85 -24.88 27.94 36.86
CA ARG D 85 -24.91 27.17 35.62
C ARG D 85 -24.57 28.13 34.47
N SER D 86 -23.68 27.71 33.60
CA SER D 86 -23.43 28.34 32.31
C SER D 86 -23.92 27.41 31.19
N GLY D 87 -23.03 26.52 30.74
CA GLY D 87 -23.32 25.60 29.66
C GLY D 87 -24.25 24.45 29.98
N GLY D 88 -24.17 23.91 31.18
CA GLY D 88 -25.12 22.92 31.68
C GLY D 88 -24.66 21.49 31.47
N HIS D 89 -23.37 21.27 31.24
CA HIS D 89 -22.92 19.94 30.84
C HIS D 89 -22.31 19.15 32.00
N CYS D 90 -22.48 19.62 33.22
CA CYS D 90 -21.86 18.99 34.38
C CYS D 90 -22.23 17.51 34.46
N PHE D 91 -21.23 16.64 34.33
CA PHE D 91 -21.54 15.22 34.14
C PHE D 91 -22.24 14.62 35.34
N GLU D 92 -22.07 15.22 36.51
CA GLU D 92 -22.65 14.69 37.74
C GLU D 92 -23.87 15.45 38.22
N GLY D 93 -24.37 16.36 37.41
CA GLY D 93 -25.56 17.12 37.71
C GLY D 93 -25.55 17.85 39.04
N PHE D 94 -24.41 18.36 39.49
CA PHE D 94 -24.35 19.01 40.80
C PHE D 94 -25.26 20.21 40.91
N VAL D 95 -25.33 21.06 39.89
CA VAL D 95 -26.28 22.17 39.86
C VAL D 95 -27.71 21.78 40.15
N ASP D 96 -28.06 20.50 39.92
CA ASP D 96 -29.42 20.04 40.06
C ASP D 96 -29.62 19.15 41.27
N ASP D 97 -28.68 19.12 42.19
CA ASP D 97 -28.87 18.47 43.50
C ASP D 97 -30.13 18.96 44.20
N PRO D 98 -30.90 18.13 44.91
CA PRO D 98 -32.17 18.58 45.48
C PRO D 98 -32.00 19.58 46.62
N ALA D 99 -30.77 19.79 47.08
CA ALA D 99 -30.50 20.76 48.13
C ALA D 99 -30.31 22.18 47.61
N VAL D 100 -30.15 22.33 46.28
CA VAL D 100 -30.01 23.70 45.75
C VAL D 100 -31.35 24.41 45.70
N ARG D 101 -31.42 25.63 46.24
CA ARG D 101 -32.62 26.42 46.29
C ARG D 101 -32.49 27.73 45.49
N ALA D 102 -31.30 27.99 44.99
CA ALA D 102 -31.18 29.16 44.10
C ALA D 102 -30.16 28.90 43.00
N VAL D 103 -30.59 29.04 41.74
CA VAL D 103 -29.64 28.90 40.64
C VAL D 103 -29.54 30.25 39.91
N ILE D 104 -28.30 30.62 39.68
CA ILE D 104 -27.91 31.77 38.89
C ILE D 104 -27.43 31.25 37.53
N ASP D 105 -28.25 31.56 36.54
CA ASP D 105 -28.06 31.05 35.18
C ASP D 105 -27.44 32.11 34.29
N MET D 106 -26.25 31.79 33.74
CA MET D 106 -25.45 32.83 33.09
C MET D 106 -25.63 32.86 31.59
N SER D 107 -26.53 32.05 31.07
CA SER D 107 -26.55 31.82 29.62
C SER D 107 -26.86 33.08 28.83
N GLN D 108 -27.32 34.14 29.47
CA GLN D 108 -27.64 35.37 28.74
C GLN D 108 -26.46 36.33 28.74
N MET D 109 -25.35 35.94 29.37
CA MET D 109 -24.12 36.71 29.26
C MET D 109 -23.17 36.02 28.28
N ARG D 110 -23.07 36.54 27.04
CA ARG D 110 -22.18 35.79 26.14
C ARG D 110 -21.38 36.73 25.25
N GLN D 111 -21.14 37.98 25.66
CA GLN D 111 -20.28 38.80 24.82
C GLN D 111 -18.91 38.18 24.64
N VAL D 112 -18.26 38.48 23.53
CA VAL D 112 -16.89 38.21 23.16
C VAL D 112 -16.32 39.42 22.41
N PHE D 113 -15.16 39.91 22.79
CA PHE D 113 -14.60 41.12 22.19
C PHE D 113 -13.16 41.32 22.62
N TYR D 114 -12.42 42.17 21.91
CA TYR D 114 -11.03 42.44 22.26
C TYR D 114 -10.92 43.73 23.06
N ASP D 115 -10.16 43.69 24.16
CA ASP D 115 -9.99 44.95 24.90
C ASP D 115 -8.51 45.33 24.98
N SER D 116 -8.23 46.51 24.46
CA SER D 116 -6.91 47.11 24.39
C SER D 116 -6.38 47.45 25.78
N GLY D 117 -7.28 47.89 26.65
CA GLY D 117 -6.91 48.24 28.01
C GLY D 117 -6.24 47.05 28.70
N LYS D 118 -6.86 45.89 28.53
CA LYS D 118 -6.38 44.62 29.04
C LYS D 118 -5.37 44.02 28.07
N ARG D 119 -5.41 44.48 26.82
CA ARG D 119 -4.59 43.88 25.78
C ARG D 119 -4.89 42.38 25.75
N ALA D 120 -6.19 42.10 25.68
CA ALA D 120 -6.62 40.71 25.78
C ALA D 120 -8.04 40.53 25.27
N PHE D 121 -8.39 39.27 25.03
CA PHE D 121 -9.75 38.94 24.61
C PHE D 121 -10.69 38.63 25.77
N ALA D 122 -11.81 39.32 25.87
CA ALA D 122 -12.83 39.14 26.90
C ALA D 122 -13.88 38.12 26.48
N VAL D 123 -14.12 37.09 27.31
CA VAL D 123 -15.18 36.12 27.06
C VAL D 123 -16.00 35.95 28.34
N GLU D 124 -17.33 36.05 28.22
CA GLU D 124 -18.26 35.90 29.34
C GLU D 124 -18.64 34.43 29.46
N PRO D 125 -18.94 33.92 30.64
CA PRO D 125 -18.98 32.46 30.85
C PRO D 125 -20.14 31.78 30.15
N GLY D 126 -21.16 32.53 29.73
CA GLY D 126 -22.37 31.95 29.19
C GLY D 126 -22.26 31.75 27.67
N ALA D 127 -21.16 32.23 27.13
CA ALA D 127 -20.92 32.01 25.71
C ALA D 127 -20.46 30.57 25.52
N THR D 128 -21.05 29.93 24.52
CA THR D 128 -20.79 28.52 24.19
C THR D 128 -19.49 28.39 23.44
N LEU D 129 -18.86 27.21 23.40
CA LEU D 129 -17.56 27.09 22.75
C LEU D 129 -17.69 27.43 21.27
N GLY D 130 -18.71 26.96 20.57
CA GLY D 130 -18.88 27.30 19.15
C GLY D 130 -18.96 28.81 18.91
N GLU D 131 -19.72 29.50 19.78
CA GLU D 131 -19.89 30.94 19.69
C GLU D 131 -18.55 31.68 19.83
N THR D 132 -17.70 31.25 20.77
CA THR D 132 -16.41 31.91 20.94
C THR D 132 -15.44 31.54 19.82
N TYR D 133 -15.56 30.32 19.30
CA TYR D 133 -14.68 29.89 18.22
C TYR D 133 -15.00 30.73 16.98
N ARG D 134 -16.28 30.86 16.63
CA ARG D 134 -16.64 31.72 15.50
C ARG D 134 -16.32 33.17 15.77
N ALA D 135 -16.56 33.65 16.99
CA ALA D 135 -16.28 35.08 17.22
C ALA D 135 -14.78 35.34 17.05
N LEU D 136 -13.94 34.58 17.73
CA LEU D 136 -12.51 34.80 17.74
C LEU D 136 -11.90 34.75 16.34
N TYR D 137 -12.46 33.85 15.56
CA TYR D 137 -11.90 33.52 14.25
C TYR D 137 -12.29 34.55 13.20
N LEU D 138 -13.58 34.86 13.08
CA LEU D 138 -14.00 35.82 12.07
C LEU D 138 -13.38 37.19 12.29
N ASP D 139 -13.23 37.61 13.55
CA ASP D 139 -12.69 38.98 13.68
C ASP D 139 -11.17 39.01 13.59
N TRP D 140 -10.45 38.00 14.04
CA TRP D 140 -9.00 38.02 14.15
C TRP D 140 -8.27 36.84 13.54
N GLY D 141 -8.98 35.80 13.09
CA GLY D 141 -8.35 34.60 12.56
C GLY D 141 -7.75 33.66 13.58
N VAL D 142 -8.16 33.79 14.84
CA VAL D 142 -7.43 33.13 15.91
C VAL D 142 -8.32 32.22 16.77
N THR D 143 -7.75 31.35 17.60
CA THR D 143 -8.52 30.50 18.53
C THR D 143 -7.77 30.20 19.82
N ILE D 144 -8.42 29.45 20.71
CA ILE D 144 -7.91 28.92 21.96
C ILE D 144 -8.17 27.41 22.01
N PRO D 145 -7.22 26.66 22.55
CA PRO D 145 -7.31 25.18 22.47
C PRO D 145 -8.28 24.59 23.47
N ALA D 146 -9.56 24.84 23.23
CA ALA D 146 -10.63 24.41 24.11
C ALA D 146 -11.16 23.05 23.68
N GLY D 147 -12.30 22.61 24.22
CA GLY D 147 -12.81 21.29 23.90
C GLY D 147 -13.50 21.20 22.55
N VAL D 148 -14.06 20.01 22.28
CA VAL D 148 -14.71 19.73 21.01
C VAL D 148 -16.18 20.10 20.94
N CYS D 149 -16.90 20.00 22.06
CA CYS D 149 -18.36 20.12 21.96
C CYS D 149 -18.83 21.55 21.87
N PRO D 150 -19.43 21.98 20.75
CA PRO D 150 -19.79 23.38 20.53
C PRO D 150 -20.82 23.96 21.49
N GLN D 151 -21.73 23.15 22.02
CA GLN D 151 -22.76 23.65 22.92
C GLN D 151 -22.27 23.72 24.38
N VAL D 152 -21.06 23.24 24.63
CA VAL D 152 -20.53 23.30 26.00
C VAL D 152 -20.35 24.76 26.41
N GLY D 153 -20.57 25.13 27.68
CA GLY D 153 -20.42 26.53 28.07
C GLY D 153 -19.01 26.91 28.43
N VAL D 154 -18.61 28.17 28.13
CA VAL D 154 -17.27 28.58 28.51
C VAL D 154 -17.07 28.48 30.02
N GLY D 155 -18.05 29.02 30.73
CA GLY D 155 -18.00 29.28 32.14
C GLY D 155 -17.61 28.12 33.01
N GLY D 156 -18.06 26.89 32.75
CA GLY D 156 -17.71 25.82 33.66
C GLY D 156 -16.55 24.97 33.17
N HIS D 157 -16.21 25.16 31.89
CA HIS D 157 -15.16 24.48 31.17
C HIS D 157 -13.78 25.04 31.40
N VAL D 158 -13.64 26.39 31.35
CA VAL D 158 -12.25 26.85 31.42
C VAL D 158 -11.57 26.62 32.76
N LEU D 159 -12.26 26.89 33.87
CA LEU D 159 -11.60 26.79 35.17
C LEU D 159 -11.32 25.36 35.61
N GLY D 160 -11.79 24.38 34.85
CA GLY D 160 -11.42 22.99 35.10
C GLY D 160 -10.26 22.56 34.22
N GLY D 161 -9.68 23.53 33.51
CA GLY D 161 -8.59 23.26 32.57
C GLY D 161 -9.05 22.47 31.37
N GLY D 162 -9.99 23.01 30.61
CA GLY D 162 -10.52 22.35 29.43
C GLY D 162 -9.45 22.06 28.39
N TYR D 163 -9.58 20.94 27.72
CA TYR D 163 -8.71 20.45 26.67
C TYR D 163 -9.50 20.19 25.40
N GLY D 164 -8.81 20.20 24.27
CA GLY D 164 -9.42 19.82 23.01
C GLY D 164 -8.37 19.40 22.00
N PRO D 165 -8.80 19.27 20.76
CA PRO D 165 -7.95 18.91 19.63
C PRO D 165 -6.68 19.71 19.46
N LEU D 166 -6.60 20.98 19.86
CA LEU D 166 -5.37 21.73 19.61
C LEU D 166 -4.48 21.87 20.84
N SER D 167 -4.73 21.03 21.84
CA SER D 167 -3.99 21.14 23.08
C SER D 167 -2.65 20.45 22.97
N ARG D 168 -2.55 19.48 22.05
CA ARG D 168 -1.26 18.83 21.82
C ARG D 168 -0.40 19.80 21.02
N ARG D 169 -1.13 20.74 20.41
CA ARG D 169 -0.42 21.78 19.68
C ARG D 169 -0.13 22.95 20.60
N ASP D 170 -1.13 23.44 21.33
CA ASP D 170 -1.08 24.66 22.10
C ASP D 170 -1.35 24.52 23.60
N GLY D 171 -1.63 23.32 24.08
CA GLY D 171 -1.86 23.07 25.48
C GLY D 171 -3.32 23.22 25.88
N VAL D 172 -3.54 23.37 27.19
CA VAL D 172 -4.90 23.47 27.69
C VAL D 172 -5.38 24.88 27.50
N VAL D 173 -6.70 25.11 27.44
CA VAL D 173 -7.23 26.46 27.27
C VAL D 173 -6.71 27.41 28.35
N ALA D 174 -6.46 26.94 29.57
CA ALA D 174 -6.11 27.85 30.66
C ALA D 174 -4.66 28.28 30.60
N ASP D 175 -3.88 27.66 29.70
CA ASP D 175 -2.53 28.06 29.37
C ASP D 175 -2.52 29.37 28.57
N HIS D 176 -3.70 29.90 28.27
CA HIS D 176 -3.84 31.20 27.63
C HIS D 176 -4.72 32.11 28.48
N LEU D 177 -4.90 31.71 29.76
CA LEU D 177 -5.71 32.56 30.64
C LEU D 177 -4.86 33.63 31.32
N TYR D 178 -5.16 34.89 31.06
CA TYR D 178 -4.44 36.05 31.58
C TYR D 178 -5.07 36.60 32.84
N ALA D 179 -6.40 36.57 32.92
CA ALA D 179 -7.12 37.25 33.97
C ALA D 179 -8.56 36.80 34.11
N VAL D 180 -9.11 37.00 35.32
CA VAL D 180 -10.52 36.61 35.46
C VAL D 180 -11.24 37.56 36.38
N GLU D 181 -12.47 37.91 36.05
CA GLU D 181 -13.41 38.63 36.92
C GLU D 181 -14.29 37.61 37.66
N VAL D 182 -14.33 37.73 38.98
CA VAL D 182 -15.07 36.86 39.86
C VAL D 182 -15.90 37.60 40.91
N VAL D 183 -17.12 37.13 41.14
CA VAL D 183 -17.89 37.62 42.28
C VAL D 183 -17.70 36.63 43.42
N VAL D 184 -17.14 37.15 44.51
CA VAL D 184 -16.79 36.36 45.69
C VAL D 184 -17.56 36.83 46.91
N VAL D 185 -17.50 36.11 48.04
CA VAL D 185 -18.26 36.62 49.19
C VAL D 185 -17.30 36.72 50.38
N ASP D 186 -17.31 37.90 50.92
CA ASP D 186 -16.63 38.44 52.06
C ASP D 186 -16.77 37.58 53.31
N ALA D 187 -15.81 37.69 54.22
CA ALA D 187 -15.97 37.09 55.54
C ALA D 187 -17.18 37.70 56.24
N SER D 188 -17.49 38.95 55.88
CA SER D 188 -18.65 39.69 56.38
C SER D 188 -19.95 39.29 55.69
N GLY D 189 -19.87 38.55 54.58
CA GLY D 189 -21.06 38.05 53.91
C GLY D 189 -21.52 38.94 52.78
N ARG D 190 -20.65 39.85 52.33
CA ARG D 190 -21.01 40.73 51.23
C ARG D 190 -20.42 40.19 49.92
N ALA D 191 -21.25 40.19 48.88
CA ALA D 191 -20.78 39.82 47.54
C ALA D 191 -20.10 41.02 46.90
N ARG D 192 -19.00 40.79 46.20
CA ARG D 192 -18.22 41.84 45.56
C ARG D 192 -17.51 41.35 44.31
N LYS D 193 -17.16 42.31 43.44
CA LYS D 193 -16.41 41.97 42.23
C LYS D 193 -14.91 42.06 42.49
N VAL D 194 -14.14 41.12 41.96
CA VAL D 194 -12.70 41.10 42.02
C VAL D 194 -12.12 40.77 40.64
N VAL D 195 -10.93 41.29 40.42
CA VAL D 195 -10.10 40.93 39.27
C VAL D 195 -8.84 40.27 39.81
N ALA D 196 -8.44 39.16 39.20
CA ALA D 196 -7.22 38.46 39.53
C ALA D 196 -6.44 38.14 38.26
N THR D 197 -5.16 38.49 38.22
CA THR D 197 -4.40 38.38 36.97
C THR D 197 -3.10 37.66 37.25
N SER D 198 -2.50 37.11 36.19
CA SER D 198 -1.31 36.29 36.27
C SER D 198 -0.05 37.11 36.55
N ALA D 199 -0.21 38.43 36.73
CA ALA D 199 0.96 39.25 37.05
C ALA D 199 1.65 38.78 38.33
N ALA D 200 2.95 38.55 38.18
CA ALA D 200 3.80 38.08 39.25
C ALA D 200 3.60 38.88 40.53
N ASP D 201 3.33 40.17 40.39
CA ASP D 201 3.18 41.08 41.51
C ASP D 201 1.73 41.41 41.86
N ASP D 202 0.77 40.71 41.26
CA ASP D 202 -0.65 40.93 41.55
C ASP D 202 -0.97 40.26 42.88
N PRO D 203 -1.59 40.96 43.82
CA PRO D 203 -1.85 40.35 45.13
C PRO D 203 -2.92 39.25 45.09
N ASN D 204 -3.67 39.15 44.00
CA ASN D 204 -4.71 38.14 43.82
C ASN D 204 -4.29 37.09 42.78
N ARG D 205 -3.01 36.97 42.51
CA ARG D 205 -2.54 35.95 41.58
C ARG D 205 -2.93 34.54 41.99
N GLU D 206 -3.06 34.25 43.29
CA GLU D 206 -3.43 32.86 43.60
C GLU D 206 -4.88 32.56 43.25
N LEU D 207 -5.74 33.58 43.27
CA LEU D 207 -7.12 33.49 42.83
C LEU D 207 -7.13 33.21 41.32
N TRP D 208 -6.20 33.83 40.58
CA TRP D 208 -6.08 33.51 39.15
C TRP D 208 -5.69 32.03 39.01
N TRP D 209 -4.61 31.62 39.64
CA TRP D 209 -4.08 30.26 39.65
C TRP D 209 -5.22 29.26 39.83
N ALA D 210 -6.05 29.54 40.86
CA ALA D 210 -7.10 28.60 41.21
C ALA D 210 -8.04 28.33 40.03
N HIS D 211 -8.12 29.31 39.13
CA HIS D 211 -8.98 29.25 37.97
C HIS D 211 -8.27 28.62 36.78
N THR D 212 -7.07 28.11 37.00
CA THR D 212 -6.36 27.47 35.87
C THR D 212 -6.36 25.96 36.09
N GLY D 213 -7.54 25.51 36.47
CA GLY D 213 -7.82 24.11 36.75
C GLY D 213 -8.44 23.98 38.12
N GLY D 214 -9.01 22.80 38.39
CA GLY D 214 -9.60 22.74 39.72
C GLY D 214 -10.97 23.32 39.90
N GLY D 215 -11.56 23.91 38.87
CA GLY D 215 -12.74 24.69 38.85
C GLY D 215 -14.05 24.17 39.37
N GLY D 216 -15.11 24.46 38.68
CA GLY D 216 -16.50 24.67 38.69
C GLY D 216 -17.01 24.73 40.13
N GLY D 217 -17.80 25.75 40.43
CA GLY D 217 -18.46 26.00 41.68
C GLY D 217 -17.65 25.88 42.93
N ASN D 218 -16.42 26.42 42.98
CA ASN D 218 -15.60 26.48 44.18
C ASN D 218 -15.38 27.87 44.78
N PHE D 219 -14.91 28.84 43.99
CA PHE D 219 -14.35 30.07 44.55
C PHE D 219 -15.21 31.31 44.37
N GLY D 220 -16.38 31.19 43.78
CA GLY D 220 -17.21 32.30 43.39
C GLY D 220 -17.64 32.13 41.95
N ILE D 221 -18.36 33.10 41.42
CA ILE D 221 -18.90 33.03 40.07
C ILE D 221 -18.08 33.83 39.09
N VAL D 222 -17.46 33.14 38.11
CA VAL D 222 -16.70 33.81 37.05
C VAL D 222 -17.64 34.62 36.18
N THR D 223 -17.33 35.94 36.12
CA THR D 223 -18.26 36.76 35.36
C THR D 223 -17.65 37.13 34.00
N ARG D 224 -16.35 36.93 33.88
CA ARG D 224 -15.65 37.22 32.63
C ARG D 224 -14.24 36.63 32.64
N TYR D 225 -13.82 36.05 31.52
CA TYR D 225 -12.46 35.56 31.39
C TYR D 225 -11.65 36.45 30.44
N TRP D 226 -10.35 36.45 30.61
CA TRP D 226 -9.47 37.17 29.68
C TRP D 226 -8.37 36.23 29.20
N PHE D 227 -8.23 36.15 27.87
CA PHE D 227 -7.21 35.32 27.27
C PHE D 227 -6.17 36.10 26.46
N ARG D 228 -4.94 35.61 26.56
CA ARG D 228 -3.78 36.06 25.85
C ARG D 228 -2.62 35.12 26.16
N THR D 229 -2.01 34.63 25.10
CA THR D 229 -0.89 33.69 25.26
C THR D 229 0.23 34.31 26.08
N PRO D 230 0.85 33.55 26.97
CA PRO D 230 2.02 34.05 27.72
C PRO D 230 2.99 34.77 26.81
N GLY D 231 3.36 34.17 25.67
CA GLY D 231 4.08 34.94 24.65
C GLY D 231 3.24 36.10 24.13
N ALA D 232 3.53 37.33 24.54
CA ALA D 232 2.59 38.42 24.45
C ALA D 232 2.78 39.50 23.39
N THR D 233 3.96 39.86 22.96
CA THR D 233 4.37 41.04 22.24
C THR D 233 3.29 41.69 21.37
N GLY D 234 3.23 43.02 21.43
CA GLY D 234 2.49 43.80 20.48
C GLY D 234 1.07 44.21 20.78
N THR D 235 0.62 45.20 20.03
CA THR D 235 -0.73 45.72 19.99
C THR D 235 -1.57 45.08 18.88
N ASP D 236 -0.98 44.09 18.21
CA ASP D 236 -1.71 43.39 17.16
C ASP D 236 -2.55 42.28 17.77
N PRO D 237 -3.86 42.47 17.87
CA PRO D 237 -4.73 41.41 18.45
C PRO D 237 -4.58 40.07 17.77
N SER D 238 -4.30 40.01 16.46
CA SER D 238 -4.23 38.73 15.77
C SER D 238 -2.98 37.94 16.12
N GLN D 239 -1.99 38.52 16.77
CA GLN D 239 -0.88 37.69 17.23
C GLN D 239 -0.82 37.59 18.76
N LEU D 240 -1.97 37.77 19.37
CA LEU D 240 -2.13 37.67 20.82
C LEU D 240 -2.65 36.30 21.27
N LEU D 241 -3.04 35.44 20.34
CA LEU D 241 -3.44 34.06 20.64
C LEU D 241 -3.09 33.20 19.43
N PRO D 242 -2.95 31.89 19.56
CA PRO D 242 -2.50 31.07 18.42
C PRO D 242 -3.40 31.14 17.20
N LYS D 243 -2.83 30.97 15.99
CA LYS D 243 -3.68 31.11 14.81
C LYS D 243 -4.42 29.80 14.53
N ALA D 244 -5.72 29.92 14.17
CA ALA D 244 -6.42 28.65 13.89
C ALA D 244 -5.82 27.94 12.68
N PRO D 245 -6.12 26.65 12.54
CA PRO D 245 -5.55 25.86 11.44
C PRO D 245 -6.20 26.25 10.11
N THR D 246 -5.45 26.00 9.05
CA THR D 246 -5.80 26.28 7.68
C THR D 246 -7.11 25.64 7.26
N SER D 247 -7.28 24.40 7.66
CA SER D 247 -8.48 23.61 7.40
C SER D 247 -8.35 22.30 8.16
N THR D 248 -9.39 21.47 8.16
CA THR D 248 -9.31 20.19 8.85
C THR D 248 -9.35 19.00 7.88
N LEU D 249 -8.29 18.22 7.96
CA LEU D 249 -8.17 16.91 7.34
C LEU D 249 -8.49 15.84 8.37
N ARG D 250 -9.51 15.00 8.14
CA ARG D 250 -9.91 13.99 9.11
C ARG D 250 -9.84 12.57 8.57
N HIS D 251 -9.58 11.60 9.44
CA HIS D 251 -9.62 10.19 9.13
C HIS D 251 -10.57 9.45 10.05
N ILE D 252 -11.56 8.82 9.44
CA ILE D 252 -12.45 7.92 10.18
C ILE D 252 -12.16 6.49 9.74
N VAL D 253 -11.50 5.75 10.62
CA VAL D 253 -11.18 4.34 10.54
C VAL D 253 -12.23 3.52 11.29
N THR D 254 -12.79 2.49 10.70
CA THR D 254 -13.76 1.63 11.39
C THR D 254 -13.28 0.18 11.43
N TRP D 255 -13.59 -0.55 12.49
CA TRP D 255 -13.32 -1.97 12.59
C TRP D 255 -14.58 -2.71 13.06
N ASP D 256 -15.05 -3.68 12.29
CA ASP D 256 -16.19 -4.50 12.69
C ASP D 256 -15.86 -5.32 13.93
N TRP D 257 -16.82 -5.43 14.85
CA TRP D 257 -16.68 -6.30 16.01
C TRP D 257 -16.53 -7.75 15.56
N SER D 258 -17.14 -8.08 14.42
CA SER D 258 -17.09 -9.46 13.94
C SER D 258 -15.68 -9.85 13.57
N ALA D 259 -14.88 -8.85 13.18
CA ALA D 259 -13.55 -9.16 12.67
C ALA D 259 -12.50 -9.00 13.76
N LEU D 260 -12.91 -8.42 14.88
CA LEU D 260 -11.98 -8.28 15.99
C LEU D 260 -12.23 -9.35 17.05
N THR D 261 -11.17 -10.07 17.37
CA THR D 261 -11.09 -10.96 18.51
C THR D 261 -9.94 -10.46 19.39
N GLU D 262 -9.69 -11.10 20.52
CA GLU D 262 -8.64 -10.72 21.45
C GLU D 262 -7.34 -10.31 20.76
N GLU D 263 -6.80 -11.30 20.06
CA GLU D 263 -5.66 -11.11 19.17
C GLU D 263 -5.78 -9.85 18.34
N ALA D 264 -6.81 -9.73 17.48
CA ALA D 264 -6.84 -8.51 16.67
C ALA D 264 -7.11 -7.29 17.55
N PHE D 265 -8.01 -7.36 18.52
CA PHE D 265 -8.31 -6.19 19.35
C PHE D 265 -7.06 -5.76 20.11
N THR D 266 -6.42 -6.70 20.80
CA THR D 266 -5.39 -6.30 21.75
C THR D 266 -4.15 -5.74 21.07
N ARG D 267 -3.67 -6.32 19.97
CA ARG D 267 -2.50 -5.71 19.33
C ARG D 267 -2.80 -4.26 18.95
N ILE D 268 -4.05 -4.02 18.56
CA ILE D 268 -4.53 -2.67 18.27
C ILE D 268 -4.17 -1.74 19.43
N ILE D 269 -4.71 -2.04 20.61
CA ILE D 269 -4.55 -1.22 21.79
C ILE D 269 -3.08 -1.02 22.14
N ASP D 270 -2.35 -2.12 22.04
CA ASP D 270 -0.91 -2.19 22.18
C ASP D 270 -0.24 -1.32 21.12
N ASN D 271 -0.81 -1.35 19.92
CA ASN D 271 -0.34 -0.47 18.86
C ASN D 271 -0.57 0.99 19.22
N HIS D 272 -1.79 1.41 19.48
CA HIS D 272 -2.10 2.80 19.85
C HIS D 272 -1.23 3.31 20.99
N GLY D 273 -1.10 2.54 22.06
CA GLY D 273 -0.30 2.92 23.20
C GLY D 273 1.12 3.32 22.92
N ALA D 274 1.89 2.43 22.29
CA ALA D 274 3.28 2.69 22.01
C ALA D 274 3.49 3.89 21.07
N TRP D 275 2.57 4.11 20.14
CA TRP D 275 2.66 5.27 19.24
C TRP D 275 2.56 6.57 20.02
N HIS D 276 1.55 6.67 20.88
CA HIS D 276 1.39 7.88 21.69
C HIS D 276 2.55 8.01 22.66
N GLN D 277 3.10 6.84 23.07
CA GLN D 277 4.25 6.99 23.98
C GLN D 277 5.43 7.53 23.20
N SER D 278 5.52 7.49 21.84
CA SER D 278 6.62 7.92 20.98
C SER D 278 6.42 9.35 20.49
N ASN D 279 5.16 9.66 20.28
CA ASN D 279 4.78 10.97 19.74
C ASN D 279 4.27 11.93 20.81
N SER D 280 4.27 11.55 22.09
CA SER D 280 3.50 12.35 23.04
C SER D 280 4.20 12.91 24.25
N ALA D 281 5.20 13.72 24.02
CA ALA D 281 5.22 15.12 23.75
C ALA D 281 5.88 15.46 22.39
N ALA D 282 5.55 16.65 21.95
CA ALA D 282 6.03 17.23 20.71
C ALA D 282 5.61 18.69 20.56
N GLY D 283 6.42 19.42 19.82
CA GLY D 283 6.14 20.66 19.12
C GLY D 283 6.59 20.45 17.66
N THR D 284 6.08 19.41 17.07
CA THR D 284 6.33 18.70 15.84
C THR D 284 5.10 18.68 14.95
N PRO D 285 5.16 18.18 13.72
CA PRO D 285 3.92 18.08 12.94
C PRO D 285 2.83 17.28 13.65
N TYR D 286 3.15 16.09 14.13
CA TYR D 286 2.18 15.23 14.78
C TYR D 286 1.60 15.86 16.05
N ALA D 287 2.25 16.89 16.56
CA ALA D 287 1.72 17.71 17.65
C ALA D 287 0.43 18.42 17.23
N SER D 288 0.19 18.50 15.92
CA SER D 288 -1.04 19.14 15.46
C SER D 288 -2.13 18.10 15.20
N MET D 289 -1.78 16.83 15.47
CA MET D 289 -2.75 15.78 15.24
C MET D 289 -3.48 15.52 16.55
N HIS D 290 -4.78 15.32 16.43
CA HIS D 290 -5.56 14.86 17.55
C HIS D 290 -6.32 13.61 17.10
N SER D 291 -6.67 12.71 17.99
CA SER D 291 -7.57 11.63 17.58
C SER D 291 -8.35 11.14 18.81
N VAL D 292 -9.44 10.43 18.54
CA VAL D 292 -10.23 9.75 19.55
C VAL D 292 -10.63 8.37 19.03
N PHE D 293 -10.28 7.38 19.84
CA PHE D 293 -10.62 5.99 19.58
C PHE D 293 -11.86 5.68 20.40
N TYR D 294 -13.00 5.61 19.74
CA TYR D 294 -14.25 5.18 20.32
C TYR D 294 -14.31 3.66 20.35
N LEU D 295 -13.96 3.08 21.48
CA LEU D 295 -14.00 1.63 21.66
C LEU D 295 -15.43 1.20 22.03
N ASN D 296 -16.31 1.22 21.04
CA ASN D 296 -17.73 0.93 21.25
C ASN D 296 -17.93 -0.54 21.65
N SER D 297 -18.98 -0.81 22.40
CA SER D 297 -19.27 -2.17 22.85
C SER D 297 -19.56 -3.12 21.69
N ARG D 298 -19.72 -4.41 21.97
CA ARG D 298 -20.11 -5.40 20.98
C ARG D 298 -21.63 -5.41 20.83
N ALA D 299 -22.17 -4.22 20.73
CA ALA D 299 -23.59 -4.00 20.45
C ALA D 299 -23.64 -2.94 19.34
N ALA D 300 -22.56 -2.16 19.34
CA ALA D 300 -22.40 -1.06 18.40
C ALA D 300 -22.04 -1.56 17.01
N GLY D 301 -21.39 -2.72 17.01
CA GLY D 301 -20.89 -3.36 15.80
C GLY D 301 -19.44 -3.03 15.50
N GLN D 302 -18.97 -1.81 15.81
CA GLN D 302 -17.60 -1.47 15.46
C GLN D 302 -16.92 -0.56 16.48
N ILE D 303 -15.60 -0.53 16.45
CA ILE D 303 -14.78 0.42 17.20
C ILE D 303 -14.19 1.42 16.18
N LEU D 304 -14.32 2.69 16.50
CA LEU D 304 -13.96 3.74 15.56
C LEU D 304 -12.87 4.67 16.06
N LEU D 305 -11.99 5.01 15.13
CA LEU D 305 -10.91 5.97 15.35
C LEU D 305 -11.21 7.20 14.52
N ASP D 306 -11.52 8.34 15.13
CA ASP D 306 -11.71 9.60 14.39
C ASP D 306 -10.46 10.45 14.56
N ILE D 307 -9.70 10.65 13.48
CA ILE D 307 -8.42 11.34 13.65
C ILE D 307 -8.35 12.58 12.76
N GLN D 308 -7.88 13.69 13.35
CA GLN D 308 -7.86 14.90 12.55
C GLN D 308 -6.52 15.64 12.71
N ILE D 309 -6.28 16.54 11.75
CA ILE D 309 -5.01 17.27 11.72
C ILE D 309 -5.14 18.54 10.90
N ASP D 310 -4.26 19.51 11.17
CA ASP D 310 -4.25 20.71 10.33
C ASP D 310 -3.93 20.31 8.88
N GLY D 311 -4.92 20.44 8.00
CA GLY D 311 -4.77 20.05 6.62
C GLY D 311 -3.95 21.00 5.78
N GLY D 312 -3.24 21.94 6.39
CA GLY D 312 -2.35 22.78 5.60
C GLY D 312 -0.90 22.41 5.81
N LEU D 313 -0.60 21.50 6.75
CA LEU D 313 0.85 21.31 7.01
C LEU D 313 1.42 20.28 6.03
N ASP D 314 2.72 20.38 5.76
CA ASP D 314 3.39 19.46 4.84
C ASP D 314 3.09 18.01 5.20
N GLY D 315 3.04 17.15 4.18
CA GLY D 315 2.79 15.73 4.25
C GLY D 315 1.74 15.40 5.29
N ALA D 316 0.68 16.21 5.36
CA ALA D 316 -0.33 15.94 6.39
C ALA D 316 -1.02 14.60 6.15
N GLU D 317 -1.61 14.37 4.97
CA GLU D 317 -2.31 13.12 4.71
C GLU D 317 -1.35 11.94 4.94
N ALA D 318 -0.11 12.18 4.56
CA ALA D 318 0.92 11.16 4.69
C ALA D 318 1.12 10.77 6.14
N LEU D 319 1.35 11.76 7.01
CA LEU D 319 1.64 11.35 8.39
C LEU D 319 0.41 10.68 8.99
N LEU D 320 -0.78 10.96 8.45
CA LEU D 320 -2.00 10.37 8.99
C LEU D 320 -2.18 8.91 8.58
N ASN D 321 -1.96 8.60 7.30
CA ASN D 321 -2.06 7.19 6.93
C ASN D 321 -0.95 6.38 7.60
N ASP D 322 0.13 7.06 7.97
CA ASP D 322 1.23 6.43 8.68
C ASP D 322 0.78 5.99 10.07
N PHE D 323 0.07 6.87 10.76
CA PHE D 323 -0.51 6.61 12.07
C PHE D 323 -1.47 5.44 12.02
N VAL D 324 -2.41 5.50 11.06
CA VAL D 324 -3.38 4.42 10.93
C VAL D 324 -2.68 3.16 10.44
N ALA D 325 -1.48 3.33 9.88
CA ALA D 325 -0.61 2.22 9.51
C ALA D 325 0.15 1.68 10.72
N ALA D 326 0.30 2.44 11.80
CA ALA D 326 0.87 1.86 13.01
C ALA D 326 -0.20 1.16 13.85
N VAL D 327 -1.43 1.66 13.83
CA VAL D 327 -2.45 1.07 14.71
C VAL D 327 -2.80 -0.35 14.26
N ASN D 328 -2.92 -0.56 12.96
CA ASN D 328 -3.39 -1.85 12.44
C ASN D 328 -2.25 -2.78 12.06
N GLU D 329 -1.08 -2.61 12.67
CA GLU D 329 0.08 -3.40 12.30
C GLU D 329 -0.15 -4.90 12.37
N GLY D 330 -0.51 -5.47 13.52
CA GLY D 330 -0.58 -6.91 13.68
C GLY D 330 -1.81 -7.59 13.16
N THR D 331 -2.72 -6.83 12.56
CA THR D 331 -3.99 -7.38 12.12
C THR D 331 -3.89 -8.20 10.83
N GLY D 332 -4.91 -9.03 10.64
CA GLY D 332 -5.11 -9.65 9.35
C GLY D 332 -6.28 -8.92 8.69
N VAL D 333 -6.86 -7.99 9.47
CA VAL D 333 -8.05 -7.30 8.97
C VAL D 333 -7.75 -5.88 8.55
N GLU D 334 -8.39 -5.51 7.44
CA GLU D 334 -8.12 -4.19 6.87
C GLU D 334 -9.28 -3.24 7.18
N PRO D 335 -8.98 -2.22 7.97
CA PRO D 335 -10.02 -1.29 8.41
C PRO D 335 -10.59 -0.52 7.22
N ALA D 336 -11.82 -0.05 7.43
CA ALA D 336 -12.50 0.83 6.50
C ALA D 336 -12.17 2.29 6.84
N VAL D 337 -11.92 3.10 5.81
CA VAL D 337 -11.50 4.47 6.08
C VAL D 337 -12.25 5.48 5.21
N GLN D 338 -12.72 6.56 5.83
CA GLN D 338 -13.28 7.66 5.04
C GLN D 338 -12.53 8.93 5.41
N ARG D 339 -12.05 9.67 4.40
CA ARG D 339 -11.27 10.87 4.69
C ARG D 339 -12.00 12.11 4.19
N SER D 340 -11.73 13.25 4.84
CA SER D 340 -12.28 14.52 4.41
C SER D 340 -11.38 15.69 4.80
N THR D 341 -11.39 16.71 3.95
CA THR D 341 -10.73 17.98 4.21
C THR D 341 -11.74 19.11 4.13
N GLU D 342 -11.92 19.88 5.21
CA GLU D 342 -12.95 20.92 5.29
C GLU D 342 -12.40 22.23 5.83
N PRO D 343 -13.10 23.35 5.63
CA PRO D 343 -12.66 24.62 6.23
C PRO D 343 -12.68 24.43 7.75
N TRP D 344 -11.77 25.04 8.48
CA TRP D 344 -11.61 24.74 9.90
C TRP D 344 -12.82 25.05 10.77
N LEU D 345 -13.33 26.29 10.76
CA LEU D 345 -14.50 26.55 11.57
C LEU D 345 -15.69 25.65 11.21
N ARG D 346 -15.89 25.38 9.91
CA ARG D 346 -16.98 24.51 9.50
C ARG D 346 -16.89 23.13 10.16
N ALA D 347 -15.72 22.50 10.08
CA ALA D 347 -15.45 21.24 10.76
C ALA D 347 -15.52 21.39 12.28
N THR D 348 -15.03 22.55 12.75
CA THR D 348 -15.03 22.84 14.18
C THR D 348 -16.42 23.07 14.74
N LEU D 349 -17.40 23.49 13.95
CA LEU D 349 -18.76 23.71 14.44
C LEU D 349 -19.68 22.52 14.22
N ALA D 350 -19.16 21.36 13.87
CA ALA D 350 -20.01 20.17 13.72
C ALA D 350 -20.88 19.90 14.94
N ASN D 351 -22.20 19.78 14.74
CA ASN D 351 -23.05 19.44 15.87
C ASN D 351 -23.11 17.91 16.06
N LYS D 352 -21.93 17.34 16.07
CA LYS D 352 -21.70 15.90 16.18
C LYS D 352 -22.06 15.39 17.57
N PHE D 353 -22.63 16.21 18.44
CA PHE D 353 -22.89 15.63 19.77
C PHE D 353 -24.36 15.69 20.15
N ASP D 354 -25.22 15.20 19.27
CA ASP D 354 -26.64 15.08 19.57
C ASP D 354 -26.92 13.74 20.23
N THR D 355 -27.56 13.78 21.38
CA THR D 355 -27.79 12.62 22.22
C THR D 355 -28.96 11.77 21.72
N GLY D 356 -29.98 12.43 21.16
CA GLY D 356 -31.14 11.72 20.64
C GLY D 356 -31.87 10.88 21.67
N GLY D 357 -32.29 11.49 22.76
CA GLY D 357 -33.13 10.91 23.78
C GLY D 357 -32.39 10.04 24.77
N PHE D 358 -31.12 9.80 24.46
CA PHE D 358 -30.24 9.06 25.36
C PHE D 358 -29.48 10.01 26.26
N ASP D 359 -30.25 10.65 27.13
CA ASP D 359 -29.73 11.69 28.03
C ASP D 359 -29.45 11.21 29.43
N ARG D 360 -29.59 9.90 29.71
CA ARG D 360 -29.08 9.41 30.99
C ARG D 360 -27.65 8.88 30.83
N THR D 361 -26.68 9.45 31.56
CA THR D 361 -25.31 8.97 31.49
C THR D 361 -24.60 8.90 32.84
N LYS D 362 -23.58 8.04 32.88
CA LYS D 362 -22.62 7.92 33.97
C LYS D 362 -21.22 7.85 33.35
N SER D 363 -20.24 8.51 33.94
CA SER D 363 -18.91 8.47 33.33
C SER D 363 -17.81 8.60 34.38
N LYS D 364 -16.64 8.18 33.96
CA LYS D 364 -15.41 8.15 34.70
C LYS D 364 -14.23 7.94 33.75
N GLY D 365 -13.17 8.72 33.95
CA GLY D 365 -11.95 8.63 33.21
C GLY D 365 -10.67 8.50 34.03
N ALA D 366 -9.56 8.83 33.38
CA ALA D 366 -8.22 8.51 33.81
C ALA D 366 -7.15 9.15 32.92
N TYR D 367 -6.00 9.47 33.49
CA TYR D 367 -4.85 9.97 32.73
C TYR D 367 -3.80 8.85 32.68
N LEU D 368 -3.49 8.37 31.48
CA LEU D 368 -2.45 7.36 31.37
C LEU D 368 -1.12 7.99 30.97
N ARG D 369 -0.12 7.68 31.80
CA ARG D 369 1.24 8.09 31.55
C ARG D 369 1.98 7.08 30.67
N LYS D 370 1.46 5.88 30.52
CA LYS D 370 2.01 4.79 29.73
C LYS D 370 0.89 4.04 29.02
N PRO D 371 1.18 3.14 28.08
CA PRO D 371 0.11 2.34 27.47
C PRO D 371 -0.54 1.39 28.48
N TRP D 372 -1.77 0.96 28.21
CA TRP D 372 -2.38 -0.10 29.01
C TRP D 372 -1.50 -1.35 29.01
N THR D 373 -1.51 -2.13 30.09
CA THR D 373 -0.74 -3.36 30.12
C THR D 373 -1.54 -4.53 29.56
N ALA D 374 -0.91 -5.69 29.40
CA ALA D 374 -1.60 -6.88 28.93
C ALA D 374 -2.90 -7.17 29.69
N ALA D 375 -2.79 -7.20 31.01
CA ALA D 375 -3.89 -7.52 31.92
C ALA D 375 -5.00 -6.50 31.82
N GLN D 376 -4.58 -5.23 31.74
CA GLN D 376 -5.61 -4.22 31.54
C GLN D 376 -6.31 -4.45 30.20
N ALA D 377 -5.51 -4.62 29.15
CA ALA D 377 -6.02 -4.70 27.78
C ALA D 377 -6.95 -5.88 27.56
N ALA D 378 -6.71 -6.94 28.31
CA ALA D 378 -7.55 -8.14 28.27
C ALA D 378 -8.90 -7.88 28.91
N THR D 379 -8.90 -7.14 30.01
CA THR D 379 -10.18 -6.80 30.66
C THR D 379 -11.04 -5.94 29.76
N LEU D 380 -10.37 -4.96 29.16
CA LEU D 380 -10.97 -4.10 28.14
C LEU D 380 -11.77 -4.91 27.12
N TYR D 381 -11.09 -5.85 26.46
CA TYR D 381 -11.77 -6.65 25.44
C TYR D 381 -12.98 -7.37 26.03
N ARG D 382 -12.78 -8.03 27.17
CA ARG D 382 -13.79 -8.90 27.73
C ARG D 382 -15.08 -8.14 28.05
N HIS D 383 -14.99 -6.89 28.41
CA HIS D 383 -16.12 -6.08 28.79
C HIS D 383 -16.83 -5.46 27.62
N LEU D 384 -16.08 -5.14 26.56
CA LEU D 384 -16.81 -4.65 25.38
C LEU D 384 -17.34 -5.86 24.62
N SER D 385 -16.57 -6.95 24.68
CA SER D 385 -16.95 -8.13 23.92
C SER D 385 -18.31 -8.67 24.33
N ALA D 386 -18.60 -8.74 25.63
CA ALA D 386 -19.91 -9.24 26.06
C ALA D 386 -21.05 -8.31 25.63
N ASP D 387 -22.16 -8.95 25.25
CA ASP D 387 -23.28 -8.18 24.71
C ASP D 387 -24.24 -7.80 25.82
N SER D 388 -23.72 -7.11 26.84
CA SER D 388 -24.55 -6.68 27.94
C SER D 388 -25.77 -5.87 27.50
N GLN D 389 -26.70 -5.55 28.39
CA GLN D 389 -27.87 -4.77 27.97
C GLN D 389 -27.58 -3.27 28.08
N VAL D 390 -26.29 -2.95 27.96
CA VAL D 390 -25.92 -1.54 28.06
C VAL D 390 -24.97 -1.12 26.94
N TRP D 391 -25.20 0.14 26.56
CA TRP D 391 -24.43 0.93 25.62
C TRP D 391 -23.22 1.54 26.31
N GLY D 392 -22.10 0.81 26.28
CA GLY D 392 -20.93 1.14 27.07
C GLY D 392 -19.68 1.35 26.23
N GLU D 393 -18.92 2.41 26.57
CA GLU D 393 -17.69 2.62 25.82
C GLU D 393 -16.53 3.13 26.66
N VAL D 394 -15.35 2.95 26.07
CA VAL D 394 -14.10 3.51 26.56
C VAL D 394 -13.51 4.33 25.41
N SER D 395 -13.38 5.62 25.69
CA SER D 395 -12.81 6.51 24.67
C SER D 395 -11.37 6.83 25.02
N LEU D 396 -10.46 6.68 24.06
CA LEU D 396 -9.10 7.13 24.32
C LEU D 396 -8.82 8.40 23.49
N TYR D 397 -8.32 9.44 24.14
CA TYR D 397 -7.93 10.68 23.50
C TYR D 397 -6.41 10.86 23.40
N SER D 398 -5.96 11.26 22.21
CA SER D 398 -4.53 11.59 22.05
C SER D 398 -4.20 12.75 22.97
N TYR D 399 -3.04 12.74 23.60
CA TYR D 399 -2.74 13.69 24.66
C TYR D 399 -1.28 14.07 24.75
N GLY D 400 -0.96 14.84 25.80
CA GLY D 400 0.44 15.19 26.03
C GLY D 400 0.81 16.38 25.14
N GLY D 401 1.97 16.33 24.50
CA GLY D 401 2.41 17.39 23.62
C GLY D 401 2.69 18.69 24.34
N LYS D 402 2.23 19.81 23.76
CA LYS D 402 2.46 21.10 24.40
C LYS D 402 1.92 21.20 25.83
N VAL D 403 0.94 20.38 26.20
CA VAL D 403 0.42 20.49 27.57
C VAL D 403 1.53 20.17 28.56
N ASN D 404 2.40 19.22 28.18
CA ASN D 404 3.42 18.73 29.08
C ASN D 404 4.65 19.62 29.10
N SER D 405 4.61 20.80 28.47
CA SER D 405 5.73 21.73 28.50
C SER D 405 5.67 22.67 29.70
N VAL D 406 4.49 22.84 30.28
CA VAL D 406 4.29 23.60 31.50
C VAL D 406 4.52 22.75 32.75
N PRO D 407 5.28 23.23 33.72
CA PRO D 407 5.47 22.48 34.97
C PRO D 407 4.20 22.24 35.78
N GLU D 408 4.09 21.07 36.39
CA GLU D 408 2.98 20.61 37.21
C GLU D 408 2.42 21.67 38.16
N THR D 409 3.28 22.48 38.75
CA THR D 409 2.76 23.38 39.80
C THR D 409 2.54 24.81 39.34
N ALA D 410 2.73 25.10 38.05
CA ALA D 410 2.61 26.44 37.53
C ALA D 410 1.16 26.87 37.33
N THR D 411 0.29 25.88 37.32
CA THR D 411 -1.12 25.92 36.97
C THR D 411 -1.87 24.84 37.75
N ALA D 412 -3.17 25.02 37.96
CA ALA D 412 -4.05 24.15 38.72
C ALA D 412 -4.56 23.00 37.84
N THR D 413 -3.75 22.72 36.82
CA THR D 413 -3.89 21.48 36.05
C THR D 413 -2.61 20.70 36.27
N ALA D 414 -2.63 19.78 37.22
CA ALA D 414 -1.44 19.07 37.68
C ALA D 414 -0.84 18.14 36.62
N GLN D 415 -1.70 17.47 35.87
CA GLN D 415 -1.29 16.44 34.94
C GLN D 415 -0.55 17.04 33.73
N ARG D 416 0.77 17.09 33.83
CA ARG D 416 1.65 17.58 32.79
C ARG D 416 2.70 16.55 32.37
N ASP D 417 2.26 15.34 32.05
CA ASP D 417 3.20 14.28 31.67
C ASP D 417 2.46 13.01 31.27
N SER D 418 1.23 13.10 30.80
CA SER D 418 0.47 11.96 30.30
C SER D 418 0.50 11.89 28.78
N ILE D 419 0.36 10.71 28.20
CA ILE D 419 0.30 10.52 26.76
C ILE D 419 -1.13 10.37 26.23
N ILE D 420 -2.05 9.85 27.00
CA ILE D 420 -3.44 9.62 26.60
C ILE D 420 -4.42 9.91 27.73
N LYS D 421 -5.55 10.52 27.40
CA LYS D 421 -6.67 10.66 28.32
C LYS D 421 -7.76 9.63 28.05
N VAL D 422 -8.42 9.08 29.07
CA VAL D 422 -9.53 8.15 28.83
C VAL D 422 -10.83 8.64 29.46
N TRP D 423 -11.93 8.45 28.75
CA TRP D 423 -13.26 8.73 29.26
C TRP D 423 -14.21 7.55 28.97
N MET D 424 -14.65 6.86 30.02
CA MET D 424 -15.59 5.76 29.87
C MET D 424 -17.02 6.20 30.21
N SER D 425 -17.96 5.69 29.43
CA SER D 425 -19.37 5.95 29.66
C SER D 425 -20.26 4.77 29.28
N ALA D 426 -21.44 4.90 29.84
CA ALA D 426 -22.68 4.20 29.76
C ALA D 426 -23.74 5.29 29.51
N THR D 427 -24.54 5.03 28.50
CA THR D 427 -25.56 5.99 28.09
C THR D 427 -26.86 5.22 27.88
N TRP D 428 -27.97 5.78 28.34
CA TRP D 428 -29.27 5.15 28.20
C TRP D 428 -30.41 6.16 28.22
N MET D 429 -31.63 5.68 28.01
CA MET D 429 -32.75 6.62 27.95
C MET D 429 -33.71 6.48 29.13
N ASP D 430 -33.90 5.26 29.62
CA ASP D 430 -35.04 5.02 30.50
C ASP D 430 -34.59 4.72 31.92
N PRO D 431 -35.09 5.53 32.85
CA PRO D 431 -34.75 5.42 34.27
C PRO D 431 -34.83 3.99 34.78
N ALA D 432 -35.76 3.17 34.29
CA ALA D 432 -35.93 1.82 34.82
C ALA D 432 -34.65 1.00 34.74
N HIS D 433 -33.76 1.36 33.84
CA HIS D 433 -32.47 0.72 33.63
C HIS D 433 -31.29 1.44 34.26
N ASP D 434 -31.51 2.23 35.31
CA ASP D 434 -30.37 2.96 35.90
C ASP D 434 -29.39 2.04 36.60
N ASP D 435 -29.91 1.13 37.43
CA ASP D 435 -29.06 0.18 38.14
C ASP D 435 -28.21 -0.68 37.23
N ALA D 436 -28.76 -1.20 36.14
CA ALA D 436 -27.97 -2.11 35.31
C ALA D 436 -26.75 -1.38 34.76
N ASN D 437 -26.99 -0.27 34.08
CA ASN D 437 -25.89 0.47 33.48
C ASN D 437 -24.87 0.93 34.52
N LEU D 438 -25.34 1.52 35.61
CA LEU D 438 -24.43 1.99 36.65
C LEU D 438 -23.49 0.89 37.08
N ALA D 439 -24.05 -0.29 37.31
CA ALA D 439 -23.25 -1.48 37.56
C ALA D 439 -22.15 -1.63 36.52
N TRP D 440 -22.51 -1.53 35.25
CA TRP D 440 -21.61 -1.78 34.13
C TRP D 440 -20.35 -0.96 34.18
N ILE D 441 -20.49 0.37 34.14
CA ILE D 441 -19.31 1.22 33.99
C ILE D 441 -18.50 1.27 35.27
N ARG D 442 -19.14 1.24 36.43
CA ARG D 442 -18.36 1.06 37.66
C ARG D 442 -17.53 -0.21 37.56
N GLU D 443 -18.13 -1.25 36.97
CA GLU D 443 -17.49 -2.56 36.90
C GLU D 443 -16.26 -2.61 36.02
N ILE D 444 -16.27 -2.06 34.82
CA ILE D 444 -15.09 -2.05 33.96
C ILE D 444 -13.93 -1.29 34.58
N TYR D 445 -14.30 -0.17 35.21
CA TYR D 445 -13.34 0.84 35.65
C TYR D 445 -12.35 0.29 36.67
N ARG D 446 -12.91 -0.10 37.81
CA ARG D 446 -12.18 -0.71 38.92
C ARG D 446 -11.49 -2.00 38.49
N GLU D 447 -12.07 -2.69 37.51
CA GLU D 447 -11.38 -3.89 37.02
C GLU D 447 -10.16 -3.50 36.20
N ILE D 448 -10.23 -2.45 35.36
CA ILE D 448 -8.92 -2.18 34.72
C ILE D 448 -8.03 -1.39 35.69
N PHE D 449 -8.58 -0.90 36.80
CA PHE D 449 -7.79 -0.24 37.83
C PHE D 449 -7.68 -1.02 39.12
N ALA D 450 -7.98 -2.32 39.13
CA ALA D 450 -7.85 -3.09 40.37
C ALA D 450 -6.36 -3.19 40.71
N THR D 451 -6.02 -3.46 41.96
CA THR D 451 -4.60 -3.65 42.30
C THR D 451 -3.85 -2.32 42.27
N THR D 452 -4.62 -1.26 42.22
CA THR D 452 -4.40 0.14 42.45
C THR D 452 -5.72 0.67 43.02
N GLY D 453 -6.45 -0.28 43.61
CA GLY D 453 -7.69 -0.08 44.33
C GLY D 453 -8.92 0.18 43.50
N GLY D 454 -8.86 0.17 42.18
CA GLY D 454 -10.07 0.39 41.40
C GLY D 454 -10.13 1.80 40.84
N VAL D 455 -9.02 2.50 40.91
CA VAL D 455 -8.91 3.90 40.53
C VAL D 455 -7.53 4.23 39.98
N PRO D 456 -7.41 5.25 39.13
CA PRO D 456 -6.11 5.60 38.56
C PRO D 456 -5.16 6.31 39.50
N VAL D 457 -4.53 5.63 40.46
CA VAL D 457 -3.68 6.34 41.42
C VAL D 457 -2.41 6.91 40.80
N PRO D 458 -2.05 8.15 41.18
CA PRO D 458 -0.80 8.75 40.69
C PRO D 458 0.39 7.82 40.86
N ASP D 459 0.94 7.40 39.73
CA ASP D 459 1.85 6.31 39.50
C ASP D 459 2.90 6.64 38.43
N ASP D 460 3.64 5.62 38.00
CA ASP D 460 4.55 5.75 36.87
C ASP D 460 3.81 5.51 35.56
N ARG D 461 2.58 5.04 35.67
CA ARG D 461 1.71 4.61 34.60
C ARG D 461 0.41 5.41 34.55
N THR D 462 -0.07 5.98 35.67
CA THR D 462 -1.24 6.85 35.61
C THR D 462 -0.99 8.18 36.35
N GLU D 463 -1.89 9.12 36.08
CA GLU D 463 -1.77 10.51 36.51
C GLU D 463 -3.11 10.99 37.02
N GLY D 464 -3.77 10.13 37.82
CA GLY D 464 -5.09 10.43 38.38
C GLY D 464 -6.15 10.59 37.31
N THR D 465 -7.00 11.60 37.42
CA THR D 465 -8.07 11.88 36.47
C THR D 465 -8.38 13.39 36.47
N PHE D 466 -9.34 13.82 35.72
CA PHE D 466 -9.70 15.15 35.23
C PHE D 466 -10.94 15.71 35.90
N ILE D 467 -10.87 16.89 36.52
CA ILE D 467 -12.03 17.38 37.26
C ILE D 467 -13.18 17.78 36.36
N ASN D 468 -12.97 17.98 35.05
CA ASN D 468 -14.07 18.20 34.14
C ASN D 468 -14.81 16.90 33.83
N TYR D 469 -14.39 15.80 34.43
CA TYR D 469 -15.14 14.54 34.38
C TYR D 469 -15.39 14.07 35.82
N PRO D 470 -16.29 14.71 36.55
CA PRO D 470 -16.53 14.38 37.95
C PRO D 470 -17.06 12.95 38.09
N ASP D 471 -16.76 12.35 39.22
CA ASP D 471 -17.09 11.01 39.63
C ASP D 471 -17.25 10.93 41.15
N VAL D 472 -18.51 10.92 41.57
CA VAL D 472 -18.84 10.81 43.00
C VAL D 472 -18.50 9.43 43.53
N ASP D 473 -18.23 8.45 42.65
CA ASP D 473 -17.85 7.13 43.18
C ASP D 473 -16.51 7.16 43.87
N LEU D 474 -15.71 8.20 43.60
CA LEU D 474 -14.33 8.15 44.08
C LEU D 474 -14.25 8.44 45.57
N VAL D 475 -15.39 8.85 46.09
CA VAL D 475 -15.59 9.20 47.49
C VAL D 475 -16.38 8.10 48.20
N ASP D 476 -16.67 7.02 47.48
CA ASP D 476 -17.35 5.90 48.10
C ASP D 476 -16.38 4.73 48.32
N GLU D 477 -16.22 4.38 49.59
CA GLU D 477 -15.29 3.31 49.96
C GLU D 477 -15.76 1.96 49.43
N ARG D 478 -17.09 1.80 49.38
CA ARG D 478 -17.68 0.53 48.99
C ARG D 478 -17.69 0.38 47.47
N TRP D 479 -16.54 0.62 46.87
CA TRP D 479 -16.25 0.62 45.46
C TRP D 479 -14.75 0.51 45.20
N ASN D 480 -14.18 1.69 44.96
CA ASN D 480 -12.75 1.78 44.64
C ASN D 480 -12.05 2.67 45.66
N THR D 481 -11.07 3.46 45.24
CA THR D 481 -10.40 4.40 46.15
C THR D 481 -9.90 3.72 47.42
N SER D 482 -8.75 3.05 47.31
CA SER D 482 -8.21 2.39 48.50
C SER D 482 -6.93 3.12 48.91
N GLY D 483 -7.03 3.93 49.96
CA GLY D 483 -5.94 4.70 50.50
C GLY D 483 -5.91 6.14 50.04
N VAL D 484 -6.14 6.41 48.76
CA VAL D 484 -5.90 7.74 48.21
C VAL D 484 -7.17 8.53 48.05
N PRO D 485 -7.23 9.75 48.60
CA PRO D 485 -8.39 10.62 48.52
C PRO D 485 -8.72 11.06 47.10
N TRP D 486 -9.96 11.53 46.94
CA TRP D 486 -10.46 11.96 45.64
C TRP D 486 -9.67 13.15 45.11
N TYR D 487 -9.26 14.03 46.02
CA TYR D 487 -8.55 15.25 45.60
C TYR D 487 -7.15 14.94 45.10
N THR D 488 -6.64 13.77 45.49
CA THR D 488 -5.32 13.35 45.02
C THR D 488 -5.41 12.85 43.60
N LEU D 489 -6.50 12.11 43.33
CA LEU D 489 -6.74 11.64 41.97
C LEU D 489 -6.86 12.84 41.03
N TYR D 490 -7.50 13.89 41.55
CA TYR D 490 -7.84 15.02 40.68
C TYR D 490 -6.75 16.07 40.61
N TYR D 491 -6.11 16.45 41.72
CA TYR D 491 -5.18 17.56 41.63
C TYR D 491 -3.73 17.20 41.88
N LYS D 492 -3.41 15.93 42.11
CA LYS D 492 -2.03 15.55 42.45
C LYS D 492 -1.59 16.33 43.68
N GLY D 493 -0.49 17.09 43.66
CA GLY D 493 -0.13 17.74 44.93
C GLY D 493 -0.58 19.17 45.05
N ASN D 494 -1.51 19.62 44.21
CA ASN D 494 -1.93 21.03 44.20
C ASN D 494 -3.08 21.32 45.14
N TYR D 495 -3.61 20.31 45.81
CA TYR D 495 -4.76 20.49 46.69
C TYR D 495 -4.51 21.39 47.91
N PRO D 496 -3.41 21.27 48.62
CA PRO D 496 -3.16 22.21 49.74
C PRO D 496 -3.26 23.67 49.30
N ARG D 497 -2.65 23.99 48.17
CA ARG D 497 -2.70 25.34 47.64
C ARG D 497 -4.09 25.78 47.25
N LEU D 498 -4.93 24.80 46.86
CA LEU D 498 -6.29 25.17 46.44
C LEU D 498 -7.13 25.55 47.64
N GLN D 499 -7.02 24.73 48.69
CA GLN D 499 -7.75 24.94 49.93
C GLN D 499 -7.49 26.34 50.49
N LYS D 500 -6.21 26.72 50.43
CA LYS D 500 -5.80 28.02 50.91
C LYS D 500 -6.47 29.14 50.12
N VAL D 501 -6.61 28.92 48.81
CA VAL D 501 -7.35 29.84 47.95
C VAL D 501 -8.80 29.87 48.38
N LYS D 502 -9.36 28.66 48.57
CA LYS D 502 -10.75 28.59 49.04
C LYS D 502 -10.91 29.23 50.41
N ALA D 503 -9.87 29.21 51.25
CA ALA D 503 -10.01 29.81 52.58
C ALA D 503 -10.10 31.34 52.53
N ARG D 504 -9.26 31.92 51.73
CA ARG D 504 -9.05 33.36 51.62
C ARG D 504 -10.25 34.04 50.96
N TRP D 505 -10.75 33.47 49.90
CA TRP D 505 -11.78 34.10 49.07
C TRP D 505 -13.15 33.51 49.25
N ASP D 506 -13.33 32.37 49.92
CA ASP D 506 -14.68 31.87 50.25
C ASP D 506 -14.79 31.46 51.72
N PRO D 507 -14.58 32.40 52.64
CA PRO D 507 -14.61 32.10 54.08
C PRO D 507 -15.94 31.54 54.58
N ARG D 508 -17.07 31.94 54.03
CA ARG D 508 -18.38 31.43 54.46
C ARG D 508 -18.75 30.16 53.67
N ASP D 509 -17.82 29.64 52.89
CA ASP D 509 -18.06 28.43 52.11
C ASP D 509 -19.37 28.51 51.36
N VAL D 510 -19.62 29.64 50.70
CA VAL D 510 -20.85 29.89 49.98
C VAL D 510 -21.01 28.96 48.76
N PHE D 511 -19.88 28.73 48.10
CA PHE D 511 -19.85 27.94 46.87
C PHE D 511 -19.44 26.50 47.14
N ARG D 512 -20.47 25.61 47.08
CA ARG D 512 -20.18 24.24 47.48
C ARG D 512 -20.93 23.24 46.61
N HIS D 513 -20.35 22.02 46.62
CA HIS D 513 -20.25 20.90 45.76
C HIS D 513 -19.95 19.53 46.36
N ALA D 514 -20.56 18.45 45.84
CA ALA D 514 -20.10 17.15 46.35
C ALA D 514 -18.62 16.91 46.12
N LEU D 515 -18.03 17.48 45.07
CA LEU D 515 -16.57 17.28 44.99
C LEU D 515 -15.86 18.63 45.22
N SER D 516 -16.33 19.39 46.19
CA SER D 516 -15.87 20.73 46.49
C SER D 516 -14.56 20.79 47.25
N VAL D 517 -13.62 21.63 46.80
CA VAL D 517 -12.40 21.86 47.57
C VAL D 517 -12.82 22.33 48.98
N ARG D 518 -12.13 21.83 50.01
CA ARG D 518 -12.47 22.18 51.38
C ARG D 518 -11.35 22.99 52.03
N PRO D 519 -11.72 23.95 52.88
CA PRO D 519 -10.73 24.73 53.60
C PRO D 519 -9.84 23.87 54.49
N PRO D 520 -8.73 24.39 54.98
CA PRO D 520 -7.80 23.56 55.76
C PRO D 520 -8.30 23.36 57.19
O15 AKY E . 43.83 -18.22 -13.68
C42 AKY E . 42.68 -18.13 -13.23
C40 AKY E . 42.13 -19.34 -12.42
C38 AKY E . 40.80 -19.14 -11.81
C39 AKY E . 41.86 -16.78 -13.14
C41 AKY E . 42.18 -15.49 -12.90
O14 AKY E . 40.48 -16.92 -12.92
C37 AKY E . 40.20 -17.78 -11.81
O13 AKY E . 38.84 -17.89 -11.54
C35 AKY E . 38.30 -16.91 -10.71
C34 AKY E . 37.99 -17.42 -9.30
C36 AKY E . 38.88 -18.45 -8.89
O11 AKY E . 36.54 -17.87 -9.08
C33 AKY E . 37.12 -16.20 -11.35
O12 AKY E . 37.34 -15.59 -12.74
C32 AKY E . 35.89 -16.84 -11.18
C31 AKY E . 35.56 -16.97 -9.81
O7 AKY E . 32.78 -15.21 -4.21
C7 AKY E . 31.35 -15.13 -4.22
C8 AKY E . 30.79 -16.50 -4.21
C9 AKY E . 30.78 -17.06 -2.81
O9 AKY E . 32.07 -16.87 -2.31
C13 AKY E . 30.33 -18.47 -2.86
C14 AKY E . 31.38 -19.17 -3.72
C20 AKY E . 30.99 -14.37 -2.98
C19 AKY E . 30.31 -14.91 -1.90
C10 AKY E . 29.76 -16.31 -2.03
C11 AKY E . 29.95 -14.11 -0.81
C18 AKY E . 30.25 -12.74 -0.81
C17 AKY E . 30.93 -12.19 -1.89
C6 AKY E . 31.29 -13.01 -2.96
O6 AKY E . 31.94 -12.50 -4.02
C12 AKY E . 29.83 -11.94 0.28
O3 AKY E . 29.23 -12.43 1.26
C15 AKY E . 30.08 -10.55 0.24
C1 AKY E . 29.60 -9.75 1.27
C2 AKY E . 29.78 -8.36 1.26
C3 AKY E . 30.47 -7.79 0.18
C16 AKY E . 30.76 -9.98 -0.86
C5 AKY E . 31.19 -10.79 -1.93
O5 AKY E . 31.75 -10.38 -2.97
C4 AKY E . 30.95 -8.58 -0.86
O4 AKY E . 31.58 -7.96 -1.88
O18 AKY E . 35.41 -15.74 -9.10
C45 AKY E . 33.34 -14.80 -5.47
C43 AKY E . 28.45 -16.20 -2.82
O16 AKY E . 28.29 -15.34 -3.69
O17 AKY E . 27.41 -17.03 -2.55
C44 AKY E . 26.29 -16.21 -2.14
O19 AKY E . 32.77 -15.46 -6.57
C47 AKY E . 35.47 -14.92 -6.82
N11 AKY E . 36.11 -13.68 -7.30
C52 AKY E . 37.52 -13.52 -7.20
C51 AKY E . 35.52 -13.02 -8.42
C46 AKY E . 34.84 -15.03 -5.43
C48 AKY E . 34.83 -15.90 -7.79
C49 AKY E . 33.33 -15.63 -7.89
C50 AKY E . 32.75 -14.88 -9.09
PA FAD F . 35.94 -12.76 -24.55
O1A FAD F . 35.56 -11.62 -23.81
O2A FAD F . 34.94 -13.10 -25.57
O5B FAD F . 37.35 -12.57 -25.20
C5B FAD F . 38.44 -12.10 -24.50
C4B FAD F . 39.43 -11.43 -25.45
O4B FAD F . 39.60 -12.24 -26.58
C3B FAD F . 38.86 -10.11 -26.00
O3B FAD F . 39.89 -9.24 -26.35
C2B FAD F . 38.15 -10.54 -27.27
O2B FAD F . 37.96 -9.54 -28.23
C1B FAD F . 39.08 -11.65 -27.72
N9A FAD F . 38.44 -12.62 -28.63
C8A FAD F . 37.31 -13.30 -28.43
N7A FAD F . 37.06 -14.10 -29.47
C5A FAD F . 38.04 -13.90 -30.35
C6A FAD F . 38.30 -14.46 -31.59
N6A FAD F . 37.53 -15.38 -32.04
N1A FAD F . 39.38 -14.09 -32.26
C2A FAD F . 40.20 -13.21 -31.71
N3A FAD F . 39.99 -12.68 -30.52
C4A FAD F . 38.92 -13.00 -29.85
N1 FAD F . 42.58 -18.10 -17.91
C2 FAD F . 43.58 -19.04 -17.80
O2 FAD F . 44.57 -19.00 -18.39
N3 FAD F . 43.39 -20.08 -16.94
C4 FAD F . 42.22 -20.21 -16.19
O4 FAD F . 42.07 -21.18 -15.52
C4X FAD F . 41.21 -19.26 -16.33
N5 FAD F . 40.06 -19.32 -15.60
C5X FAD F . 39.05 -18.43 -15.79
C6 FAD F . 37.84 -18.56 -15.10
C7 FAD F . 36.87 -17.63 -15.25
C7M FAD F . 35.56 -17.91 -14.57
C8 FAD F . 37.02 -16.59 -16.18
C8M FAD F . 35.81 -15.77 -16.57
C9 FAD F . 38.21 -16.50 -16.85
C9A FAD F . 39.25 -17.37 -16.66
N10 FAD F . 40.45 -17.23 -17.34
C10 FAD F . 41.40 -18.20 -17.21
C1' FAD F . 40.93 -15.90 -17.82
C2' FAD F . 40.52 -15.52 -19.24
O2' FAD F . 39.53 -14.55 -19.40
C3' FAD F . 40.20 -16.68 -20.13
O3' FAD F . 41.24 -17.61 -20.19
C4' FAD F . 39.75 -16.02 -21.47
O4' FAD F . 40.21 -14.75 -21.68
C5' FAD F . 38.28 -15.95 -21.82
O5' FAD F . 38.11 -15.57 -23.13
P FAD F . 36.63 -15.41 -23.63
O1P FAD F . 36.50 -15.86 -24.97
O2P FAD F . 35.81 -16.09 -22.73
O3P FAD F . 36.22 -13.90 -23.47
PA FAD G . 17.43 -39.12 -18.86
O1A FAD G . 17.63 -39.86 -17.67
O2A FAD G . 18.63 -38.94 -19.57
O5B FAD G . 16.36 -39.97 -19.70
C5B FAD G . 15.03 -39.84 -19.47
C4B FAD G . 14.16 -41.05 -19.69
O4B FAD G . 13.76 -41.13 -21.02
C3B FAD G . 14.88 -42.32 -19.44
O3B FAD G . 13.87 -43.30 -19.47
C2B FAD G . 15.64 -42.54 -20.75
O2B FAD G . 15.99 -43.87 -21.01
C1B FAD G . 14.58 -42.03 -21.70
N9A FAD G . 15.28 -41.47 -22.87
C8A FAD G . 16.39 -40.71 -22.85
N7A FAD G . 16.72 -40.39 -24.11
C5A FAD G . 15.83 -40.95 -24.92
C6A FAD G . 15.70 -40.95 -26.29
N6A FAD G . 16.56 -40.28 -26.94
N1A FAD G . 14.72 -41.64 -26.84
C2A FAD G . 13.84 -42.28 -26.08
N3A FAD G . 13.97 -42.27 -24.73
C4A FAD G . 14.94 -41.63 -24.15
N1 FAD G . 10.55 -31.75 -15.92
C2 FAD G . 9.55 -30.93 -16.30
O2 FAD G . 8.61 -31.36 -16.85
N3 FAD G . 9.63 -29.60 -16.07
C4 FAD G . 10.71 -29.05 -15.42
O4 FAD G . 10.79 -27.87 -15.22
C4X FAD G . 11.76 -29.91 -15.02
N5 FAD G . 12.87 -29.47 -14.35
C5X FAD G . 13.86 -30.33 -14.02
C6 FAD G . 14.99 -29.85 -13.41
C7 FAD G . 16.03 -30.63 -13.00
C7M FAD G . 17.28 -30.03 -12.43
C8 FAD G . 15.96 -31.99 -13.24
C8M FAD G . 17.14 -32.89 -13.01
C9 FAD G . 14.82 -32.48 -13.87
C9A FAD G . 13.77 -31.70 -14.26
N10 FAD G . 12.64 -32.16 -14.88
C10 FAD G . 11.65 -31.27 -15.26
C1' FAD G . 12.32 -33.62 -14.91
C2' FAD G . 13.17 -34.37 -15.91
O2' FAD G . 12.77 -35.67 -16.09
C3' FAD G . 13.12 -33.72 -17.27
O3' FAD G . 11.85 -33.21 -17.46
C4' FAD G . 13.46 -34.80 -18.27
O4' FAD G . 12.36 -35.58 -18.44
C5' FAD G . 14.71 -35.66 -18.12
O5' FAD G . 15.23 -36.01 -19.35
P FAD G . 16.73 -36.51 -19.46
O1P FAD G . 17.05 -36.78 -20.75
O2P FAD G . 17.51 -35.44 -18.85
O3P FAD G . 16.71 -37.78 -18.57
PA FAD H . -29.62 34.32 3.88
O1A FAD H . -29.01 33.38 3.02
O2A FAD H . -28.67 34.95 4.69
O5B FAD H . -30.36 35.35 2.87
C5B FAD H . -31.68 35.26 2.50
C4B FAD H . -32.00 36.40 1.55
O4B FAD H . -32.14 37.63 2.18
C3B FAD H . -30.85 36.58 0.60
O3B FAD H . -31.41 37.16 -0.53
C2B FAD H . -29.97 37.59 1.32
O2B FAD H . -29.13 38.36 0.54
C1B FAD H . -31.00 38.42 2.09
N9A FAD H . -30.49 39.05 3.35
C8A FAD H . -29.84 38.51 4.36
N7A FAD H . -29.61 39.43 5.28
C5A FAD H . -30.16 40.59 4.91
C6A FAD H . -30.25 41.87 5.44
N6A FAD H . -29.79 42.20 6.61
N1A FAD H . -30.84 42.78 4.69
C2A FAD H . -31.37 42.51 3.48
N3A FAD H . -31.29 41.30 2.98
C4A FAD H . -30.69 40.34 3.65
N1 FAD H . -38.75 29.88 5.73
C2 FAD H . -39.95 30.13 6.36
O2 FAD H . -40.68 30.97 5.95
N3 FAD H . -40.33 29.45 7.47
C4 FAD H . -39.54 28.47 7.97
O4 FAD H . -39.79 27.96 9.02
C4X FAD H . -38.34 28.20 7.36
N5 FAD H . -37.55 27.21 7.87
C5X FAD H . -36.34 26.93 7.35
C6 FAD H . -35.53 25.97 7.90
C7 FAD H . -34.32 25.69 7.39
C7M FAD H . -33.33 24.90 8.14
C8 FAD H . -33.89 26.40 6.29
C8M FAD H . -32.42 26.40 5.97
C9 FAD H . -34.71 27.34 5.72
C9A FAD H . -35.95 27.63 6.23
N10 FAD H . -36.75 28.63 5.68
C10 FAD H . -37.93 28.91 6.26
C1' FAD H . -36.44 29.17 4.31
C2' FAD H . -35.58 30.45 4.16
O2' FAD H . -34.27 30.31 3.71
C3' FAD H . -35.74 31.51 5.21
O3' FAD H . -37.00 31.78 5.64
C4' FAD H . -34.83 32.75 5.05
O4' FAD H . -34.74 33.19 3.73
C5' FAD H . -33.42 32.61 5.62
O5' FAD H . -32.84 33.80 6.03
P FAD H . -31.32 33.70 6.19
O1P FAD H . -30.88 34.88 6.76
O2P FAD H . -31.06 32.52 6.98
O3P FAD H . -30.77 33.57 4.66
PA FAD I . -22.17 23.73 33.80
O1A FAD I . -22.92 22.58 34.09
O2A FAD I . -22.93 24.94 33.98
O5B FAD I . -21.03 23.92 34.81
C5B FAD I . -20.06 22.89 35.35
C4B FAD I . -19.45 23.30 36.73
O4B FAD I . -18.95 24.58 36.76
C3B FAD I . -20.53 23.29 37.79
O3B FAD I . -19.89 23.11 38.99
C2B FAD I . -21.11 24.69 37.77
O2B FAD I . -21.64 25.07 38.98
C1B FAD I . -19.83 25.38 37.46
N9A FAD I . -19.96 26.72 36.85
C8A FAD I . -20.74 27.05 35.81
N7A FAD I . -20.64 28.30 35.51
C5A FAD I . -19.76 28.83 36.36
C6A FAD I . -19.24 30.12 36.53
N6A FAD I . -19.66 31.08 35.81
N1A FAD I . -18.31 30.38 37.48
C2A FAD I . -17.91 29.38 38.31
N3A FAD I . -18.42 28.17 38.19
C4A FAD I . -19.33 27.86 37.25
N1 FAD I . -14.34 18.74 28.43
C2 FAD I . -13.10 18.96 27.96
O2 FAD I . -12.24 19.32 28.65
N3 FAD I . -12.92 18.82 26.60
C4 FAD I . -13.98 18.43 25.82
O4 FAD I . -13.89 18.41 24.61
C4X FAD I . -15.25 18.25 26.32
N5 FAD I . -16.31 17.88 25.53
C5X FAD I . -17.53 17.74 26.08
C6 FAD I . -18.60 17.45 25.28
C7 FAD I . -19.85 17.32 25.78
C7M FAD I . -21.06 17.35 24.88
C8 FAD I . -20.04 17.47 27.13
C8M FAD I . -21.44 17.53 27.68
C9 FAD I . -18.98 17.74 27.92
C9A FAD I . -17.72 17.89 27.42
N10 FAD I . -16.68 18.23 28.23
C10 FAD I . -15.41 18.38 27.68
C1' FAD I . -16.85 17.91 29.67
C2' FAD I . -16.47 18.99 30.60
O2' FAD I . -16.90 18.69 31.86
C3' FAD I . -16.95 20.37 30.27
O3' FAD I . -15.86 21.22 30.37
C4' FAD I . -18.17 20.74 31.14
O4' FAD I . -18.96 19.63 31.33
C5' FAD I . -18.99 21.94 30.60
O5' FAD I . -19.31 23.03 31.41
P FAD I . -20.63 23.92 31.28
O1P FAD I . -20.24 25.23 31.50
O2P FAD I . -21.29 23.81 29.96
O3P FAD I . -21.72 23.47 32.30
#